data_6Z85
#
_entry.id   6Z85
#
_cell.length_a   1.00
_cell.length_b   1.00
_cell.length_c   1.00
_cell.angle_alpha   90.00
_cell.angle_beta   90.00
_cell.angle_gamma   90.00
#
_symmetry.space_group_name_H-M   'P 1'
#
loop_
_entity.id
_entity.type
_entity.pdbx_description
1 polymer 'GTP cyclohydrolase 1'
2 polymer 'GTP cyclohydrolase 1 feedback regulatory protein'
3 non-polymer 'ZINC ION'
4 non-polymer 7,8-DIHYDROBIOPTERIN
#
loop_
_entity_poly.entity_id
_entity_poly.type
_entity_poly.pdbx_seq_one_letter_code
_entity_poly.pdbx_strand_id
1 'polypeptide(L)'
;MHHHHHHGSDDDDKRPEAKSAQPADGWKGERPRSEEDNELNLPNLAAAYSSILSSLGENPQRQGLLKTPWRAASAMQFFT
KGYQETISDVLNDAIFDEDHDEMVIVKDIDMFSMCEHHLVPFVGKVHIGYLPNKQVLGLSKLARIVEIYSRRLQVQERLT
KQIAVAITEALRPAGVGVVVEATHMCMVMRGVQKMNSKTVTSTMLGVFREDPKTREEFLTLIRS
;
A,C,D,B,E,G,H,I,J,F
2 'polypeptide(L)'
;GSHMPYLLISTQIRMEVGPTMVGDEQSDPELMQHLGASKRRALGNNFYEYYVDDPPRIVLDKLERRGFRVLSMTGVGQTL
VWCLHKE
;
K,L,M,N,O,P,Q,R,S,T
#
loop_
_chem_comp.id
_chem_comp.type
_chem_comp.name
_chem_comp.formula
HBI non-polymer 7,8-DIHYDROBIOPTERIN 'C9 H13 N5 O3'
ZN non-polymer 'ZINC ION' 'Zn 2'
#
# COMPACT_ATOMS: atom_id res chain seq x y z
N ASN A 41 -25.10 41.91 -9.10
CA ASN A 41 -25.54 40.61 -9.55
C ASN A 41 -25.61 39.62 -8.40
N LEU A 42 -25.05 40.00 -7.25
CA LEU A 42 -25.17 39.18 -6.05
C LEU A 42 -26.60 39.16 -5.48
N PRO A 43 -27.39 40.24 -5.48
CA PRO A 43 -28.83 40.04 -5.19
C PRO A 43 -29.58 39.34 -6.30
N ASN A 44 -29.09 39.38 -7.54
CA ASN A 44 -29.77 38.68 -8.62
C ASN A 44 -29.56 37.18 -8.54
N LEU A 45 -28.41 36.74 -8.03
CA LEU A 45 -28.21 35.31 -7.76
C LEU A 45 -29.00 34.86 -6.56
N ALA A 46 -29.03 35.67 -5.50
CA ALA A 46 -29.64 35.26 -4.24
C ALA A 46 -31.16 35.14 -4.36
N ALA A 47 -31.76 35.95 -5.25
CA ALA A 47 -33.18 35.78 -5.54
C ALA A 47 -33.42 34.53 -6.38
N ALA A 48 -32.41 34.10 -7.15
CA ALA A 48 -32.56 32.92 -7.98
C ALA A 48 -32.36 31.64 -7.18
N TYR A 49 -31.59 31.72 -6.08
CA TYR A 49 -31.48 30.55 -5.21
C TYR A 49 -32.65 30.44 -4.25
N SER A 50 -33.31 31.54 -3.92
CA SER A 50 -34.48 31.48 -3.06
C SER A 50 -35.67 30.88 -3.80
N SER A 51 -35.69 31.02 -5.12
CA SER A 51 -36.72 30.39 -5.93
C SER A 51 -36.42 28.91 -6.17
N ILE A 52 -35.16 28.52 -6.02
CA ILE A 52 -34.80 27.10 -6.06
C ILE A 52 -35.28 26.40 -4.80
N LEU A 53 -35.08 27.05 -3.64
CA LEU A 53 -35.45 26.45 -2.35
C LEU A 53 -36.97 26.28 -2.23
N SER A 54 -37.74 27.15 -2.87
CA SER A 54 -39.19 27.03 -2.85
C SER A 54 -39.67 25.97 -3.82
N SER A 55 -38.97 25.78 -4.94
CA SER A 55 -39.43 24.87 -5.98
C SER A 55 -39.16 23.42 -5.61
N LEU A 56 -38.25 23.18 -4.66
CA LEU A 56 -37.93 21.82 -4.27
C LEU A 56 -38.88 21.25 -3.22
N GLY A 57 -39.93 21.97 -2.84
CA GLY A 57 -40.81 21.54 -1.77
C GLY A 57 -40.24 21.79 -0.39
N GLU A 58 -39.27 22.69 -0.27
CA GLU A 58 -38.55 22.96 0.95
C GLU A 58 -38.95 24.33 1.48
N ASN A 59 -38.87 24.50 2.81
CA ASN A 59 -39.30 25.73 3.47
C ASN A 59 -38.12 26.69 3.56
N PRO A 60 -38.08 27.79 2.80
CA PRO A 60 -36.89 28.65 2.79
C PRO A 60 -36.75 29.49 4.04
N GLN A 61 -37.75 29.51 4.91
CA GLN A 61 -37.70 30.26 6.15
C GLN A 61 -37.78 29.25 7.29
N ARG A 62 -36.63 28.69 7.65
CA ARG A 62 -36.52 27.79 8.79
C ARG A 62 -35.12 27.91 9.38
N GLN A 63 -34.90 27.15 10.45
CA GLN A 63 -33.58 27.08 11.05
C GLN A 63 -32.65 26.31 10.13
N GLY A 64 -31.80 27.04 9.42
CA GLY A 64 -30.83 26.43 8.53
C GLY A 64 -30.88 26.87 7.09
N LEU A 65 -31.85 27.71 6.70
CA LEU A 65 -31.97 28.15 5.32
C LEU A 65 -32.21 29.66 5.24
N LEU A 66 -31.65 30.40 6.18
CA LEU A 66 -31.81 31.85 6.18
C LEU A 66 -30.76 32.54 5.33
N LYS A 67 -29.49 32.19 5.52
CA LYS A 67 -28.40 32.72 4.71
C LYS A 67 -28.07 31.83 3.52
N THR A 68 -28.83 30.76 3.31
CA THR A 68 -28.61 29.82 2.21
C THR A 68 -28.72 30.43 0.82
N PRO A 69 -29.67 31.32 0.48
CA PRO A 69 -29.55 32.01 -0.82
C PRO A 69 -28.33 32.91 -0.96
N TRP A 70 -27.80 33.41 0.15
CA TRP A 70 -26.67 34.33 0.09
C TRP A 70 -25.34 33.64 0.29
N ARG A 71 -25.31 32.54 1.05
CA ARG A 71 -24.08 31.75 1.14
C ARG A 71 -23.81 31.01 -0.16
N ALA A 72 -24.86 30.58 -0.85
CA ALA A 72 -24.68 29.84 -2.08
C ALA A 72 -24.41 30.77 -3.25
N ALA A 73 -24.86 32.02 -3.17
CA ALA A 73 -24.59 32.97 -4.24
C ALA A 73 -23.13 33.38 -4.25
N SER A 74 -22.53 33.53 -3.07
CA SER A 74 -21.11 33.83 -3.00
C SER A 74 -20.26 32.58 -3.19
N ALA A 75 -20.90 31.42 -3.29
CA ALA A 75 -20.18 30.20 -3.64
C ALA A 75 -20.02 30.08 -5.15
N MET A 76 -21.06 30.43 -5.90
CA MET A 76 -21.02 30.28 -7.36
C MET A 76 -20.19 31.40 -8.00
N GLN A 77 -20.01 32.51 -7.29
CA GLN A 77 -19.10 33.55 -7.76
C GLN A 77 -17.65 33.19 -7.49
N PHE A 78 -17.39 32.43 -6.43
CA PHE A 78 -16.06 31.89 -6.22
C PHE A 78 -15.77 30.77 -7.20
N PHE A 79 -16.80 30.00 -7.58
CA PHE A 79 -16.55 28.79 -8.36
C PHE A 79 -16.41 29.11 -9.84
N THR A 80 -16.73 30.35 -10.24
CA THR A 80 -16.62 30.82 -11.62
C THR A 80 -15.82 32.12 -11.72
N LYS A 81 -14.84 32.32 -10.84
CA LYS A 81 -14.13 33.60 -10.75
C LYS A 81 -12.97 33.73 -11.73
N GLY A 82 -12.82 32.77 -12.63
CA GLY A 82 -11.78 32.84 -13.66
C GLY A 82 -12.16 33.70 -14.85
N TYR A 83 -13.41 34.11 -14.96
CA TYR A 83 -13.78 35.09 -15.97
C TYR A 83 -14.61 36.19 -15.33
N ASP A 101 18.06 23.42 -21.57
CA ASP A 101 17.45 22.36 -22.36
C ASP A 101 17.14 21.17 -21.47
N GLU A 102 15.88 21.06 -21.05
CA GLU A 102 15.44 20.05 -20.12
C GLU A 102 13.92 20.03 -20.10
N MET A 103 13.36 19.02 -19.45
CA MET A 103 11.92 18.85 -19.38
C MET A 103 11.44 19.26 -18.01
N VAL A 104 10.39 20.10 -17.96
CA VAL A 104 9.86 20.59 -16.70
C VAL A 104 8.44 20.08 -16.54
N ILE A 105 8.28 19.00 -15.78
CA ILE A 105 6.97 18.42 -15.48
C ILE A 105 6.49 18.94 -14.14
N VAL A 106 5.30 19.52 -14.12
CA VAL A 106 4.66 20.00 -12.89
C VAL A 106 3.39 19.18 -12.70
N LYS A 107 3.39 18.33 -11.69
CA LYS A 107 2.31 17.38 -11.47
C LYS A 107 1.54 17.73 -10.19
N ASP A 108 0.46 16.97 -9.98
CA ASP A 108 -0.39 17.04 -8.78
C ASP A 108 -1.07 18.40 -8.62
N ILE A 109 -1.27 19.10 -9.74
CA ILE A 109 -1.93 20.40 -9.72
C ILE A 109 -3.41 20.20 -9.44
N ASP A 110 -3.87 20.65 -8.27
CA ASP A 110 -5.24 20.43 -7.87
C ASP A 110 -6.19 21.34 -8.65
N MET A 111 -7.31 20.77 -9.08
CA MET A 111 -8.26 21.46 -9.94
C MET A 111 -9.65 21.27 -9.36
N PHE A 112 -10.48 22.32 -9.45
CA PHE A 112 -11.87 22.28 -8.99
C PHE A 112 -12.69 23.14 -9.94
N SER A 113 -13.34 22.50 -10.91
CA SER A 113 -14.06 23.21 -11.96
C SER A 113 -15.55 22.92 -11.83
N MET A 114 -16.34 23.67 -12.58
CA MET A 114 -17.79 23.51 -12.62
C MET A 114 -18.19 22.92 -13.95
N CYS A 115 -18.98 21.85 -13.93
CA CYS A 115 -19.53 21.31 -15.16
C CYS A 115 -20.51 22.29 -15.75
N GLU A 116 -20.44 22.50 -17.06
CA GLU A 116 -21.33 23.48 -17.67
C GLU A 116 -22.64 22.84 -18.11
N HIS A 117 -22.77 21.53 -17.94
CA HIS A 117 -24.01 20.88 -18.34
C HIS A 117 -24.98 20.83 -17.17
N HIS A 118 -24.53 20.35 -16.02
CA HIS A 118 -25.38 20.14 -14.86
C HIS A 118 -25.09 21.11 -13.72
N LEU A 119 -24.13 22.03 -13.89
CA LEU A 119 -23.78 23.09 -12.92
C LEU A 119 -23.33 22.51 -11.57
N VAL A 120 -22.74 21.32 -11.60
CA VAL A 120 -22.31 20.57 -10.42
C VAL A 120 -20.81 20.43 -10.58
N PRO A 121 -20.00 20.55 -9.52
CA PRO A 121 -18.55 20.53 -9.70
C PRO A 121 -17.97 19.24 -10.24
N PHE A 122 -16.74 19.32 -10.70
CA PHE A 122 -15.93 18.13 -10.90
C PHE A 122 -14.51 18.43 -10.45
N VAL A 123 -13.85 17.40 -9.92
CA VAL A 123 -12.69 17.54 -9.07
C VAL A 123 -11.56 16.71 -9.65
N GLY A 124 -10.43 17.35 -9.92
CA GLY A 124 -9.34 16.59 -10.50
C GLY A 124 -7.94 17.13 -10.37
N LYS A 125 -7.03 16.57 -11.18
CA LYS A 125 -5.62 16.92 -11.17
C LYS A 125 -5.17 17.17 -12.60
N VAL A 126 -4.28 18.15 -12.76
CA VAL A 126 -3.69 18.50 -14.05
C VAL A 126 -2.22 18.17 -13.99
N HIS A 127 -1.70 17.57 -15.05
CA HIS A 127 -0.27 17.27 -15.18
C HIS A 127 0.24 17.99 -16.40
N ILE A 128 1.22 18.85 -16.20
CA ILE A 128 1.78 19.67 -17.26
C ILE A 128 3.28 19.41 -17.35
N GLY A 129 3.77 19.18 -18.55
CA GLY A 129 5.19 19.13 -18.80
C GLY A 129 5.50 19.83 -20.11
N TYR A 130 6.70 20.39 -20.19
CA TYR A 130 7.07 21.14 -21.38
C TYR A 130 8.58 21.12 -21.57
N LEU A 131 9.00 21.29 -22.82
CA LEU A 131 10.40 21.46 -23.17
C LEU A 131 10.65 22.88 -23.64
N PRO A 132 11.30 23.72 -22.84
CA PRO A 132 11.51 25.12 -23.24
C PRO A 132 12.46 25.29 -24.41
N ASN A 133 12.33 26.41 -25.10
CA ASN A 133 13.30 26.83 -26.12
C ASN A 133 14.19 27.96 -25.62
N LYS A 134 13.59 29.10 -25.27
CA LYS A 134 14.36 30.25 -24.81
C LYS A 134 13.78 30.78 -23.50
N GLN A 135 12.48 30.60 -23.32
CA GLN A 135 11.74 31.24 -22.23
C GLN A 135 11.12 30.17 -21.35
N VAL A 136 11.43 30.20 -20.07
CA VAL A 136 10.81 29.31 -19.11
C VAL A 136 9.75 30.08 -18.36
N LEU A 137 8.90 29.35 -17.66
CA LEU A 137 7.75 29.92 -16.97
C LEU A 137 7.78 29.49 -15.51
N GLY A 138 7.38 30.41 -14.63
CA GLY A 138 7.38 30.18 -13.20
C GLY A 138 6.46 29.07 -12.78
N LEU A 139 6.77 28.42 -11.66
CA LEU A 139 5.98 27.27 -11.24
C LEU A 139 4.73 27.72 -10.50
N SER A 140 4.68 29.00 -10.13
CA SER A 140 3.46 29.57 -9.57
C SER A 140 2.60 30.21 -10.64
N LYS A 141 3.16 30.47 -11.81
CA LYS A 141 2.40 31.03 -12.92
C LYS A 141 1.69 29.93 -13.71
N LEU A 142 2.25 28.73 -13.74
CA LEU A 142 1.57 27.60 -14.34
C LEU A 142 0.30 27.24 -13.58
N ALA A 143 0.29 27.51 -12.27
CA ALA A 143 -0.86 27.16 -11.45
C ALA A 143 -1.95 28.23 -11.54
N ARG A 144 -1.58 29.46 -11.88
CA ARG A 144 -2.60 30.49 -12.06
C ARG A 144 -3.20 30.43 -13.45
N ILE A 145 -2.47 29.87 -14.41
CA ILE A 145 -3.04 29.52 -15.70
C ILE A 145 -4.08 28.41 -15.53
N VAL A 146 -3.82 27.49 -14.59
CA VAL A 146 -4.80 26.47 -14.23
C VAL A 146 -6.05 27.10 -13.65
N GLU A 147 -5.89 27.99 -12.66
CA GLU A 147 -7.03 28.51 -11.90
C GLU A 147 -7.88 29.46 -12.73
N ILE A 148 -7.30 30.05 -13.77
CA ILE A 148 -8.07 30.93 -14.64
C ILE A 148 -9.00 30.11 -15.52
N TYR A 149 -8.52 28.99 -16.03
CA TYR A 149 -9.35 28.21 -16.92
C TYR A 149 -10.19 27.18 -16.17
N SER A 150 -9.80 26.79 -14.96
CA SER A 150 -10.60 25.81 -14.25
C SER A 150 -11.77 26.46 -13.52
N ARG A 151 -11.57 27.61 -12.89
CA ARG A 151 -12.64 28.30 -12.17
C ARG A 151 -13.59 29.01 -13.14
N ARG A 152 -14.21 28.20 -14.00
CA ARG A 152 -15.15 28.64 -15.02
C ARG A 152 -16.21 27.55 -15.14
N LEU A 153 -17.10 27.71 -16.12
CA LEU A 153 -18.03 26.65 -16.50
C LEU A 153 -17.40 25.89 -17.64
N GLN A 154 -16.93 24.67 -17.38
CA GLN A 154 -16.06 23.96 -18.31
C GLN A 154 -16.65 22.63 -18.76
N VAL A 155 -15.97 22.03 -19.74
CA VAL A 155 -15.90 20.58 -19.89
C VAL A 155 -14.43 20.23 -19.72
N GLN A 156 -14.15 18.98 -19.35
CA GLN A 156 -12.76 18.53 -19.16
C GLN A 156 -11.98 18.54 -20.47
N GLU A 157 -12.68 18.34 -21.58
CA GLU A 157 -12.05 18.22 -22.88
C GLU A 157 -11.54 19.57 -23.38
N ARG A 158 -12.30 20.64 -23.13
CA ARG A 158 -11.87 21.99 -23.48
C ARG A 158 -10.86 22.52 -22.48
N LEU A 159 -10.98 22.09 -21.23
CA LEU A 159 -10.09 22.55 -20.17
C LEU A 159 -8.67 22.02 -20.36
N THR A 160 -8.55 20.81 -20.92
CA THR A 160 -7.24 20.29 -21.29
C THR A 160 -6.63 21.10 -22.43
N LYS A 161 -7.41 21.31 -23.49
CA LYS A 161 -6.91 21.99 -24.69
C LYS A 161 -6.59 23.45 -24.42
N GLN A 162 -7.35 24.10 -23.52
CA GLN A 162 -7.11 25.50 -23.22
C GLN A 162 -5.82 25.72 -22.45
N ILE A 163 -5.46 24.79 -21.55
CA ILE A 163 -4.24 24.95 -20.77
C ILE A 163 -3.01 24.78 -21.66
N ALA A 164 -3.09 23.87 -22.61
CA ALA A 164 -1.97 23.63 -23.51
C ALA A 164 -1.73 24.83 -24.43
N VAL A 165 -2.80 25.51 -24.84
CA VAL A 165 -2.69 26.66 -25.74
C VAL A 165 -2.14 27.87 -24.99
N ALA A 166 -2.48 28.01 -23.70
CA ALA A 166 -2.00 29.13 -22.91
C ALA A 166 -0.50 29.04 -22.65
N ILE A 167 0.01 27.82 -22.48
CA ILE A 167 1.43 27.61 -22.26
C ILE A 167 2.18 27.69 -23.58
N THR A 168 1.52 27.27 -24.67
CA THR A 168 2.13 27.32 -26.00
C THR A 168 2.36 28.76 -26.43
N GLU A 169 1.41 29.64 -26.16
CA GLU A 169 1.53 31.02 -26.59
C GLU A 169 2.39 31.83 -25.62
N ALA A 170 2.52 31.37 -24.39
CA ALA A 170 3.30 32.10 -23.40
C ALA A 170 4.79 31.97 -23.68
N LEU A 171 5.22 30.78 -24.11
CA LEU A 171 6.63 30.44 -24.16
C LEU A 171 7.13 30.12 -25.56
N ARG A 172 6.24 29.70 -26.46
CA ARG A 172 6.56 28.93 -27.67
C ARG A 172 7.61 27.83 -27.41
N PRO A 173 7.24 26.76 -26.70
CA PRO A 173 8.23 25.74 -26.35
C PRO A 173 8.36 24.72 -27.46
N ALA A 174 9.22 23.73 -27.21
CA ALA A 174 9.36 22.62 -28.14
C ALA A 174 8.12 21.73 -28.13
N GLY A 175 7.62 21.37 -26.96
CA GLY A 175 6.45 20.56 -26.85
C GLY A 175 5.72 20.82 -25.55
N VAL A 176 4.44 20.49 -25.54
CA VAL A 176 3.54 20.67 -24.40
C VAL A 176 2.79 19.35 -24.19
N GLY A 177 2.73 18.89 -22.96
CA GLY A 177 1.88 17.78 -22.60
C GLY A 177 0.97 18.12 -21.46
N VAL A 178 -0.34 18.00 -21.64
CA VAL A 178 -1.32 18.33 -20.62
C VAL A 178 -2.21 17.11 -20.42
N VAL A 179 -2.32 16.66 -19.18
CA VAL A 179 -3.12 15.49 -18.81
C VAL A 179 -4.00 15.91 -17.64
N VAL A 180 -5.31 15.84 -17.83
CA VAL A 180 -6.29 16.15 -16.79
C VAL A 180 -7.09 14.89 -16.50
N GLU A 181 -6.96 14.36 -15.28
CA GLU A 181 -7.85 13.33 -14.76
C GLU A 181 -8.78 14.00 -13.77
N ALA A 182 -10.05 13.61 -13.76
CA ALA A 182 -11.04 14.24 -12.90
C ALA A 182 -12.28 13.36 -12.73
N THR A 183 -12.94 13.51 -11.60
CA THR A 183 -14.16 12.77 -11.28
C THR A 183 -15.37 13.68 -11.47
N HIS A 184 -16.29 13.27 -12.35
CA HIS A 184 -17.49 14.02 -12.66
C HIS A 184 -18.63 13.53 -11.78
N MET A 185 -19.14 14.41 -10.93
CA MET A 185 -20.21 14.05 -10.01
C MET A 185 -21.60 14.13 -10.63
N CYS A 186 -21.71 14.49 -11.90
CA CYS A 186 -23.00 14.50 -12.58
C CYS A 186 -23.42 13.10 -13.02
N LYS A 198 -13.05 7.99 -12.98
CA LYS A 198 -12.26 9.10 -13.48
C LYS A 198 -12.15 9.05 -14.98
N THR A 199 -12.00 10.21 -15.60
CA THR A 199 -11.79 10.32 -17.03
C THR A 199 -10.50 11.09 -17.29
N VAL A 200 -9.65 10.56 -18.16
CA VAL A 200 -8.37 11.17 -18.50
C VAL A 200 -8.47 11.75 -19.90
N THR A 201 -8.23 13.06 -20.03
CA THR A 201 -8.04 13.70 -21.32
C THR A 201 -6.59 14.14 -21.43
N SER A 202 -6.06 14.17 -22.65
CA SER A 202 -4.62 14.34 -22.83
C SER A 202 -4.31 14.96 -24.18
N THR A 203 -3.77 16.18 -24.18
CA THR A 203 -3.18 16.82 -25.35
C THR A 203 -1.68 16.67 -25.33
N MET A 204 -1.11 16.30 -26.48
CA MET A 204 0.33 16.14 -26.66
C MET A 204 0.73 16.94 -27.89
N LEU A 205 1.35 18.10 -27.66
CA LEU A 205 1.64 19.04 -28.72
C LEU A 205 3.15 19.12 -28.93
N GLY A 206 3.55 19.45 -30.15
CA GLY A 206 4.96 19.71 -30.38
C GLY A 206 5.75 18.44 -30.49
N VAL A 207 6.86 18.37 -29.77
CA VAL A 207 7.70 17.17 -29.79
C VAL A 207 7.31 16.19 -28.71
N PHE A 208 6.24 16.44 -27.96
CA PHE A 208 5.70 15.34 -27.16
C PHE A 208 4.87 14.41 -28.02
N ARG A 209 4.53 14.81 -29.25
CA ARG A 209 3.74 13.94 -30.10
C ARG A 209 4.60 13.20 -31.11
N GLU A 210 5.69 13.82 -31.57
CA GLU A 210 6.47 13.22 -32.65
C GLU A 210 7.52 12.26 -32.13
N ASP A 211 7.97 12.45 -30.90
CA ASP A 211 9.07 11.66 -30.37
C ASP A 211 8.50 10.60 -29.43
N PRO A 212 8.89 9.33 -29.55
CA PRO A 212 8.42 8.34 -28.56
C PRO A 212 9.19 8.38 -27.27
N LYS A 213 10.43 8.83 -27.30
CA LYS A 213 11.22 8.93 -26.08
C LYS A 213 10.74 10.08 -25.21
N THR A 214 10.15 11.10 -25.83
CA THR A 214 9.78 12.31 -25.10
C THR A 214 8.40 12.16 -24.49
N ARG A 215 7.50 11.46 -25.18
CA ARG A 215 6.19 11.21 -24.61
C ARG A 215 6.28 10.21 -23.48
N GLU A 216 7.20 9.26 -23.58
CA GLU A 216 7.27 8.22 -22.58
C GLU A 216 8.06 8.67 -21.36
N GLU A 217 8.91 9.66 -21.52
CA GLU A 217 9.58 10.28 -20.37
C GLU A 217 8.57 11.08 -19.55
N PHE A 218 7.63 11.74 -20.22
CA PHE A 218 6.56 12.46 -19.53
C PHE A 218 5.66 11.51 -18.77
N LEU A 219 5.29 10.39 -19.37
CA LEU A 219 4.23 9.54 -18.84
C LEU A 219 4.71 8.65 -17.69
N THR A 220 6.03 8.49 -17.53
CA THR A 220 6.52 7.72 -16.39
C THR A 220 6.76 8.61 -15.19
N LEU A 221 7.11 9.88 -15.41
CA LEU A 221 7.47 10.74 -14.29
C LEU A 221 6.23 11.31 -13.62
N ILE A 222 5.11 11.41 -14.34
CA ILE A 222 3.89 11.97 -13.75
C ILE A 222 3.23 11.00 -12.80
N ARG A 223 3.63 9.74 -12.82
CA ARG A 223 3.07 8.76 -11.92
C ARG A 223 4.11 8.31 -10.90
N PRO B 5 15.69 21.08 -57.17
CA PRO B 5 15.83 19.74 -57.74
C PRO B 5 15.30 18.65 -56.82
N TYR B 6 15.56 18.73 -55.52
CA TYR B 6 15.11 17.71 -54.57
C TYR B 6 13.79 18.12 -53.94
N LEU B 7 12.97 17.12 -53.62
CA LEU B 7 11.63 17.34 -53.10
C LEU B 7 11.21 16.18 -52.23
N LEU B 8 10.95 16.45 -50.96
CA LEU B 8 10.73 15.45 -49.94
C LEU B 8 9.26 15.45 -49.52
N ILE B 9 8.54 14.38 -49.86
CA ILE B 9 7.16 14.23 -49.45
C ILE B 9 7.07 13.09 -48.45
N SER B 10 6.06 13.15 -47.57
CA SER B 10 5.97 12.22 -46.45
C SER B 10 4.51 11.98 -46.10
N THR B 11 4.25 10.80 -45.51
CA THR B 11 2.94 10.41 -45.02
C THR B 11 3.14 9.66 -43.69
N GLN B 12 2.05 9.16 -43.13
CA GLN B 12 2.11 8.32 -41.95
C GLN B 12 2.13 6.85 -42.34
N ILE B 13 1.88 5.96 -41.38
CA ILE B 13 2.32 4.57 -41.54
C ILE B 13 1.39 3.79 -42.48
N ARG B 14 0.11 4.18 -42.55
CA ARG B 14 -0.81 3.61 -43.54
C ARG B 14 -0.73 4.52 -44.76
N MET B 15 -0.06 4.05 -45.80
CA MET B 15 0.14 4.89 -46.98
C MET B 15 -1.05 4.80 -47.93
N GLU B 16 -2.07 4.03 -47.57
CA GLU B 16 -3.33 4.03 -48.31
C GLU B 16 -4.12 5.31 -48.08
N VAL B 17 -3.92 5.95 -46.93
CA VAL B 17 -4.70 7.10 -46.52
C VAL B 17 -3.75 8.27 -46.31
N GLY B 18 -4.23 9.47 -46.58
CA GLY B 18 -3.47 10.68 -46.40
C GLY B 18 -3.65 11.24 -45.00
N PRO B 19 -3.25 12.51 -44.79
CA PRO B 19 -2.65 13.49 -45.69
C PRO B 19 -1.19 13.23 -46.01
N THR B 20 -0.71 13.69 -47.15
CA THR B 20 0.71 13.62 -47.44
C THR B 20 1.27 15.03 -47.53
N MET B 21 2.27 15.33 -46.73
CA MET B 21 2.92 16.62 -46.77
C MET B 21 3.79 16.73 -48.01
N VAL B 22 3.93 17.94 -48.54
CA VAL B 22 4.56 18.17 -49.84
C VAL B 22 5.60 19.27 -49.82
N GLY B 23 5.70 20.06 -48.75
CA GLY B 23 6.65 21.15 -48.77
C GLY B 23 6.77 21.84 -47.43
N ASP B 24 7.75 22.72 -47.37
CA ASP B 24 8.08 23.55 -46.22
C ASP B 24 7.79 25.02 -46.55
N GLU B 25 8.23 25.92 -45.67
CA GLU B 25 7.90 27.34 -45.77
C GLU B 25 8.42 27.99 -47.05
N GLN B 26 9.58 27.56 -47.54
CA GLN B 26 10.15 28.12 -48.75
C GLN B 26 10.01 27.20 -49.95
N SER B 27 8.91 26.47 -50.06
CA SER B 27 8.69 25.63 -51.22
C SER B 27 8.04 26.42 -52.34
N ASP B 28 8.14 25.88 -53.57
CA ASP B 28 7.72 26.56 -54.79
C ASP B 28 6.21 26.74 -54.84
N PRO B 29 5.70 27.97 -54.85
CA PRO B 29 4.24 28.17 -54.77
C PRO B 29 3.52 27.85 -56.07
N GLU B 30 4.23 27.71 -57.19
CA GLU B 30 3.60 27.25 -58.41
C GLU B 30 3.38 25.75 -58.36
N LEU B 31 4.39 25.00 -57.90
CA LEU B 31 4.28 23.55 -57.86
C LEU B 31 3.36 23.10 -56.75
N MET B 32 3.29 23.85 -55.65
CA MET B 32 2.30 23.53 -54.61
C MET B 32 0.89 23.83 -55.09
N GLN B 33 0.76 24.79 -56.02
CA GLN B 33 -0.55 25.13 -56.57
C GLN B 33 -1.08 24.03 -57.49
N HIS B 34 -0.18 23.35 -58.21
CA HIS B 34 -0.60 22.26 -59.07
C HIS B 34 -0.96 21.02 -58.26
N LEU B 35 -0.28 20.80 -57.14
CA LEU B 35 -0.60 19.66 -56.30
C LEU B 35 -1.86 19.89 -55.47
N GLY B 36 -2.33 21.13 -55.36
CA GLY B 36 -3.51 21.41 -54.58
C GLY B 36 -3.25 21.51 -53.09
N ALA B 37 -2.14 22.14 -52.70
CA ALA B 37 -1.75 22.13 -51.31
C ALA B 37 -2.30 23.33 -50.56
N SER B 38 -2.79 23.08 -49.36
CA SER B 38 -3.15 24.10 -48.39
C SER B 38 -1.94 24.34 -47.50
N LYS B 39 -1.94 25.43 -46.76
CA LYS B 39 -0.81 25.77 -45.89
C LYS B 39 -1.29 26.04 -44.47
N ARG B 40 -0.86 25.22 -43.52
CA ARG B 40 -1.34 25.35 -42.15
C ARG B 40 -0.18 25.39 -41.17
N ARG B 41 -0.49 25.86 -39.97
CA ARG B 41 0.37 25.71 -38.81
C ARG B 41 -0.38 24.85 -37.81
N ALA B 42 0.03 23.59 -37.69
CA ALA B 42 -0.58 22.72 -36.70
C ALA B 42 -0.15 23.15 -35.30
N LEU B 43 -1.02 22.88 -34.33
CA LEU B 43 -0.81 23.38 -32.98
C LEU B 43 0.33 22.66 -32.29
N GLY B 44 1.20 23.43 -31.63
CA GLY B 44 2.41 22.90 -31.04
C GLY B 44 3.63 22.95 -31.94
N ASN B 45 3.42 23.07 -33.25
CA ASN B 45 4.50 23.23 -34.20
C ASN B 45 4.83 24.70 -34.36
N ASN B 46 6.12 24.99 -34.52
CA ASN B 46 6.59 26.36 -34.67
C ASN B 46 7.02 26.64 -36.11
N PHE B 47 6.31 26.07 -37.08
CA PHE B 47 6.66 26.23 -38.49
C PHE B 47 5.41 25.99 -39.32
N TYR B 48 5.45 26.49 -40.54
CA TYR B 48 4.39 26.31 -41.53
C TYR B 48 4.72 25.12 -42.42
N GLU B 49 3.69 24.56 -43.04
CA GLU B 49 3.88 23.42 -43.92
C GLU B 49 2.76 23.37 -44.96
N TYR B 50 3.06 22.75 -46.09
CA TYR B 50 2.09 22.46 -47.12
C TYR B 50 1.64 21.00 -46.98
N TYR B 51 0.42 20.71 -47.45
CA TYR B 51 -0.18 19.40 -47.30
C TYR B 51 -1.34 19.28 -48.26
N VAL B 52 -1.61 18.05 -48.69
CA VAL B 52 -2.76 17.76 -49.52
C VAL B 52 -3.56 16.66 -48.83
N ASP B 53 -4.78 16.44 -49.31
CA ASP B 53 -5.63 15.42 -48.72
C ASP B 53 -5.51 14.06 -49.40
N ASP B 54 -4.60 13.93 -50.36
CA ASP B 54 -4.53 12.72 -51.17
C ASP B 54 -3.65 11.67 -50.50
N PRO B 55 -3.75 10.41 -50.94
CA PRO B 55 -2.71 9.43 -50.61
C PRO B 55 -1.39 9.80 -51.26
N PRO B 56 -0.27 9.24 -50.79
CA PRO B 56 1.02 9.55 -51.42
C PRO B 56 1.19 9.01 -52.83
N ARG B 57 0.49 7.94 -53.22
CA ARG B 57 0.73 7.36 -54.53
C ARG B 57 0.08 8.21 -55.62
N ILE B 58 -1.01 8.90 -55.30
CA ILE B 58 -1.63 9.85 -56.22
C ILE B 58 -0.69 11.03 -56.47
N VAL B 59 -0.04 11.51 -55.42
CA VAL B 59 0.91 12.62 -55.52
C VAL B 59 2.16 12.19 -56.28
N LEU B 60 2.57 10.93 -56.12
CA LEU B 60 3.71 10.43 -56.89
C LEU B 60 3.37 10.27 -58.37
N ASP B 61 2.08 10.14 -58.70
CA ASP B 61 1.70 10.16 -60.10
C ASP B 61 1.67 11.59 -60.65
N LYS B 62 1.31 12.55 -59.80
CA LYS B 62 1.30 13.95 -60.19
C LYS B 62 2.71 14.48 -60.41
N LEU B 63 3.62 14.20 -59.47
CA LEU B 63 4.98 14.71 -59.54
C LEU B 63 5.78 14.06 -60.66
N GLU B 64 5.37 12.88 -61.11
CA GLU B 64 6.00 12.23 -62.25
C GLU B 64 5.78 13.01 -63.54
N ARG B 65 4.60 13.63 -63.67
CA ARG B 65 4.28 14.41 -64.86
C ARG B 65 5.02 15.75 -64.89
N ARG B 66 5.58 16.20 -63.78
CA ARG B 66 6.37 17.42 -63.73
C ARG B 66 7.87 17.14 -63.72
N GLY B 67 8.30 16.00 -64.25
CA GLY B 67 9.72 15.75 -64.43
C GLY B 67 10.48 15.34 -63.20
N PHE B 68 9.80 14.75 -62.21
CA PHE B 68 10.46 14.21 -61.04
C PHE B 68 10.51 12.69 -61.15
N ARG B 69 11.32 12.07 -60.30
CA ARG B 69 11.43 10.63 -60.21
C ARG B 69 11.98 10.27 -58.85
N VAL B 70 11.39 9.24 -58.23
CA VAL B 70 11.75 8.84 -56.88
C VAL B 70 13.16 8.27 -56.87
N LEU B 71 14.05 8.90 -56.11
CA LEU B 71 15.34 8.32 -55.79
C LEU B 71 15.19 7.22 -54.76
N SER B 72 14.74 7.59 -53.58
CA SER B 72 14.75 6.69 -52.44
C SER B 72 13.52 6.96 -51.58
N MET B 73 12.86 5.88 -51.20
CA MET B 73 11.81 5.88 -50.19
C MET B 73 12.40 5.28 -48.92
N THR B 74 12.13 5.90 -47.78
CA THR B 74 12.54 5.32 -46.51
C THR B 74 11.54 5.69 -45.43
N GLY B 75 11.63 4.97 -44.32
CA GLY B 75 10.72 5.13 -43.21
C GLY B 75 11.49 5.49 -41.97
N VAL B 76 11.07 6.57 -41.33
CA VAL B 76 11.69 7.08 -40.12
C VAL B 76 10.58 7.28 -39.09
N GLY B 77 10.59 6.49 -38.04
CA GLY B 77 9.47 6.51 -37.11
C GLY B 77 8.24 5.87 -37.72
N GLN B 78 7.10 6.52 -37.54
CA GLN B 78 5.83 6.18 -38.17
C GLN B 78 5.66 6.84 -39.52
N THR B 79 6.63 7.64 -39.93
CA THR B 79 6.60 8.46 -41.13
C THR B 79 7.25 7.67 -42.25
N LEU B 80 6.83 7.92 -43.48
CA LEU B 80 7.41 7.29 -44.65
C LEU B 80 7.72 8.40 -45.66
N VAL B 81 8.99 8.59 -45.98
CA VAL B 81 9.48 9.75 -46.72
C VAL B 81 9.96 9.32 -48.10
N TRP B 82 9.53 10.03 -49.14
CA TRP B 82 9.98 9.85 -50.51
C TRP B 82 10.86 11.02 -50.93
N CYS B 83 11.95 10.74 -51.61
CA CYS B 83 12.87 11.77 -52.11
C CYS B 83 12.80 11.73 -53.63
N LEU B 84 12.49 12.87 -54.23
CA LEU B 84 12.32 12.96 -55.65
C LEU B 84 13.32 13.96 -56.23
N HIS B 85 13.98 13.58 -57.30
CA HIS B 85 14.92 14.48 -57.95
C HIS B 85 14.43 14.91 -59.32
N PRO C 5 1.92 4.83 -62.72
CA PRO C 5 3.31 4.38 -62.82
C PRO C 5 3.84 3.81 -61.51
N TYR C 6 3.54 4.44 -60.38
CA TYR C 6 4.02 3.97 -59.08
C TYR C 6 2.99 3.06 -58.42
N LEU C 7 3.48 2.10 -57.65
CA LEU C 7 2.63 1.09 -57.02
C LEU C 7 3.29 0.58 -55.75
N LEU C 8 2.61 0.78 -54.63
CA LEU C 8 3.16 0.54 -53.30
C LEU C 8 2.48 -0.67 -52.67
N ILE C 9 3.24 -1.75 -52.51
CA ILE C 9 2.74 -2.95 -51.86
C ILE C 9 3.45 -3.11 -50.52
N SER C 10 2.80 -3.76 -49.56
CA SER C 10 3.29 -3.83 -48.20
C SER C 10 2.86 -5.13 -47.55
N THR C 11 3.64 -5.57 -46.57
CA THR C 11 3.37 -6.75 -45.76
C THR C 11 3.76 -6.44 -44.31
N GLN C 12 3.65 -7.43 -43.44
CA GLN C 12 4.11 -7.31 -42.06
C GLN C 12 5.53 -7.86 -41.94
N ILE C 13 5.97 -8.11 -40.70
CA ILE C 13 7.42 -8.19 -40.46
C ILE C 13 7.98 -9.54 -40.90
N ARG C 14 7.17 -10.60 -40.89
CA ARG C 14 7.57 -11.89 -41.47
C ARG C 14 7.11 -11.88 -42.91
N MET C 15 8.06 -11.68 -43.84
CA MET C 15 7.69 -11.56 -45.24
C MET C 15 7.57 -12.94 -45.90
N GLU C 16 7.76 -14.01 -45.14
CA GLU C 16 7.47 -15.35 -45.62
C GLU C 16 5.98 -15.60 -45.71
N VAL C 17 5.19 -14.91 -44.90
CA VAL C 17 3.76 -15.15 -44.77
C VAL C 17 3.03 -13.86 -45.13
N GLY C 18 1.85 -14.00 -45.72
CA GLY C 18 1.03 -12.87 -46.08
C GLY C 18 0.10 -12.47 -44.96
N PRO C 19 -0.93 -11.66 -45.25
CA PRO C 19 -1.34 -11.06 -46.52
C PRO C 19 -0.46 -9.91 -46.96
N THR C 20 -0.39 -9.63 -48.26
CA THR C 20 0.29 -8.44 -48.72
C THR C 20 -0.73 -7.52 -49.39
N MET C 21 -0.81 -6.29 -48.90
CA MET C 21 -1.71 -5.30 -49.49
C MET C 21 -1.13 -4.81 -50.81
N VAL C 22 -2.02 -4.47 -51.74
CA VAL C 22 -1.65 -4.18 -53.12
C VAL C 22 -2.24 -2.89 -53.65
N GLY C 23 -3.17 -2.26 -52.94
CA GLY C 23 -3.76 -1.05 -53.49
C GLY C 23 -4.68 -0.36 -52.50
N ASP C 24 -5.10 0.83 -52.90
CA ASP C 24 -6.02 1.71 -52.18
C ASP C 24 -7.33 1.80 -52.94
N GLU C 25 -8.19 2.73 -52.49
CA GLU C 25 -9.55 2.85 -53.02
C GLU C 25 -9.60 3.18 -54.50
N GLN C 26 -8.64 3.95 -55.00
CA GLN C 26 -8.61 4.32 -56.41
C GLN C 26 -7.54 3.57 -57.19
N SER C 27 -7.28 2.31 -56.86
CA SER C 27 -6.32 1.53 -57.61
C SER C 27 -6.99 0.87 -58.81
N ASP C 28 -6.16 0.46 -59.78
CA ASP C 28 -6.61 -0.05 -61.07
C ASP C 28 -7.33 -1.39 -60.94
N PRO C 29 -8.62 -1.45 -61.28
CA PRO C 29 -9.37 -2.70 -61.04
C PRO C 29 -9.04 -3.82 -62.01
N GLU C 30 -8.35 -3.51 -63.11
CA GLU C 30 -7.87 -4.58 -63.99
C GLU C 30 -6.63 -5.23 -63.40
N LEU C 31 -5.70 -4.41 -62.88
CA LEU C 31 -4.47 -4.96 -62.34
C LEU C 31 -4.70 -5.63 -61.00
N MET C 32 -5.68 -5.16 -60.22
CA MET C 32 -6.04 -5.87 -59.00
C MET C 32 -6.73 -7.19 -59.32
N GLN C 33 -7.39 -7.27 -60.48
CA GLN C 33 -8.05 -8.50 -60.89
C GLN C 33 -7.04 -9.58 -61.27
N HIS C 34 -5.91 -9.16 -61.86
CA HIS C 34 -4.87 -10.13 -62.22
C HIS C 34 -4.14 -10.62 -60.99
N LEU C 35 -3.97 -9.77 -59.98
CA LEU C 35 -3.30 -10.19 -58.76
C LEU C 35 -4.19 -11.03 -57.87
N GLY C 36 -5.50 -11.04 -58.12
CA GLY C 36 -6.40 -11.80 -57.29
C GLY C 36 -6.78 -11.13 -55.99
N ALA C 37 -7.00 -9.82 -56.03
CA ALA C 37 -7.20 -9.07 -54.80
C ALA C 37 -8.68 -8.99 -54.43
N SER C 38 -8.96 -9.20 -53.14
CA SER C 38 -10.24 -8.93 -52.54
C SER C 38 -10.22 -7.51 -51.99
N LYS C 39 -11.38 -6.96 -51.67
CA LYS C 39 -11.46 -5.60 -51.17
C LYS C 39 -12.25 -5.56 -49.87
N ARG C 40 -11.60 -5.16 -48.78
CA ARG C 40 -12.26 -5.17 -47.48
C ARG C 40 -12.10 -3.85 -46.77
N ARG C 41 -12.94 -3.65 -45.77
CA ARG C 41 -12.79 -2.59 -44.78
C ARG C 41 -12.57 -3.26 -43.44
N ALA C 42 -11.32 -3.25 -42.97
CA ALA C 42 -11.04 -3.81 -41.66
C ALA C 42 -11.61 -2.89 -40.59
N LEU C 43 -11.96 -3.50 -39.44
CA LEU C 43 -12.68 -2.78 -38.40
C LEU C 43 -11.77 -1.78 -37.71
N GLY C 44 -12.28 -0.57 -37.50
CA GLY C 44 -11.51 0.53 -36.97
C GLY C 44 -10.86 1.40 -38.02
N ASN C 45 -10.69 0.89 -39.23
CA ASN C 45 -10.18 1.66 -40.35
C ASN C 45 -11.32 2.39 -41.05
N ASN C 46 -11.04 3.60 -41.50
CA ASN C 46 -12.04 4.42 -42.19
C ASN C 46 -11.76 4.50 -43.69
N PHE C 47 -11.27 3.41 -44.28
CA PHE C 47 -10.91 3.38 -45.69
C PHE C 47 -10.96 1.94 -46.18
N TYR C 48 -11.08 1.80 -47.49
CA TYR C 48 -11.07 0.51 -48.16
C TYR C 48 -9.67 0.19 -48.64
N GLU C 49 -9.40 -1.09 -48.86
CA GLU C 49 -8.09 -1.53 -49.31
C GLU C 49 -8.21 -2.84 -50.07
N TYR C 50 -7.25 -3.07 -50.96
CA TYR C 50 -7.10 -4.34 -51.65
C TYR C 50 -6.02 -5.17 -50.96
N TYR C 51 -6.11 -6.49 -51.10
CA TYR C 51 -5.22 -7.40 -50.42
C TYR C 51 -5.31 -8.76 -51.07
N VAL C 52 -4.21 -9.51 -51.01
CA VAL C 52 -4.17 -10.87 -51.50
C VAL C 52 -3.68 -11.75 -50.36
N ASP C 53 -3.84 -13.06 -50.52
CA ASP C 53 -3.40 -13.99 -49.48
C ASP C 53 -1.98 -14.49 -49.67
N ASP C 54 -1.27 -13.98 -50.67
CA ASP C 54 0.04 -14.51 -51.01
C ASP C 54 1.14 -13.86 -50.18
N PRO C 55 2.33 -14.46 -50.14
CA PRO C 55 3.51 -13.73 -49.68
C PRO C 55 3.85 -12.60 -50.63
N PRO C 56 4.66 -11.62 -50.18
CA PRO C 56 5.05 -10.54 -51.09
C PRO C 56 5.96 -10.94 -52.23
N ARG C 57 6.73 -12.01 -52.11
CA ARG C 57 7.67 -12.34 -53.18
C ARG C 57 6.96 -12.96 -54.37
N ILE C 58 5.84 -13.65 -54.12
CA ILE C 58 5.00 -14.17 -55.20
C ILE C 58 4.38 -13.02 -55.98
N VAL C 59 3.92 -11.98 -55.27
CA VAL C 59 3.33 -10.81 -55.91
C VAL C 59 4.38 -10.01 -56.67
N LEU C 60 5.62 -10.00 -56.16
CA LEU C 60 6.70 -9.32 -56.89
C LEU C 60 7.09 -10.08 -58.15
N ASP C 61 6.80 -11.38 -58.20
CA ASP C 61 7.00 -12.12 -59.44
C ASP C 61 5.86 -11.84 -60.42
N LYS C 62 4.65 -11.64 -59.91
CA LYS C 62 3.51 -11.31 -60.75
C LYS C 62 3.64 -9.93 -61.35
N LEU C 63 3.98 -8.94 -60.54
CA LEU C 63 4.06 -7.56 -61.01
C LEU C 63 5.25 -7.34 -61.95
N GLU C 64 6.25 -8.21 -61.90
CA GLU C 64 7.37 -8.15 -62.84
C GLU C 64 6.91 -8.46 -64.26
N ARG C 65 5.95 -9.37 -64.40
CA ARG C 65 5.44 -9.74 -65.71
C ARG C 65 4.54 -8.67 -66.32
N ARG C 66 4.07 -7.71 -65.53
CA ARG C 66 3.28 -6.60 -66.03
C ARG C 66 4.10 -5.32 -66.17
N GLY C 67 5.42 -5.43 -66.35
CA GLY C 67 6.23 -4.27 -66.67
C GLY C 67 6.56 -3.37 -65.50
N PHE C 68 6.58 -3.90 -64.29
CA PHE C 68 7.01 -3.15 -63.11
C PHE C 68 8.41 -3.60 -62.71
N ARG C 69 9.04 -2.82 -61.85
CA ARG C 69 10.34 -3.15 -61.30
C ARG C 69 10.52 -2.39 -60.00
N VAL C 70 11.05 -3.07 -58.98
CA VAL C 70 11.19 -2.50 -57.66
C VAL C 70 12.25 -1.40 -57.68
N LEU C 71 11.82 -0.18 -57.35
CA LEU C 71 12.75 0.89 -57.06
C LEU C 71 13.40 0.70 -55.71
N SER C 72 12.60 0.72 -54.66
CA SER C 72 13.11 0.77 -53.31
C SER C 72 12.18 -0.02 -52.40
N MET C 73 12.79 -0.86 -51.57
CA MET C 73 12.13 -1.54 -50.46
C MET C 73 12.56 -0.84 -49.19
N THR C 74 11.61 -0.57 -48.30
CA THR C 74 11.95 -0.04 -46.99
C THR C 74 10.97 -0.53 -45.95
N GLY C 75 11.36 -0.36 -44.69
CA GLY C 75 10.58 -0.84 -43.58
C GLY C 75 10.23 0.32 -42.66
N VAL C 76 8.94 0.45 -42.38
CA VAL C 76 8.42 1.50 -41.52
C VAL C 76 7.55 0.84 -40.46
N GLY C 77 7.99 0.90 -39.21
CA GLY C 77 7.31 0.14 -38.17
C GLY C 77 7.56 -1.35 -38.33
N GLN C 78 6.49 -2.13 -38.19
CA GLN C 78 6.47 -3.56 -38.45
C GLN C 78 6.16 -3.88 -39.91
N THR C 79 5.94 -2.86 -40.71
CA THR C 79 5.51 -2.96 -42.10
C THR C 79 6.75 -2.92 -42.98
N LEU C 80 6.68 -3.58 -44.12
CA LEU C 80 7.75 -3.57 -45.10
C LEU C 80 7.15 -3.21 -46.45
N VAL C 81 7.56 -2.08 -47.02
CA VAL C 81 6.90 -1.49 -48.19
C VAL C 81 7.83 -1.57 -49.39
N TRP C 82 7.29 -2.01 -50.53
CA TRP C 82 7.98 -2.05 -51.82
C TRP C 82 7.38 -1.00 -52.73
N CYS C 83 8.23 -0.28 -53.45
CA CYS C 83 7.81 0.73 -54.41
C CYS C 83 8.20 0.25 -55.79
N LEU C 84 7.22 0.16 -56.68
CA LEU C 84 7.44 -0.36 -58.01
C LEU C 84 7.08 0.69 -59.05
N HIS C 85 7.96 0.88 -60.02
CA HIS C 85 7.68 1.84 -61.07
C HIS C 85 7.47 1.16 -62.42
N PRO D 5 12.40 -14.23 -59.97
CA PRO D 5 13.34 -13.13 -60.13
C PRO D 5 13.72 -12.46 -58.83
N TYR D 6 12.76 -12.23 -57.93
CA TYR D 6 13.02 -11.57 -56.66
C TYR D 6 13.26 -12.60 -55.57
N LEU D 7 14.11 -12.24 -54.62
CA LEU D 7 14.52 -13.15 -53.55
C LEU D 7 14.90 -12.36 -52.31
N LEU D 8 14.18 -12.60 -51.23
CA LEU D 8 14.26 -11.81 -50.00
C LEU D 8 14.91 -12.62 -48.90
N ILE D 9 16.13 -12.22 -48.51
CA ILE D 9 16.84 -12.87 -47.42
C ILE D 9 16.90 -11.89 -46.25
N SER D 10 16.99 -12.42 -45.02
CA SER D 10 16.89 -11.60 -43.82
C SER D 10 17.72 -12.22 -42.70
N THR D 11 18.16 -11.36 -41.79
CA THR D 11 18.90 -11.75 -40.59
C THR D 11 18.41 -10.90 -39.43
N GLN D 12 19.02 -11.07 -38.26
CA GLN D 12 18.74 -10.22 -37.11
C GLN D 12 19.74 -9.07 -37.04
N ILE D 13 19.81 -8.39 -35.89
CA ILE D 13 20.37 -7.05 -35.87
C ILE D 13 21.90 -7.07 -35.93
N ARG D 14 22.52 -8.14 -35.43
CA ARG D 14 23.97 -8.34 -35.59
C ARG D 14 24.15 -9.15 -36.86
N MET D 15 24.58 -8.49 -37.93
CA MET D 15 24.70 -9.19 -39.22
C MET D 15 26.04 -9.90 -39.34
N GLU D 16 26.86 -9.85 -38.29
CA GLU D 16 28.07 -10.66 -38.24
C GLU D 16 27.75 -12.13 -37.99
N VAL D 17 26.62 -12.39 -37.34
CA VAL D 17 26.26 -13.73 -36.90
C VAL D 17 24.92 -14.10 -37.55
N GLY D 18 24.74 -15.38 -37.84
CA GLY D 18 23.52 -15.88 -38.41
C GLY D 18 22.53 -16.28 -37.36
N PRO D 19 21.48 -17.05 -37.72
CA PRO D 19 21.12 -17.58 -39.03
C PRO D 19 20.54 -16.56 -39.98
N THR D 20 20.65 -16.77 -41.28
CA THR D 20 19.97 -15.92 -42.24
C THR D 20 18.95 -16.74 -43.00
N MET D 21 17.69 -16.30 -42.95
CA MET D 21 16.62 -16.96 -43.68
C MET D 21 16.75 -16.67 -45.16
N VAL D 22 16.34 -17.62 -45.99
CA VAL D 22 16.57 -17.59 -47.42
C VAL D 22 15.33 -17.86 -48.25
N GLY D 23 14.24 -18.31 -47.65
CA GLY D 23 13.08 -18.64 -48.46
C GLY D 23 11.86 -18.97 -47.63
N ASP D 24 10.74 -19.09 -48.33
CA ASP D 24 9.44 -19.45 -47.81
C ASP D 24 9.04 -20.84 -48.31
N GLU D 25 7.77 -21.20 -48.08
CA GLU D 25 7.28 -22.55 -48.37
C GLU D 25 7.35 -22.91 -49.85
N GLN D 26 7.15 -21.93 -50.73
CA GLN D 26 7.20 -22.18 -52.16
C GLN D 26 8.47 -21.66 -52.81
N SER D 27 9.60 -21.74 -52.12
CA SER D 27 10.86 -21.31 -52.72
C SER D 27 11.49 -22.46 -53.50
N ASP D 28 12.42 -22.10 -54.39
CA ASP D 28 13.04 -23.02 -55.34
C ASP D 28 13.91 -24.06 -54.64
N PRO D 29 13.57 -25.35 -54.72
CA PRO D 29 14.32 -26.35 -53.95
C PRO D 29 15.69 -26.67 -54.52
N GLU D 30 15.96 -26.26 -55.76
CA GLU D 30 17.32 -26.40 -56.29
C GLU D 30 18.22 -25.31 -55.73
N LEU D 31 17.72 -24.07 -55.69
CA LEU D 31 18.54 -22.96 -55.21
C LEU D 31 18.70 -23.02 -53.70
N MET D 32 17.71 -23.53 -52.98
CA MET D 32 17.89 -23.74 -51.55
C MET D 32 18.89 -24.87 -51.28
N GLN D 33 19.00 -25.81 -52.21
CA GLN D 33 19.95 -26.91 -52.07
C GLN D 33 21.39 -26.43 -52.23
N HIS D 34 21.60 -25.45 -53.10
CA HIS D 34 22.94 -24.92 -53.28
C HIS D 34 23.36 -24.04 -52.10
N LEU D 35 22.39 -23.35 -51.49
CA LEU D 35 22.72 -22.52 -50.34
C LEU D 35 22.90 -23.35 -49.07
N GLY D 36 22.46 -24.61 -49.07
CA GLY D 36 22.58 -25.43 -47.89
C GLY D 36 21.51 -25.20 -46.86
N ALA D 37 20.28 -25.01 -47.29
CA ALA D 37 19.22 -24.62 -46.37
C ALA D 37 18.50 -25.82 -45.81
N SER D 38 18.24 -25.78 -44.51
CA SER D 38 17.35 -26.70 -43.82
C SER D 38 15.97 -26.08 -43.79
N LYS D 39 14.95 -26.88 -43.49
CA LYS D 39 13.59 -26.39 -43.47
C LYS D 39 12.91 -26.74 -42.15
N ARG D 40 12.53 -25.70 -41.39
CA ARG D 40 11.97 -25.96 -40.07
C ARG D 40 10.66 -25.20 -39.88
N ARG D 41 9.90 -25.61 -38.88
CA ARG D 41 8.77 -24.86 -38.36
C ARG D 41 9.12 -24.50 -36.93
N ALA D 42 9.46 -23.24 -36.71
CA ALA D 42 9.73 -22.79 -35.36
C ALA D 42 8.43 -22.73 -34.57
N LEU D 43 8.54 -22.90 -33.25
CA LEU D 43 7.36 -23.04 -32.40
C LEU D 43 6.64 -21.71 -32.26
N GLY D 44 5.32 -21.75 -32.38
CA GLY D 44 4.50 -20.56 -32.39
C GLY D 44 4.25 -19.98 -33.77
N ASN D 45 5.07 -20.34 -34.76
CA ASN D 45 4.88 -19.94 -36.14
C ASN D 45 3.97 -20.94 -36.84
N ASN D 46 3.11 -20.45 -37.72
CA ASN D 46 2.19 -21.28 -38.46
C ASN D 46 2.60 -21.42 -39.92
N PHE D 47 3.90 -21.49 -40.18
CA PHE D 47 4.42 -21.57 -41.53
C PHE D 47 5.81 -22.19 -41.49
N TYR D 48 6.22 -22.71 -42.64
CA TYR D 48 7.54 -23.29 -42.82
C TYR D 48 8.49 -22.24 -43.40
N GLU D 49 9.78 -22.48 -43.21
CA GLU D 49 10.78 -21.54 -43.71
C GLU D 49 12.10 -22.27 -43.95
N TYR D 50 12.90 -21.72 -44.85
CA TYR D 50 14.26 -22.17 -45.08
C TYR D 50 15.23 -21.25 -44.35
N TYR D 51 16.40 -21.78 -44.01
CA TYR D 51 17.38 -21.07 -43.22
C TYR D 51 18.72 -21.76 -43.35
N VAL D 52 19.79 -20.97 -43.23
CA VAL D 52 21.14 -21.50 -43.22
C VAL D 52 21.81 -21.01 -41.95
N ASP D 53 22.96 -21.59 -41.63
CA ASP D 53 23.69 -21.20 -40.43
C ASP D 53 24.73 -20.12 -40.68
N ASP D 54 24.80 -19.59 -41.90
CA ASP D 54 25.86 -18.68 -42.27
C ASP D 54 25.49 -17.23 -41.90
N PRO D 55 26.47 -16.33 -41.86
CA PRO D 55 26.16 -14.90 -41.87
C PRO D 55 25.53 -14.50 -43.19
N PRO D 56 24.85 -13.33 -43.25
CA PRO D 56 24.26 -12.91 -44.52
C PRO D 56 25.25 -12.51 -45.60
N ARG D 57 26.48 -12.12 -45.26
CA ARG D 57 27.41 -11.66 -46.28
C ARG D 57 27.97 -12.85 -47.07
N ILE D 58 28.10 -14.00 -46.41
CA ILE D 58 28.51 -15.23 -47.09
C ILE D 58 27.45 -15.66 -48.10
N VAL D 59 26.18 -15.54 -47.72
CA VAL D 59 25.08 -15.90 -48.60
C VAL D 59 24.96 -14.90 -49.76
N LEU D 60 25.29 -13.63 -49.51
CA LEU D 60 25.29 -12.65 -50.59
C LEU D 60 26.44 -12.89 -51.56
N ASP D 61 27.49 -13.57 -51.12
CA ASP D 61 28.54 -13.96 -52.05
C ASP D 61 28.12 -15.18 -52.86
N LYS D 62 27.33 -16.07 -52.25
CA LYS D 62 26.82 -17.25 -52.94
C LYS D 62 25.80 -16.87 -54.00
N LEU D 63 24.84 -16.02 -53.63
CA LEU D 63 23.77 -15.64 -54.55
C LEU D 63 24.27 -14.77 -55.69
N GLU D 64 25.42 -14.12 -55.52
CA GLU D 64 26.02 -13.34 -56.60
C GLU D 64 26.49 -14.25 -57.73
N ARG D 65 26.97 -15.45 -57.39
CA ARG D 65 27.43 -16.39 -58.39
C ARG D 65 26.30 -17.06 -59.16
N ARG D 66 25.06 -16.95 -58.69
CA ARG D 66 23.90 -17.47 -59.39
C ARG D 66 23.11 -16.36 -60.09
N GLY D 67 23.75 -15.26 -60.44
CA GLY D 67 23.11 -14.25 -61.26
C GLY D 67 22.15 -13.33 -60.55
N PHE D 68 22.31 -13.15 -59.25
CA PHE D 68 21.51 -12.19 -58.49
C PHE D 68 22.35 -10.96 -58.21
N ARG D 69 21.68 -9.89 -57.78
CA ARG D 69 22.33 -8.66 -57.38
C ARG D 69 21.40 -7.90 -56.46
N VAL D 70 21.94 -7.35 -55.39
CA VAL D 70 21.15 -6.67 -54.36
C VAL D 70 20.58 -5.38 -54.94
N LEU D 71 19.25 -5.28 -54.97
CA LEU D 71 18.58 -4.03 -55.23
C LEU D 71 18.66 -3.11 -54.03
N SER D 72 18.05 -3.54 -52.92
CA SER D 72 17.87 -2.69 -51.77
C SER D 72 17.98 -3.53 -50.51
N MET D 73 18.75 -3.01 -49.56
CA MET D 73 18.81 -3.50 -48.19
C MET D 73 18.03 -2.53 -47.33
N THR D 74 17.21 -3.07 -46.43
CA THR D 74 16.53 -2.23 -45.47
C THR D 74 16.32 -2.98 -44.16
N GLY D 75 16.00 -2.23 -43.13
CA GLY D 75 15.85 -2.76 -41.79
C GLY D 75 14.45 -2.46 -41.28
N VAL D 76 13.77 -3.52 -40.85
CA VAL D 76 12.42 -3.42 -40.32
C VAL D 76 12.40 -4.12 -38.96
N GLY D 77 12.20 -3.36 -37.90
CA GLY D 77 12.35 -3.91 -36.57
C GLY D 77 13.80 -4.19 -36.25
N GLN D 78 14.06 -5.37 -35.68
CA GLN D 78 15.39 -5.90 -35.43
C GLN D 78 15.92 -6.69 -36.61
N THR D 79 15.13 -6.81 -37.67
CA THR D 79 15.42 -7.61 -38.84
C THR D 79 16.08 -6.72 -39.88
N LEU D 80 16.92 -7.31 -40.71
CA LEU D 80 17.58 -6.60 -41.81
C LEU D 80 17.38 -7.42 -43.07
N VAL D 81 16.68 -6.86 -44.05
CA VAL D 81 16.20 -7.60 -45.22
C VAL D 81 16.93 -7.12 -46.47
N TRP D 82 17.41 -8.07 -47.27
CA TRP D 82 18.02 -7.81 -48.57
C TRP D 82 17.10 -8.28 -49.68
N CYS D 83 16.96 -7.48 -50.73
CA CYS D 83 16.14 -7.83 -51.88
C CYS D 83 17.08 -8.01 -53.06
N LEU D 84 17.01 -9.18 -53.69
CA LEU D 84 17.91 -9.51 -54.79
C LEU D 84 17.09 -9.80 -56.04
N HIS D 85 17.51 -9.22 -57.16
CA HIS D 85 16.82 -9.46 -58.41
C HIS D 85 17.69 -10.25 -59.38
N PRO E 5 32.62 -9.94 -52.81
CA PRO E 5 32.05 -8.77 -53.49
C PRO E 5 31.26 -7.86 -52.56
N TYR E 6 30.46 -8.41 -51.66
CA TYR E 6 29.67 -7.61 -50.74
C TYR E 6 30.40 -7.42 -49.42
N LEU E 7 30.16 -6.26 -48.80
CA LEU E 7 30.86 -5.88 -47.58
C LEU E 7 29.99 -4.94 -46.76
N LEU E 8 29.66 -5.38 -45.55
CA LEU E 8 28.69 -4.71 -44.70
C LEU E 8 29.38 -4.06 -43.52
N ILE E 9 29.39 -2.73 -43.49
CA ILE E 9 29.95 -1.99 -42.38
C ILE E 9 28.82 -1.29 -41.63
N SER E 10 29.02 -1.04 -40.34
CA SER E 10 27.97 -0.55 -39.48
C SER E 10 28.54 0.32 -38.37
N THR E 11 27.72 1.25 -37.88
CA THR E 11 28.06 2.13 -36.77
C THR E 11 26.82 2.27 -35.89
N GLN E 12 26.90 3.10 -34.85
CA GLN E 12 25.76 3.43 -34.02
C GLN E 12 25.10 4.72 -34.51
N ILE E 13 24.24 5.31 -33.68
CA ILE E 13 23.25 6.24 -34.21
C ILE E 13 23.86 7.60 -34.52
N ARG E 14 24.92 7.99 -33.80
CA ARG E 14 25.70 9.19 -34.13
C ARG E 14 26.81 8.75 -35.06
N MET E 15 26.65 9.05 -36.35
CA MET E 15 27.63 8.58 -37.33
C MET E 15 28.81 9.54 -37.43
N GLU E 16 28.82 10.59 -36.63
CA GLU E 16 29.99 11.46 -36.50
C GLU E 16 31.11 10.77 -35.73
N VAL E 17 30.75 9.86 -34.84
CA VAL E 17 31.69 9.22 -33.93
C VAL E 17 31.67 7.72 -34.18
N GLY E 18 32.82 7.07 -34.00
CA GLY E 18 32.94 5.65 -34.17
C GLY E 18 32.65 4.92 -32.87
N PRO E 19 33.02 3.64 -32.79
CA PRO E 19 33.70 2.76 -33.76
C PRO E 19 32.79 2.30 -34.88
N THR E 20 33.35 1.97 -36.04
CA THR E 20 32.57 1.36 -37.10
C THR E 20 33.11 -0.05 -37.34
N MET E 21 32.22 -1.04 -37.24
CA MET E 21 32.59 -2.42 -37.51
C MET E 21 32.75 -2.62 -39.01
N VAL E 22 33.64 -3.52 -39.38
CA VAL E 22 34.07 -3.69 -40.77
C VAL E 22 34.05 -5.14 -41.24
N GLY E 23 33.89 -6.10 -40.35
CA GLY E 23 33.93 -7.49 -40.79
C GLY E 23 33.56 -8.47 -39.71
N ASP E 24 33.41 -9.71 -40.13
CA ASP E 24 33.10 -10.87 -39.29
C ASP E 24 34.31 -11.80 -39.24
N GLU E 25 34.09 -13.00 -38.68
CA GLU E 25 35.17 -13.95 -38.42
C GLU E 25 35.89 -14.40 -39.67
N GLN E 26 35.17 -14.52 -40.80
CA GLN E 26 35.77 -14.96 -42.05
C GLN E 26 35.96 -13.82 -43.04
N SER E 27 36.27 -12.62 -42.57
CA SER E 27 36.53 -11.52 -43.48
C SER E 27 37.98 -11.51 -43.92
N ASP E 28 38.24 -10.81 -45.02
CA ASP E 28 39.53 -10.80 -45.70
C ASP E 28 40.62 -10.14 -44.86
N PRO E 29 41.65 -10.87 -44.45
CA PRO E 29 42.63 -10.28 -43.52
C PRO E 29 43.59 -9.29 -44.18
N GLU E 30 43.64 -9.26 -45.52
CA GLU E 30 44.41 -8.23 -46.19
C GLU E 30 43.64 -6.91 -46.18
N LEU E 31 42.34 -6.96 -46.47
CA LEU E 31 41.55 -5.75 -46.54
C LEU E 31 41.28 -5.19 -45.14
N MET E 32 41.18 -6.05 -44.14
CA MET E 32 41.08 -5.56 -42.76
C MET E 32 42.39 -4.93 -42.31
N GLN E 33 43.51 -5.38 -42.88
CA GLN E 33 44.81 -4.82 -42.54
C GLN E 33 44.97 -3.41 -43.09
N HIS E 34 44.40 -3.15 -44.27
CA HIS E 34 44.47 -1.81 -44.84
C HIS E 34 43.56 -0.84 -44.10
N LEU E 35 42.42 -1.33 -43.61
CA LEU E 35 41.52 -0.46 -42.87
C LEU E 35 42.01 -0.20 -41.45
N GLY E 36 42.97 -0.98 -40.96
CA GLY E 36 43.46 -0.80 -39.62
C GLY E 36 42.58 -1.41 -38.55
N ALA E 37 42.05 -2.60 -38.80
CA ALA E 37 41.07 -3.18 -37.91
C ALA E 37 41.73 -4.06 -36.86
N SER E 38 41.27 -3.92 -35.62
CA SER E 38 41.57 -4.82 -34.52
C SER E 38 40.49 -5.88 -34.47
N LYS E 39 40.74 -6.96 -33.75
CA LYS E 39 39.77 -8.05 -33.66
C LYS E 39 39.49 -8.40 -32.21
N ARG E 40 38.24 -8.22 -31.78
CA ARG E 40 37.92 -8.45 -30.38
C ARG E 40 36.70 -9.34 -30.25
N ARG E 41 36.54 -9.88 -29.04
CA ARG E 41 35.31 -10.53 -28.61
C ARG E 41 34.75 -9.71 -27.46
N ALA E 42 33.70 -8.94 -27.74
CA ALA E 42 33.07 -8.17 -26.67
C ALA E 42 32.32 -9.12 -25.75
N LEU E 43 32.20 -8.72 -24.49
CA LEU E 43 31.66 -9.58 -23.46
C LEU E 43 30.16 -9.80 -23.65
N GLY E 44 29.72 -11.04 -23.53
CA GLY E 44 28.35 -11.42 -23.79
C GLY E 44 28.09 -11.85 -25.22
N ASN E 45 28.96 -11.48 -26.15
CA ASN E 45 28.87 -11.93 -27.54
C ASN E 45 29.61 -13.26 -27.69
N ASN E 46 29.05 -14.13 -28.53
CA ASN E 46 29.63 -15.43 -28.79
C ASN E 46 30.28 -15.51 -30.16
N PHE E 47 30.90 -14.41 -30.60
CA PHE E 47 31.50 -14.34 -31.92
C PHE E 47 32.58 -13.26 -31.91
N TYR E 48 33.49 -13.37 -32.87
CA TYR E 48 34.55 -12.40 -33.07
C TYR E 48 34.13 -11.38 -34.11
N GLU E 49 34.77 -10.21 -34.09
CA GLU E 49 34.45 -9.15 -35.02
C GLU E 49 35.65 -8.26 -35.23
N TYR E 50 35.70 -7.61 -36.38
CA TYR E 50 36.68 -6.58 -36.68
C TYR E 50 36.05 -5.21 -36.47
N TYR E 51 36.88 -4.21 -36.18
CA TYR E 51 36.41 -2.87 -35.85
C TYR E 51 37.58 -1.91 -35.97
N VAL E 52 37.25 -0.67 -36.30
CA VAL E 52 38.24 0.40 -36.34
C VAL E 52 37.74 1.52 -35.44
N ASP E 53 38.62 2.47 -35.15
CA ASP E 53 38.25 3.59 -34.29
C ASP E 53 37.74 4.80 -35.06
N ASP E 54 37.60 4.69 -36.37
CA ASP E 54 37.28 5.84 -37.20
C ASP E 54 35.77 6.05 -37.27
N PRO E 55 35.33 7.24 -37.70
CA PRO E 55 33.94 7.39 -38.14
C PRO E 55 33.67 6.57 -39.40
N PRO E 56 32.40 6.31 -39.72
CA PRO E 56 32.10 5.56 -40.95
C PRO E 56 32.41 6.27 -42.24
N ARG E 57 32.43 7.60 -42.26
CA ARG E 57 32.64 8.30 -43.53
C ARG E 57 34.10 8.25 -43.95
N ILE E 58 35.01 8.19 -42.97
CA ILE E 58 36.43 7.98 -43.28
C ILE E 58 36.66 6.60 -43.88
N VAL E 59 35.98 5.59 -43.35
CA VAL E 59 36.09 4.23 -43.87
C VAL E 59 35.45 4.12 -45.24
N LEU E 60 34.39 4.88 -45.49
CA LEU E 60 33.78 4.89 -46.83
C LEU E 60 34.68 5.58 -47.84
N ASP E 61 35.57 6.46 -47.39
CA ASP E 61 36.56 7.03 -48.30
C ASP E 61 37.68 6.03 -48.57
N LYS E 62 38.02 5.22 -47.57
CA LYS E 62 39.05 4.20 -47.73
C LYS E 62 38.59 3.09 -48.67
N LEU E 63 37.37 2.58 -48.45
CA LEU E 63 36.85 1.47 -49.24
C LEU E 63 36.56 1.87 -50.68
N GLU E 64 36.37 3.17 -50.93
CA GLU E 64 36.19 3.66 -52.30
C GLU E 64 37.45 3.49 -53.12
N ARG E 65 38.62 3.65 -52.49
CA ARG E 65 39.89 3.50 -53.18
C ARG E 65 40.23 2.05 -53.49
N ARG E 66 39.55 1.08 -52.87
CA ARG E 66 39.74 -0.32 -53.16
C ARG E 66 38.63 -0.89 -54.03
N GLY E 67 37.98 -0.06 -54.84
CA GLY E 67 37.05 -0.55 -55.83
C GLY E 67 35.69 -0.95 -55.31
N PHE E 68 35.26 -0.38 -54.19
CA PHE E 68 33.91 -0.60 -53.67
C PHE E 68 33.05 0.62 -53.95
N ARG E 69 31.76 0.47 -53.79
CA ARG E 69 30.81 1.56 -53.95
C ARG E 69 29.54 1.19 -53.18
N VAL E 70 28.98 2.16 -52.47
CA VAL E 70 27.81 1.93 -51.62
C VAL E 70 26.60 1.65 -52.49
N LEU E 71 26.03 0.47 -52.32
CA LEU E 71 24.72 0.18 -52.87
C LEU E 71 23.63 0.86 -52.06
N SER E 72 23.51 0.49 -50.80
CA SER E 72 22.38 0.91 -49.98
C SER E 72 22.86 1.11 -48.55
N MET E 73 22.45 2.23 -47.98
CA MET E 73 22.57 2.51 -46.56
C MET E 73 21.20 2.34 -45.93
N THR E 74 21.13 1.67 -44.78
CA THR E 74 19.88 1.59 -44.05
C THR E 74 20.15 1.54 -42.57
N GLY E 75 19.10 1.77 -41.80
CA GLY E 75 19.18 1.82 -40.35
C GLY E 75 18.26 0.78 -39.75
N VAL E 76 18.83 -0.04 -38.88
CA VAL E 76 18.09 -1.10 -38.19
C VAL E 76 18.38 -0.95 -36.70
N GLY E 77 17.35 -0.60 -35.94
CA GLY E 77 17.57 -0.27 -34.54
C GLY E 77 18.30 1.05 -34.40
N GLN E 78 19.29 1.08 -33.52
CA GLN E 78 20.22 2.20 -33.33
C GLN E 78 21.42 2.11 -34.26
N THR E 79 21.48 1.06 -35.07
CA THR E 79 22.60 0.74 -35.93
C THR E 79 22.32 1.33 -37.31
N LEU E 80 23.37 1.68 -38.02
CA LEU E 80 23.26 2.20 -39.38
C LEU E 80 24.23 1.42 -40.25
N VAL E 81 23.71 0.67 -41.23
CA VAL E 81 24.47 -0.31 -41.99
C VAL E 81 24.64 0.15 -43.42
N TRP E 82 25.87 0.06 -43.94
CA TRP E 82 26.20 0.35 -45.33
C TRP E 82 26.55 -0.94 -46.05
N CYS E 83 26.05 -1.11 -47.27
CA CYS E 83 26.33 -2.28 -48.09
C CYS E 83 27.14 -1.82 -49.28
N LEU E 84 28.31 -2.42 -49.46
CA LEU E 84 29.22 -2.01 -50.52
C LEU E 84 29.48 -3.19 -51.44
N HIS E 85 29.40 -2.95 -52.74
CA HIS E 85 29.66 -3.99 -53.70
C HIS E 85 30.94 -3.71 -54.49
N PRO F 5 34.75 11.90 -50.98
CA PRO F 5 33.67 11.55 -51.91
C PRO F 5 32.32 11.38 -51.23
N TYR F 6 32.27 10.73 -50.07
CA TYR F 6 31.02 10.49 -49.37
C TYR F 6 30.78 11.58 -48.33
N LEU F 7 29.51 11.90 -48.11
CA LEU F 7 29.12 12.98 -47.21
C LEU F 7 27.75 12.70 -46.63
N LEU F 8 27.69 12.59 -45.31
CA LEU F 8 26.51 12.14 -44.58
C LEU F 8 25.89 13.29 -43.83
N ILE F 9 24.71 13.73 -44.25
CA ILE F 9 23.98 14.78 -43.56
C ILE F 9 22.74 14.16 -42.92
N SER F 10 22.26 14.77 -41.84
CA SER F 10 21.20 14.20 -41.04
C SER F 10 20.35 15.29 -40.41
N THR F 11 19.09 14.97 -40.13
CA THR F 11 18.15 15.84 -39.44
C THR F 11 17.33 14.99 -38.48
N GLN F 12 16.36 15.61 -37.82
CA GLN F 12 15.42 14.89 -36.96
C GLN F 12 14.15 14.55 -37.75
N ILE F 13 13.08 14.19 -37.04
CA ILE F 13 12.01 13.43 -37.69
C ILE F 13 11.12 14.33 -38.54
N ARG F 14 10.99 15.61 -38.17
CA ARG F 14 10.30 16.60 -39.00
C ARG F 14 11.36 17.21 -39.90
N MET F 15 11.36 16.82 -41.17
CA MET F 15 12.40 17.30 -42.08
C MET F 15 12.03 18.65 -42.69
N GLU F 16 10.88 19.20 -42.30
CA GLU F 16 10.52 20.57 -42.67
C GLU F 16 11.36 21.59 -41.90
N VAL F 17 11.81 21.21 -40.70
CA VAL F 17 12.50 22.13 -39.80
C VAL F 17 13.89 21.58 -39.53
N GLY F 18 14.85 22.47 -39.31
CA GLY F 18 16.20 22.08 -39.01
C GLY F 18 16.41 21.95 -37.51
N PRO F 19 17.67 21.92 -37.06
CA PRO F 19 18.95 21.99 -37.78
C PRO F 19 19.31 20.72 -38.51
N THR F 20 20.11 20.82 -39.57
CA THR F 20 20.64 19.63 -40.22
C THR F 20 22.15 19.61 -40.06
N MET F 21 22.66 18.53 -39.48
CA MET F 21 24.10 18.36 -39.33
C MET F 21 24.73 18.03 -40.67
N VAL F 22 25.96 18.47 -40.86
CA VAL F 22 26.64 18.42 -42.16
C VAL F 22 28.03 17.83 -42.10
N GLY F 23 28.61 17.62 -40.92
CA GLY F 23 29.96 17.12 -40.87
C GLY F 23 30.41 16.77 -39.47
N ASP F 24 31.57 16.14 -39.41
CA ASP F 24 32.26 15.72 -38.21
C ASP F 24 33.54 16.55 -38.03
N GLU F 25 34.37 16.13 -37.08
CA GLU F 25 35.56 16.89 -36.69
C GLU F 25 36.57 17.07 -37.82
N GLN F 26 36.69 16.07 -38.70
CA GLN F 26 37.63 16.13 -39.81
C GLN F 26 36.94 16.38 -41.14
N SER F 27 35.88 17.17 -41.16
CA SER F 27 35.22 17.51 -42.41
C SER F 27 35.89 18.71 -43.07
N ASP F 28 35.64 18.87 -44.37
CA ASP F 28 36.31 19.86 -45.21
C ASP F 28 35.90 21.29 -44.83
N PRO F 29 36.84 22.12 -44.36
CA PRO F 29 36.44 23.44 -43.86
C PRO F 29 36.10 24.44 -44.96
N GLU F 30 36.45 24.14 -46.21
CA GLU F 30 35.99 24.97 -47.31
C GLU F 30 34.53 24.69 -47.63
N LEU F 31 34.16 23.41 -47.66
CA LEU F 31 32.79 23.04 -48.01
C LEU F 31 31.83 23.34 -46.88
N MET F 32 32.30 23.27 -45.63
CA MET F 32 31.47 23.69 -44.51
C MET F 32 31.30 25.20 -44.50
N GLN F 33 32.27 25.94 -45.07
CA GLN F 33 32.18 27.39 -45.14
C GLN F 33 31.12 27.83 -46.16
N HIS F 34 30.98 27.06 -47.25
CA HIS F 34 29.97 27.38 -48.25
C HIS F 34 28.57 27.05 -47.74
N LEU F 35 28.44 26.00 -46.94
CA LEU F 35 27.13 25.66 -46.40
C LEU F 35 26.72 26.56 -45.24
N GLY F 36 27.66 27.32 -44.68
CA GLY F 36 27.33 28.19 -43.57
C GLY F 36 27.28 27.50 -42.23
N ALA F 37 28.19 26.57 -41.99
CA ALA F 37 28.11 25.74 -40.80
C ALA F 37 28.86 26.36 -39.63
N SER F 38 28.24 26.31 -38.46
CA SER F 38 28.88 26.61 -37.20
C SER F 38 29.39 25.30 -36.61
N LYS F 39 30.27 25.39 -35.62
CA LYS F 39 30.84 24.19 -35.01
C LYS F 39 30.68 24.22 -33.50
N ARG F 40 29.93 23.27 -32.96
CA ARG F 40 29.64 23.28 -31.53
C ARG F 40 29.94 21.92 -30.91
N ARG F 41 30.05 21.94 -29.59
CA ARG F 41 30.05 20.72 -28.78
C ARG F 41 28.81 20.79 -27.90
N ALA F 42 27.80 20.00 -28.24
CA ALA F 42 26.61 19.94 -27.42
C ALA F 42 26.93 19.22 -26.11
N LEU F 43 26.20 19.58 -25.07
CA LEU F 43 26.49 19.09 -23.72
C LEU F 43 26.16 17.61 -23.59
N GLY F 44 27.07 16.86 -22.98
CA GLY F 44 26.95 15.42 -22.88
C GLY F 44 27.60 14.66 -24.02
N ASN F 45 27.85 15.32 -25.15
CA ASN F 45 28.57 14.73 -26.27
C ASN F 45 30.07 14.93 -26.08
N ASN F 46 30.85 13.93 -26.48
CA ASN F 46 32.29 13.99 -26.36
C ASN F 46 32.96 14.19 -27.72
N PHE F 47 32.34 14.97 -28.59
CA PHE F 47 32.84 15.19 -29.94
C PHE F 47 32.29 16.50 -30.46
N TYR F 48 32.98 17.05 -31.47
CA TYR F 48 32.58 18.26 -32.15
C TYR F 48 31.77 17.90 -33.39
N GLU F 49 30.98 18.85 -33.86
CA GLU F 49 30.16 18.64 -35.04
C GLU F 49 29.87 19.97 -35.73
N TYR F 50 29.60 19.88 -37.03
CA TYR F 50 29.13 21.02 -37.81
C TYR F 50 27.62 20.93 -37.97
N TYR F 51 26.99 22.07 -38.18
CA TYR F 51 25.53 22.15 -38.25
C TYR F 51 25.15 23.48 -38.88
N VAL F 52 24.01 23.48 -39.55
CA VAL F 52 23.44 24.70 -40.11
C VAL F 52 22.02 24.83 -39.57
N ASP F 53 21.44 26.02 -39.76
CA ASP F 53 20.08 26.25 -39.27
C ASP F 53 19.01 25.96 -40.32
N ASP F 54 19.40 25.44 -41.48
CA ASP F 54 18.47 25.28 -42.58
C ASP F 54 17.72 23.95 -42.49
N PRO F 55 16.62 23.80 -43.21
CA PRO F 55 16.07 22.46 -43.45
C PRO F 55 17.01 21.62 -44.29
N PRO F 56 16.84 20.29 -44.29
CA PRO F 56 17.72 19.46 -45.12
C PRO F 56 17.53 19.61 -46.62
N ARG F 57 16.36 20.03 -47.10
CA ARG F 57 16.14 20.09 -48.53
C ARG F 57 16.87 21.30 -49.15
N ILE F 58 17.01 22.37 -48.37
CA ILE F 58 17.81 23.52 -48.81
C ILE F 58 19.28 23.14 -48.94
N VAL F 59 19.78 22.35 -48.00
CA VAL F 59 21.16 21.89 -48.04
C VAL F 59 21.38 20.90 -49.17
N LEU F 60 20.36 20.09 -49.49
CA LEU F 60 20.47 19.18 -50.63
C LEU F 60 20.45 19.94 -51.95
N ASP F 61 19.90 21.15 -51.97
CA ASP F 61 20.00 21.98 -53.16
C ASP F 61 21.38 22.62 -53.26
N LYS F 62 21.98 22.96 -52.11
CA LYS F 62 23.32 23.52 -52.08
C LYS F 62 24.37 22.50 -52.51
N LEU F 63 24.30 21.30 -51.93
CA LEU F 63 25.30 20.27 -52.21
C LEU F 63 25.19 19.74 -53.64
N GLU F 64 24.04 19.90 -54.28
CA GLU F 64 23.89 19.51 -55.67
C GLU F 64 24.73 20.39 -56.58
N ARG F 65 24.86 21.67 -56.24
CA ARG F 65 25.66 22.60 -57.03
C ARG F 65 27.16 22.38 -56.88
N ARG F 66 27.59 21.63 -55.88
CA ARG F 66 28.99 21.28 -55.70
C ARG F 66 29.30 19.86 -56.14
N GLY F 67 28.53 19.31 -57.06
CA GLY F 67 28.87 18.03 -57.66
C GLY F 67 28.57 16.81 -56.82
N PHE F 68 27.61 16.90 -55.91
CA PHE F 68 27.16 15.75 -55.14
C PHE F 68 25.82 15.28 -55.67
N ARG F 69 25.43 14.07 -55.27
CA ARG F 69 24.14 13.51 -55.63
C ARG F 69 23.79 12.45 -54.59
N VAL F 70 22.53 12.44 -54.17
CA VAL F 70 22.07 11.53 -53.11
C VAL F 70 22.07 10.10 -53.63
N LEU F 71 22.87 9.26 -52.98
CA LEU F 71 22.77 7.82 -53.18
C LEU F 71 21.54 7.27 -52.49
N SER F 72 21.50 7.38 -51.17
CA SER F 72 20.50 6.72 -50.37
C SER F 72 20.13 7.60 -49.20
N MET F 73 18.83 7.73 -48.97
CA MET F 73 18.26 8.31 -47.77
C MET F 73 17.73 7.17 -46.92
N THR F 74 18.00 7.22 -45.62
CA THR F 74 17.41 6.25 -44.71
C THR F 74 17.18 6.88 -43.36
N GLY F 75 16.38 6.20 -42.55
CA GLY F 75 15.99 6.68 -41.24
C GLY F 75 16.40 5.69 -40.18
N VAL F 76 17.12 6.18 -39.19
CA VAL F 76 17.61 5.38 -38.07
C VAL F 76 17.20 6.08 -36.78
N GLY F 77 16.30 5.46 -36.03
CA GLY F 77 15.73 6.15 -34.88
C GLY F 77 14.79 7.25 -35.32
N GLN F 78 14.92 8.41 -34.67
CA GLN F 78 14.24 9.64 -35.03
C GLN F 78 15.01 10.47 -36.05
N THR F 79 16.17 9.98 -36.46
CA THR F 79 17.10 10.67 -37.33
C THR F 79 16.83 10.22 -38.76
N LEU F 80 17.10 11.10 -39.72
CA LEU F 80 16.94 10.79 -41.13
C LEU F 80 18.24 11.19 -41.82
N VAL F 81 18.95 10.22 -42.39
CA VAL F 81 20.31 10.40 -42.88
C VAL F 81 20.33 10.31 -44.40
N TRP F 82 21.00 11.26 -45.05
CA TRP F 82 21.24 11.27 -46.49
C TRP F 82 22.71 10.99 -46.77
N CYS F 83 22.98 10.16 -47.77
CA CYS F 83 24.34 9.83 -48.17
C CYS F 83 24.55 10.39 -49.57
N LEU F 84 25.56 11.23 -49.73
CA LEU F 84 25.82 11.89 -50.98
C LEU F 84 27.21 11.50 -51.49
N HIS F 85 27.29 11.16 -52.76
CA HIS F 85 28.58 10.82 -53.35
C HIS F 85 29.02 11.85 -54.38
N PRO G 5 -37.11 -1.16 50.73
CA PRO G 5 -36.01 -0.98 51.67
C PRO G 5 -34.69 -0.62 50.99
N TYR G 6 -34.37 -1.25 49.86
CA TYR G 6 -33.13 -0.97 49.15
C TYR G 6 -33.35 0.07 48.06
N LEU G 7 -32.32 0.86 47.81
CA LEU G 7 -32.40 1.97 46.86
C LEU G 7 -31.02 2.25 46.28
N LEU G 8 -30.92 2.11 44.96
CA LEU G 8 -29.64 2.15 44.25
C LEU G 8 -29.55 3.42 43.42
N ILE G 9 -28.65 4.32 43.82
CA ILE G 9 -28.42 5.55 43.07
C ILE G 9 -27.03 5.47 42.45
N SER G 10 -26.83 6.17 41.33
CA SER G 10 -25.61 6.05 40.55
C SER G 10 -25.30 7.36 39.86
N THR G 11 -24.01 7.57 39.58
CA THR G 11 -23.51 8.72 38.84
C THR G 11 -22.40 8.25 37.92
N GLN G 12 -21.76 9.18 37.21
CA GLN G 12 -20.61 8.88 36.39
C GLN G 12 -19.32 9.12 37.17
N ILE G 13 -18.18 9.20 36.47
CA ILE G 13 -16.91 8.98 37.15
C ILE G 13 -16.46 10.22 37.95
N ARG G 14 -16.88 11.41 37.51
CA ARG G 14 -16.67 12.63 38.29
C ARG G 14 -17.89 12.81 39.16
N MET G 15 -17.75 12.50 40.45
CA MET G 15 -18.90 12.56 41.34
C MET G 15 -19.13 13.97 41.88
N GLU G 16 -18.32 14.93 41.46
CA GLU G 16 -18.56 16.34 41.75
C GLU G 16 -19.73 16.88 40.94
N VAL G 17 -19.98 16.29 39.78
CA VAL G 17 -20.96 16.79 38.83
C VAL G 17 -22.00 15.70 38.60
N GLY G 18 -23.25 16.11 38.37
CA GLY G 18 -24.31 15.19 38.08
C GLY G 18 -24.43 14.91 36.61
N PRO G 19 -25.56 14.34 36.16
CA PRO G 19 -26.77 13.91 36.89
C PRO G 19 -26.57 12.63 37.69
N THR G 20 -27.36 12.45 38.74
CA THR G 20 -27.35 11.18 39.46
C THR G 20 -28.71 10.52 39.32
N MET G 21 -28.72 9.30 38.80
CA MET G 21 -29.96 8.55 38.67
C MET G 21 -30.41 8.06 40.03
N VAL G 22 -31.73 7.95 40.21
CA VAL G 22 -32.34 7.70 41.51
C VAL G 22 -33.36 6.58 41.50
N GLY G 23 -33.78 6.10 40.34
CA GLY G 23 -34.80 5.07 40.34
C GLY G 23 -35.05 4.51 38.95
N ASP G 24 -35.85 3.44 38.94
CA ASP G 24 -36.29 2.71 37.76
C ASP G 24 -37.80 2.93 37.56
N GLU G 25 -38.37 2.16 36.63
CA GLU G 25 -39.76 2.34 36.21
C GLU G 25 -40.76 2.13 37.36
N GLN G 26 -40.47 1.23 38.28
CA GLN G 26 -41.36 0.95 39.40
C GLN G 26 -40.86 1.53 40.71
N SER G 27 -40.22 2.69 40.68
CA SER G 27 -39.77 3.32 41.90
C SER G 27 -40.88 4.17 42.50
N ASP G 28 -40.74 4.48 43.80
CA ASP G 28 -41.76 5.16 44.59
C ASP G 28 -41.98 6.60 44.14
N PRO G 29 -43.17 6.95 43.63
CA PRO G 29 -43.36 8.29 43.07
C PRO G 29 -43.47 9.38 44.11
N GLU G 30 -43.67 9.04 45.39
CA GLU G 30 -43.61 10.03 46.44
C GLU G 30 -42.17 10.39 46.76
N LEU G 31 -41.30 9.38 46.85
CA LEU G 31 -39.90 9.63 47.20
C LEU G 31 -39.14 10.25 46.03
N MET G 32 -39.52 9.92 44.81
CA MET G 32 -38.94 10.60 43.66
C MET G 32 -39.40 12.05 43.58
N GLN G 33 -40.60 12.34 44.11
CA GLN G 33 -41.12 13.70 44.12
C GLN G 33 -40.35 14.58 45.10
N HIS G 34 -39.91 14.00 46.22
CA HIS G 34 -39.14 14.77 47.19
C HIS G 34 -37.71 15.02 46.69
N LEU G 35 -37.16 14.08 45.94
CA LEU G 35 -35.83 14.28 45.40
C LEU G 35 -35.81 15.21 44.20
N GLY G 36 -36.97 15.49 43.61
CA GLY G 36 -37.02 16.36 42.46
C GLY G 36 -36.67 15.68 41.16
N ALA G 37 -37.11 14.45 40.96
CA ALA G 37 -36.68 13.68 39.82
C ALA G 37 -37.61 13.86 38.63
N SER G 38 -37.01 14.02 37.46
CA SER G 38 -37.71 13.97 36.18
C SER G 38 -37.62 12.54 35.66
N LYS G 39 -38.44 12.21 34.68
CA LYS G 39 -38.47 10.85 34.14
C LYS G 39 -38.32 10.88 32.62
N ARG G 40 -37.23 10.28 32.13
CA ARG G 40 -36.96 10.35 30.70
C ARG G 40 -36.66 8.97 30.14
N ARG G 41 -36.75 8.87 28.83
CA ARG G 41 -36.25 7.73 28.08
C ARG G 41 -35.14 8.26 27.18
N ALA G 42 -33.89 7.97 27.55
CA ALA G 42 -32.77 8.37 26.72
C ALA G 42 -32.75 7.51 25.45
N LEU G 43 -32.21 8.09 24.39
CA LEU G 43 -32.28 7.46 23.07
C LEU G 43 -31.36 6.25 23.00
N GLY G 44 -31.87 5.16 22.45
CA GLY G 44 -31.17 3.89 22.42
C GLY G 44 -31.47 2.99 23.60
N ASN G 45 -31.97 3.54 24.69
CA ASN G 45 -32.39 2.76 25.84
C ASN G 45 -33.84 2.33 25.66
N ASN G 46 -34.14 1.10 26.11
CA ASN G 46 -35.48 0.55 26.02
C ASN G 46 -36.18 0.52 27.37
N PHE G 47 -35.95 1.54 28.20
CA PHE G 47 -36.51 1.59 29.54
C PHE G 47 -36.56 3.04 29.99
N TYR G 48 -37.42 3.30 30.97
CA TYR G 48 -37.56 4.60 31.59
C TYR G 48 -36.69 4.66 32.84
N GLU G 49 -36.37 5.89 33.26
CA GLU G 49 -35.55 6.09 34.44
C GLU G 49 -35.84 7.44 35.06
N TYR G 50 -35.59 7.55 36.35
CA TYR G 50 -35.64 8.81 37.08
C TYR G 50 -34.22 9.36 37.22
N TYR G 51 -34.11 10.68 37.37
CA TYR G 51 -32.83 11.35 37.42
C TYR G 51 -33.03 12.74 37.98
N VAL G 52 -32.00 13.26 38.64
CA VAL G 52 -31.99 14.63 39.13
C VAL G 52 -30.75 15.31 38.58
N ASP G 53 -30.71 16.64 38.70
CA ASP G 53 -29.57 17.39 38.19
C ASP G 53 -28.48 17.61 39.24
N ASP G 54 -28.64 17.04 40.42
CA ASP G 54 -27.74 17.33 41.52
C ASP G 54 -26.50 16.42 41.48
N PRO G 55 -25.44 16.78 42.21
CA PRO G 55 -24.40 15.81 42.50
C PRO G 55 -24.92 14.69 43.38
N PRO G 56 -24.21 13.55 43.45
CA PRO G 56 -24.67 12.46 44.34
C PRO G 56 -24.58 12.75 45.83
N ARG G 57 -23.70 13.66 46.26
CA ARG G 57 -23.55 13.87 47.70
C ARG G 57 -24.70 14.69 48.25
N ILE G 58 -25.28 15.57 47.43
CA ILE G 58 -26.47 16.31 47.82
C ILE G 58 -27.66 15.36 47.99
N VAL G 59 -27.78 14.39 47.09
CA VAL G 59 -28.85 13.40 47.16
C VAL G 59 -28.65 12.47 48.35
N LEU G 60 -27.39 12.17 48.69
CA LEU G 60 -27.13 11.35 49.87
C LEU G 60 -27.44 12.11 51.16
N ASP G 61 -27.43 13.44 51.12
CA ASP G 61 -27.88 14.21 52.26
C ASP G 61 -29.40 14.22 52.34
N LYS G 62 -30.08 14.22 51.19
CA LYS G 62 -31.54 14.19 51.14
C LYS G 62 -32.06 12.85 51.63
N LEU G 63 -31.50 11.76 51.12
CA LEU G 63 -31.99 10.42 51.45
C LEU G 63 -31.69 10.05 52.90
N GLU G 64 -30.71 10.71 53.52
CA GLU G 64 -30.42 10.48 54.93
C GLU G 64 -31.57 10.99 55.81
N ARG G 65 -32.21 12.07 55.40
CA ARG G 65 -33.34 12.62 56.16
C ARG G 65 -34.61 11.79 56.03
N ARG G 66 -34.68 10.88 55.07
CA ARG G 66 -35.81 9.98 54.92
C ARG G 66 -35.50 8.58 55.43
N GLY G 67 -34.58 8.45 56.37
CA GLY G 67 -34.37 7.17 57.03
C GLY G 67 -33.58 6.15 56.26
N PHE G 68 -32.74 6.58 55.33
CA PHE G 68 -31.85 5.68 54.61
C PHE G 68 -30.44 5.82 55.16
N ARG G 69 -29.58 4.88 54.82
CA ARG G 69 -28.18 4.92 55.19
C ARG G 69 -27.41 4.05 54.20
N VAL G 70 -26.25 4.54 53.76
CA VAL G 70 -25.45 3.86 52.75
C VAL G 70 -24.86 2.58 53.33
N LEU G 71 -25.23 1.45 52.73
CA LEU G 71 -24.55 0.20 53.00
C LEU G 71 -23.20 0.16 52.33
N SER G 72 -23.19 0.22 51.00
CA SER G 72 -21.98 -0.01 50.23
C SER G 72 -22.00 0.88 49.01
N MET G 73 -20.88 1.53 48.76
CA MET G 73 -20.58 2.23 47.53
C MET G 73 -19.63 1.38 46.73
N THR G 74 -19.87 1.25 45.43
CA THR G 74 -18.93 0.57 44.56
C THR G 74 -18.96 1.17 43.18
N GLY G 75 -17.94 0.85 42.40
CA GLY G 75 -17.77 1.38 41.06
C GLY G 75 -17.72 0.25 40.06
N VAL G 76 -18.57 0.36 39.05
CA VAL G 76 -18.67 -0.63 37.99
C VAL G 76 -18.58 0.12 36.66
N GLY G 77 -17.50 -0.11 35.93
CA GLY G 77 -17.25 0.69 34.74
C GLY G 77 -16.85 2.11 35.11
N GLN G 78 -17.45 3.08 34.41
CA GLN G 78 -17.34 4.50 34.70
C GLN G 78 -18.39 4.98 35.69
N THR G 79 -19.25 4.07 36.13
CA THR G 79 -20.40 4.35 36.98
C THR G 79 -19.97 4.13 38.42
N LEU G 80 -20.59 4.87 39.34
CA LEU G 80 -20.34 4.71 40.76
C LEU G 80 -21.69 4.58 41.44
N VAL G 81 -21.94 3.43 42.08
CA VAL G 81 -23.27 3.06 42.56
C VAL G 81 -23.26 3.03 44.09
N TRP G 82 -24.27 3.65 44.69
CA TRP G 82 -24.50 3.64 46.14
C TRP G 82 -25.73 2.80 46.45
N CYS G 83 -25.64 1.97 47.48
CA CYS G 83 -26.76 1.12 47.92
C CYS G 83 -27.19 1.62 49.29
N LEU G 84 -28.46 1.97 49.42
CA LEU G 84 -28.98 2.52 50.64
C LEU G 84 -30.09 1.62 51.18
N HIS G 85 -30.04 1.34 52.46
CA HIS G 85 -31.07 0.52 53.09
C HIS G 85 -31.92 1.34 54.05
N PRO H 5 -23.62 15.47 56.16
CA PRO H 5 -23.20 14.22 56.79
C PRO H 5 -22.25 13.40 55.93
N TYR H 6 -22.51 13.30 54.63
CA TYR H 6 -21.68 12.51 53.73
C TYR H 6 -20.63 13.39 53.07
N LEU H 7 -19.47 12.80 52.79
CA LEU H 7 -18.33 13.53 52.25
C LEU H 7 -17.45 12.59 51.44
N LEU H 8 -17.32 12.90 50.16
CA LEU H 8 -16.68 12.02 49.18
C LEU H 8 -15.34 12.60 48.76
N ILE H 9 -14.25 11.95 49.14
CA ILE H 9 -12.92 12.36 48.73
C ILE H 9 -12.35 11.31 47.78
N SER H 10 -11.46 11.73 46.89
CA SER H 10 -10.96 10.87 45.82
C SER H 10 -9.53 11.23 45.46
N THR H 11 -8.81 10.24 44.94
CA THR H 11 -7.45 10.39 44.46
C THR H 11 -7.31 9.56 43.18
N GLN H 12 -6.10 9.52 42.63
CA GLN H 12 -5.79 8.68 41.49
C GLN H 12 -5.21 7.34 41.96
N ILE H 13 -4.59 6.59 41.05
CA ILE H 13 -4.44 5.16 41.28
C ILE H 13 -3.27 4.88 42.25
N ARG H 14 -2.27 5.77 42.29
CA ARG H 14 -1.21 5.69 43.29
C ARG H 14 -1.67 6.53 44.47
N MET H 15 -2.11 5.88 45.55
CA MET H 15 -2.65 6.63 46.68
C MET H 15 -1.54 7.07 47.63
N GLU H 16 -0.29 6.79 47.30
CA GLU H 16 0.85 7.34 48.02
C GLU H 16 1.04 8.82 47.72
N VAL H 17 0.62 9.25 46.54
CA VAL H 17 0.86 10.60 46.07
C VAL H 17 -0.49 11.27 45.81
N GLY H 18 -0.54 12.58 46.01
CA GLY H 18 -1.74 13.34 45.77
C GLY H 18 -1.79 13.86 44.36
N PRO H 19 -2.67 14.84 44.07
CA PRO H 19 -3.62 15.54 44.93
C PRO H 19 -4.85 14.71 45.27
N THR H 20 -5.50 14.99 46.39
CA THR H 20 -6.77 14.35 46.69
C THR H 20 -7.85 15.42 46.72
N MET H 21 -8.89 15.23 45.90
CA MET H 21 -10.01 16.15 45.89
C MET H 21 -10.86 15.93 47.13
N VAL H 22 -11.49 17.02 47.61
CA VAL H 22 -12.18 17.04 48.89
C VAL H 22 -13.59 17.61 48.82
N GLY H 23 -13.98 18.23 47.71
CA GLY H 23 -15.30 18.83 47.69
C GLY H 23 -15.67 19.33 46.32
N ASP H 24 -16.93 19.73 46.21
CA ASP H 24 -17.56 20.30 45.03
C ASP H 24 -17.89 21.77 45.29
N GLU H 25 -18.66 22.35 44.36
CA GLU H 25 -18.94 23.80 44.38
C GLU H 25 -19.70 24.24 45.62
N GLN H 26 -20.59 23.39 46.15
CA GLN H 26 -21.36 23.72 47.34
C GLN H 26 -20.86 23.01 48.58
N SER H 27 -19.57 22.80 48.72
CA SER H 27 -19.03 22.18 49.92
C SER H 27 -18.78 23.24 50.99
N ASP H 28 -18.67 22.76 52.24
CA ASP H 28 -18.58 23.61 53.43
C ASP H 28 -17.27 24.40 53.46
N PRO H 29 -17.32 25.73 53.40
CA PRO H 29 -16.06 26.50 53.30
C PRO H 29 -15.30 26.58 54.60
N GLU H 30 -15.90 26.22 55.73
CA GLU H 30 -15.15 26.12 56.97
C GLU H 30 -14.33 24.84 57.00
N LEU H 31 -14.94 23.73 56.58
CA LEU H 31 -14.25 22.45 56.62
C LEU H 31 -13.20 22.35 55.53
N MET H 32 -13.44 23.01 54.39
CA MET H 32 -12.39 23.08 53.36
C MET H 32 -11.24 23.96 53.81
N GLN H 33 -11.52 24.93 54.70
CA GLN H 33 -10.47 25.81 55.21
C GLN H 33 -9.55 25.07 56.17
N HIS H 34 -10.10 24.12 56.94
CA HIS H 34 -9.28 23.34 57.85
C HIS H 34 -8.44 22.32 57.11
N LEU H 35 -8.95 21.79 55.99
CA LEU H 35 -8.18 20.84 55.22
C LEU H 35 -7.11 21.52 54.37
N GLY H 36 -7.20 22.84 54.19
CA GLY H 36 -6.23 23.54 53.38
C GLY H 36 -6.48 23.46 51.90
N ALA H 37 -7.74 23.54 51.48
CA ALA H 37 -8.08 23.31 50.10
C ALA H 37 -8.07 24.59 49.29
N SER H 38 -7.49 24.50 48.10
CA SER H 38 -7.58 25.53 47.08
C SER H 38 -8.76 25.20 46.17
N LYS H 39 -9.21 26.16 45.38
CA LYS H 39 -10.36 25.95 44.51
C LYS H 39 -10.01 26.33 43.08
N ARG H 40 -10.06 25.35 42.17
CA ARG H 40 -9.65 25.61 40.80
C ARG H 40 -10.71 25.11 39.83
N ARG H 41 -10.61 25.60 38.59
CA ARG H 41 -11.32 25.06 37.45
C ARG H 41 -10.27 24.53 36.49
N ALA H 42 -10.12 23.21 36.43
CA ALA H 42 -9.19 22.62 35.49
C ALA H 42 -9.75 22.76 34.08
N LEU H 43 -8.83 22.83 33.11
CA LEU H 43 -9.20 23.13 31.74
C LEU H 43 -9.95 21.96 31.11
N GLY H 44 -11.04 22.28 30.41
CA GLY H 44 -11.92 21.27 29.86
C GLY H 44 -13.06 20.86 30.76
N ASN H 45 -12.94 21.11 32.06
CA ASN H 45 -14.01 20.86 33.01
C ASN H 45 -14.91 22.07 33.09
N ASN H 46 -16.21 21.81 33.25
CA ASN H 46 -17.21 22.87 33.34
C ASN H 46 -17.74 23.03 34.76
N PHE H 47 -16.86 22.85 35.75
CA PHE H 47 -17.25 22.92 37.16
C PHE H 47 -16.03 23.26 37.99
N TYR H 48 -16.29 23.77 39.19
CA TYR H 48 -15.26 24.08 40.16
C TYR H 48 -15.09 22.91 41.12
N GLU H 49 -13.93 22.86 41.77
CA GLU H 49 -13.64 21.79 42.70
C GLU H 49 -12.62 22.26 43.73
N TYR H 50 -12.65 21.62 44.89
CA TYR H 50 -11.65 21.81 45.93
C TYR H 50 -10.63 20.67 45.87
N TYR H 51 -9.43 20.92 46.34
CA TYR H 51 -8.33 19.97 46.24
C TYR H 51 -7.24 20.39 47.20
N VAL H 52 -6.49 19.41 47.70
CA VAL H 52 -5.34 19.65 48.54
C VAL H 52 -4.15 18.95 47.89
N ASP H 53 -2.95 19.27 48.37
CA ASP H 53 -1.74 18.66 47.83
C ASP H 53 -1.31 17.41 48.58
N ASP H 54 -2.08 16.97 49.55
CA ASP H 54 -1.67 15.88 50.42
C ASP H 54 -2.03 14.52 49.82
N PRO H 55 -1.42 13.44 50.31
CA PRO H 55 -1.97 12.12 50.05
C PRO H 55 -3.33 11.94 50.70
N PRO H 56 -4.12 10.94 50.26
CA PRO H 56 -5.43 10.72 50.89
C PRO H 56 -5.38 10.23 52.32
N ARG H 57 -4.31 9.57 52.75
CA ARG H 57 -4.30 9.02 54.10
C ARG H 57 -4.08 10.10 55.14
N ILE H 58 -3.35 11.16 54.77
CA ILE H 58 -3.21 12.33 55.65
C ILE H 58 -4.54 13.03 55.84
N VAL H 59 -5.32 13.15 54.76
CA VAL H 59 -6.64 13.78 54.83
C VAL H 59 -7.61 12.90 55.61
N LEU H 60 -7.47 11.58 55.53
CA LEU H 60 -8.31 10.70 56.33
C LEU H 60 -7.96 10.77 57.80
N ASP H 61 -6.74 11.19 58.14
CA ASP H 61 -6.41 11.44 59.53
C ASP H 61 -6.98 12.77 60.00
N LYS H 62 -7.04 13.76 59.09
CA LYS H 62 -7.61 15.06 59.41
C LYS H 62 -9.11 14.96 59.62
N LEU H 63 -9.82 14.30 58.71
CA LEU H 63 -11.27 14.20 58.76
C LEU H 63 -11.74 13.33 59.92
N GLU H 64 -10.88 12.45 60.43
CA GLU H 64 -11.22 11.66 61.60
C GLU H 64 -11.34 12.53 62.85
N ARG H 65 -10.53 13.58 62.93
CA ARG H 65 -10.58 14.48 64.08
C ARG H 65 -11.79 15.41 64.05
N ARG H 66 -12.49 15.52 62.92
CA ARG H 66 -13.71 16.30 62.82
C ARG H 66 -14.95 15.44 62.83
N GLY H 67 -14.89 14.24 63.42
CA GLY H 67 -16.08 13.44 63.63
C GLY H 67 -16.58 12.69 62.42
N PHE H 68 -15.71 12.39 61.47
CA PHE H 68 -16.07 11.56 60.33
C PHE H 68 -15.50 10.16 60.52
N ARG H 69 -15.97 9.23 59.71
CA ARG H 69 -15.48 7.86 59.71
C ARG H 69 -15.81 7.25 58.36
N VAL H 70 -14.85 6.51 57.79
CA VAL H 70 -14.99 5.93 56.47
C VAL H 70 -16.04 4.83 56.50
N LEU H 71 -17.10 5.01 55.72
CA LEU H 71 -18.03 3.93 55.44
C LEU H 71 -17.43 2.94 54.47
N SER H 72 -17.15 3.40 53.25
CA SER H 72 -16.77 2.52 52.18
C SER H 72 -15.75 3.23 51.29
N MET H 73 -14.70 2.50 50.96
CA MET H 73 -13.73 2.87 49.94
C MET H 73 -14.01 2.03 48.72
N THR H 74 -14.01 2.64 47.54
CA THR H 74 -14.12 1.88 46.31
C THR H 74 -13.34 2.57 45.20
N GLY H 75 -13.12 1.83 44.13
CA GLY H 75 -12.34 2.28 43.00
C GLY H 75 -13.18 2.24 41.74
N VAL H 76 -13.23 3.36 41.05
CA VAL H 76 -13.98 3.51 39.81
C VAL H 76 -13.04 4.10 38.78
N GLY H 77 -12.71 3.32 37.76
CA GLY H 77 -11.69 3.75 36.82
C GLY H 77 -10.31 3.71 37.45
N GLN H 78 -9.54 4.76 37.23
CA GLN H 78 -8.25 5.00 37.86
C GLN H 78 -8.38 5.75 39.18
N THR H 79 -9.60 6.09 39.56
CA THR H 79 -9.93 6.91 40.71
C THR H 79 -10.22 5.98 41.88
N LEU H 80 -9.94 6.44 43.09
CA LEU H 80 -10.23 5.70 44.30
C LEU H 80 -10.98 6.63 45.25
N VAL H 81 -12.23 6.28 45.57
CA VAL H 81 -13.15 7.18 46.26
C VAL H 81 -13.43 6.65 47.66
N TRP H 82 -13.36 7.55 48.65
CA TRP H 82 -13.70 7.27 50.04
C TRP H 82 -14.99 7.99 50.40
N CYS H 83 -15.88 7.31 51.11
CA CYS H 83 -17.14 7.89 51.56
C CYS H 83 -17.09 7.97 53.07
N LEU H 84 -17.28 9.16 53.61
CA LEU H 84 -17.18 9.39 55.04
C LEU H 84 -18.50 9.92 55.56
N HIS H 85 -18.97 9.35 56.66
CA HIS H 85 -20.21 9.81 57.27
C HIS H 85 -19.96 10.47 58.62
N PRO I 5 -4.45 6.72 62.29
CA PRO I 5 -5.53 5.74 62.42
C PRO I 5 -5.76 4.93 61.15
N TYR I 6 -5.73 5.57 59.98
CA TYR I 6 -5.97 4.89 58.73
C TYR I 6 -4.65 4.46 58.09
N LEU I 7 -4.68 3.34 57.38
CA LEU I 7 -3.49 2.74 56.79
C LEU I 7 -3.86 1.95 55.56
N LEU I 8 -3.32 2.36 54.42
CA LEU I 8 -3.70 1.84 53.11
C LEU I 8 -2.59 1.00 52.53
N ILE I 9 -2.82 -0.31 52.43
CA ILE I 9 -1.86 -1.23 51.84
C ILE I 9 -2.43 -1.73 50.51
N SER I 10 -1.56 -2.10 49.59
CA SER I 10 -1.96 -2.44 48.24
C SER I 10 -1.03 -3.48 47.64
N THR I 11 -1.55 -4.26 46.69
CA THR I 11 -0.79 -5.25 45.94
C THR I 11 -1.28 -5.20 44.50
N GLN I 12 -0.75 -6.10 43.67
CA GLN I 12 -1.20 -6.26 42.29
C GLN I 12 -2.26 -7.35 42.21
N ILE I 13 -2.56 -7.83 40.99
CA ILE I 13 -3.82 -8.51 40.77
C ILE I 13 -3.79 -9.96 41.29
N ARG I 14 -2.61 -10.57 41.33
CA ARG I 14 -2.43 -11.87 41.97
C ARG I 14 -2.03 -11.60 43.41
N MET I 15 -2.98 -11.78 44.33
CA MET I 15 -2.71 -11.45 45.73
C MET I 15 -2.03 -12.61 46.45
N GLU I 16 -1.74 -13.69 45.74
CA GLU I 16 -0.92 -14.78 46.28
C GLU I 16 0.54 -14.37 46.37
N VAL I 17 0.96 -13.46 45.51
CA VAL I 17 2.37 -13.08 45.38
C VAL I 17 2.48 -11.59 45.67
N GLY I 18 3.62 -11.19 46.24
CA GLY I 18 3.88 -9.80 46.53
C GLY I 18 4.57 -9.12 45.38
N PRO I 19 5.16 -7.93 45.62
CA PRO I 19 5.27 -7.16 46.85
C PRO I 19 3.99 -6.45 47.25
N THR I 20 3.81 -6.17 48.52
CA THR I 20 2.68 -5.34 48.95
C THR I 20 3.22 -4.06 49.55
N MET I 21 2.78 -2.92 49.00
CA MET I 21 3.18 -1.63 49.53
C MET I 21 2.45 -1.36 50.83
N VAL I 22 3.11 -0.62 51.73
CA VAL I 22 2.64 -0.45 53.10
C VAL I 22 2.62 1.01 53.55
N GLY I 23 3.22 1.93 52.80
CA GLY I 23 3.24 3.29 53.28
C GLY I 23 3.80 4.26 52.24
N ASP I 24 3.67 5.53 52.58
CA ASP I 24 4.14 6.67 51.81
C ASP I 24 5.30 7.34 52.54
N GLU I 25 5.69 8.52 52.03
CA GLU I 25 6.88 9.23 52.53
C GLU I 25 6.78 9.62 54.00
N GLN I 26 5.57 9.95 54.48
CA GLN I 26 5.37 10.34 55.86
C GLN I 26 4.71 9.26 56.69
N SER I 27 5.02 7.99 56.42
CA SER I 27 4.46 6.92 57.23
C SER I 27 5.33 6.66 58.46
N ASP I 28 4.74 6.00 59.45
CA ASP I 28 5.35 5.78 60.76
C ASP I 28 6.56 4.87 60.68
N PRO I 29 7.76 5.35 61.01
CA PRO I 29 8.97 4.53 60.83
C PRO I 29 9.11 3.43 61.85
N GLU I 30 8.37 3.47 62.95
CA GLU I 30 8.37 2.34 63.88
C GLU I 30 7.52 1.20 63.34
N LEU I 31 6.34 1.53 62.79
CA LEU I 31 5.44 0.50 62.30
C LEU I 31 5.95 -0.09 60.99
N MET I 32 6.64 0.71 60.18
CA MET I 32 7.28 0.16 58.99
C MET I 32 8.46 -0.74 59.37
N GLN I 33 9.08 -0.48 60.52
CA GLN I 33 10.19 -1.30 60.98
C GLN I 33 9.72 -2.68 61.43
N HIS I 34 8.51 -2.74 62.02
CA HIS I 34 7.98 -4.03 62.44
C HIS I 34 7.52 -4.86 61.24
N LEU I 35 7.02 -4.19 60.20
CA LEU I 35 6.59 -4.92 59.01
C LEU I 35 7.76 -5.35 58.14
N GLY I 36 8.95 -4.81 58.37
CA GLY I 36 10.10 -5.16 57.57
C GLY I 36 10.17 -4.46 56.24
N ALA I 37 9.83 -3.18 56.20
CA ALA I 37 9.71 -2.48 54.94
C ALA I 37 11.02 -1.81 54.54
N SER I 38 11.36 -1.94 53.26
CA SER I 38 12.43 -1.19 52.63
C SER I 38 11.82 0.05 52.01
N LYS I 39 12.65 1.02 51.65
CA LYS I 39 12.15 2.27 51.08
C LYS I 39 12.87 2.57 49.77
N ARG I 40 12.11 2.60 48.67
CA ARG I 40 12.74 2.80 47.37
C ARG I 40 12.04 3.90 46.59
N ARG I 41 12.73 4.38 45.57
CA ARG I 41 12.15 5.23 44.53
C ARG I 41 12.24 4.46 43.23
N ALA I 42 11.11 3.91 42.78
CA ALA I 42 11.10 3.22 41.50
C ALA I 42 11.25 4.24 40.38
N LEU I 43 11.82 3.78 39.27
CA LEU I 43 12.18 4.67 38.17
C LEU I 43 10.94 5.17 37.45
N GLY I 44 10.92 6.48 37.16
CA GLY I 44 9.75 7.12 36.60
C GLY I 44 8.79 7.68 37.60
N ASN I 45 8.85 7.23 38.85
CA ASN I 45 8.05 7.76 39.94
C ASN I 45 8.77 8.93 40.58
N ASN I 46 8.01 9.95 40.98
CA ASN I 46 8.56 11.13 41.61
C ASN I 46 8.26 11.16 43.11
N PHE I 47 8.27 10.01 43.75
CA PHE I 47 7.95 9.90 45.17
C PHE I 47 8.60 8.64 45.72
N TYR I 48 8.75 8.63 47.05
CA TYR I 48 9.28 7.49 47.77
C TYR I 48 8.13 6.63 48.29
N GLU I 49 8.42 5.38 48.57
CA GLU I 49 7.41 4.45 49.07
C GLU I 49 8.06 3.36 49.90
N TYR I 50 7.27 2.78 50.80
CA TYR I 50 7.66 1.61 51.56
C TYR I 50 7.03 0.38 50.93
N TYR I 51 7.67 -0.78 51.12
CA TYR I 51 7.24 -2.02 50.50
C TYR I 51 7.88 -3.18 51.23
N VAL I 52 7.20 -4.31 51.22
CA VAL I 52 7.74 -5.55 51.77
C VAL I 52 7.66 -6.61 50.68
N ASP I 53 8.35 -7.72 50.90
CA ASP I 53 8.35 -8.81 49.92
C ASP I 53 7.27 -9.84 50.16
N ASP I 54 6.39 -9.62 51.14
CA ASP I 54 5.43 -10.63 51.53
C ASP I 54 4.17 -10.54 50.68
N PRO I 55 3.34 -11.59 50.70
CA PRO I 55 1.96 -11.44 50.21
C PRO I 55 1.17 -10.51 51.10
N PRO I 56 0.03 -9.99 50.62
CA PRO I 56 -0.78 -9.11 51.48
C PRO I 56 -1.45 -9.79 52.65
N ARG I 57 -1.71 -11.10 52.60
CA ARG I 57 -2.42 -11.74 53.69
C ARG I 57 -1.53 -11.94 54.90
N ILE I 58 -0.22 -12.11 54.67
CA ILE I 58 0.74 -12.17 55.77
C ILE I 58 0.83 -10.83 56.48
N VAL I 59 0.81 -9.74 55.71
CA VAL I 59 0.86 -8.40 56.28
C VAL I 59 -0.45 -8.07 57.01
N LEU I 60 -1.58 -8.59 56.52
CA LEU I 60 -2.84 -8.40 57.23
C LEU I 60 -2.88 -9.19 58.53
N ASP I 61 -2.09 -10.24 58.65
CA ASP I 61 -1.96 -10.94 59.93
C ASP I 61 -1.06 -10.16 60.88
N LYS I 62 -0.04 -9.49 60.33
CA LYS I 62 0.86 -8.68 61.14
C LYS I 62 0.16 -7.45 61.68
N LEU I 63 -0.56 -6.73 60.83
CA LEU I 63 -1.22 -5.49 61.22
C LEU I 63 -2.38 -5.74 62.18
N GLU I 64 -2.93 -6.95 62.18
CA GLU I 64 -3.98 -7.30 63.13
C GLU I 64 -3.46 -7.34 64.56
N ARG I 65 -2.19 -7.75 64.72
CA ARG I 65 -1.59 -7.80 66.05
C ARG I 65 -1.22 -6.43 66.58
N ARG I 66 -1.20 -5.40 65.75
CA ARG I 66 -0.95 -4.04 66.18
C ARG I 66 -2.22 -3.21 66.27
N GLY I 67 -3.37 -3.85 66.47
CA GLY I 67 -4.59 -3.12 66.73
C GLY I 67 -5.27 -2.51 65.53
N PHE I 68 -5.06 -3.05 64.34
CA PHE I 68 -5.74 -2.61 63.14
C PHE I 68 -6.82 -3.63 62.79
N ARG I 69 -7.72 -3.23 61.90
CA ARG I 69 -8.75 -4.11 61.38
C ARG I 69 -9.22 -3.55 60.04
N VAL I 70 -9.41 -4.45 59.08
CA VAL I 70 -9.78 -4.05 57.72
C VAL I 70 -11.19 -3.48 57.71
N LEU I 71 -11.31 -2.22 57.31
CA LEU I 71 -12.61 -1.66 56.99
C LEU I 71 -13.10 -2.17 55.65
N SER I 72 -12.38 -1.87 54.59
CA SER I 72 -12.84 -2.11 53.24
C SER I 72 -11.66 -2.49 52.37
N MET I 73 -11.86 -3.54 51.58
CA MET I 73 -10.97 -3.93 50.50
C MET I 73 -11.64 -3.54 49.20
N THR I 74 -10.88 -2.95 48.28
CA THR I 74 -11.41 -2.67 46.96
C THR I 74 -10.30 -2.77 45.93
N GLY I 75 -10.71 -2.84 44.68
CA GLY I 75 -9.80 -3.01 43.56
C GLY I 75 -9.96 -1.85 42.59
N VAL I 76 -8.84 -1.21 42.29
CA VAL I 76 -8.80 -0.08 41.37
C VAL I 76 -7.72 -0.38 40.33
N GLY I 77 -8.13 -0.57 39.09
CA GLY I 77 -7.19 -1.02 38.08
C GLY I 77 -6.79 -2.47 38.31
N GLN I 78 -5.51 -2.75 38.20
CA GLN I 78 -4.89 -4.02 38.53
C GLN I 78 -4.48 -4.11 39.99
N THR I 79 -4.71 -3.05 40.74
CA THR I 79 -4.29 -2.89 42.12
C THR I 79 -5.45 -3.33 43.02
N LEU I 80 -5.11 -3.84 44.20
CA LEU I 80 -6.11 -4.23 45.18
C LEU I 80 -5.72 -3.59 46.51
N VAL I 81 -6.57 -2.70 47.03
CA VAL I 81 -6.22 -1.83 48.15
C VAL I 81 -7.04 -2.23 49.37
N TRP I 82 -6.37 -2.34 50.53
CA TRP I 82 -6.99 -2.59 51.82
C TRP I 82 -6.90 -1.34 52.68
N CYS I 83 -7.98 -1.01 53.38
CA CYS I 83 -8.02 0.14 54.28
C CYS I 83 -8.19 -0.40 55.68
N LEU I 84 -7.27 -0.03 56.56
CA LEU I 84 -7.26 -0.53 57.92
C LEU I 84 -7.38 0.64 58.89
N HIS I 85 -8.27 0.50 59.87
CA HIS I 85 -8.42 1.53 60.87
C HIS I 85 -7.95 1.06 62.24
N PRO J 5 -5.89 -15.13 60.70
CA PRO J 5 -7.22 -14.52 60.83
C PRO J 5 -7.83 -14.13 59.49
N TYR J 6 -7.05 -13.57 58.58
CA TYR J 6 -7.55 -13.14 57.29
C TYR J 6 -7.33 -14.23 56.24
N LEU J 7 -8.25 -14.31 55.28
CA LEU J 7 -8.23 -15.34 54.27
C LEU J 7 -8.89 -14.85 53.00
N LEU J 8 -8.13 -14.81 51.92
CA LEU J 8 -8.52 -14.19 50.66
C LEU J 8 -8.78 -15.25 49.61
N ILE J 9 -10.04 -15.41 49.21
CA ILE J 9 -10.39 -16.35 48.15
C ILE J 9 -10.86 -15.55 46.94
N SER J 10 -10.71 -16.13 45.75
CA SER J 10 -10.95 -15.41 44.51
C SER J 10 -11.43 -16.36 43.43
N THR J 11 -12.18 -15.81 42.48
CA THR J 11 -12.68 -16.54 41.31
C THR J 11 -12.58 -15.61 40.11
N GLN J 12 -13.05 -16.07 38.96
CA GLN J 12 -13.15 -15.25 37.76
C GLN J 12 -14.53 -14.62 37.65
N ILE J 13 -14.87 -14.10 36.46
CA ILE J 13 -15.94 -13.09 36.41
C ILE J 13 -17.32 -13.76 36.48
N ARG J 14 -17.45 -15.01 36.03
CA ARG J 14 -18.67 -15.79 36.22
C ARG J 14 -18.50 -16.54 37.53
N MET J 15 -19.18 -16.07 38.58
CA MET J 15 -19.01 -16.68 39.89
C MET J 15 -19.93 -17.89 40.07
N GLU J 16 -20.70 -18.24 39.03
CA GLU J 16 -21.45 -19.48 39.02
C GLU J 16 -20.54 -20.69 38.84
N VAL J 17 -19.40 -20.50 38.18
CA VAL J 17 -18.51 -21.58 37.81
C VAL J 17 -17.15 -21.31 38.46
N GLY J 18 -16.45 -22.40 38.82
CA GLY J 18 -15.14 -22.30 39.40
C GLY J 18 -14.06 -22.30 38.34
N PRO J 19 -12.80 -22.54 38.73
CA PRO J 19 -12.25 -22.82 40.07
C PRO J 19 -12.15 -21.60 40.95
N THR J 20 -12.19 -21.78 42.26
CA THR J 20 -11.93 -20.67 43.17
C THR J 20 -10.66 -20.96 43.95
N MET J 21 -9.71 -20.03 43.87
CA MET J 21 -8.46 -20.16 44.61
C MET J 21 -8.72 -19.87 46.08
N VAL J 22 -7.95 -20.53 46.95
CA VAL J 22 -8.20 -20.53 48.38
C VAL J 22 -6.96 -20.22 49.21
N GLY J 23 -5.77 -20.20 48.62
CA GLY J 23 -4.58 -19.97 49.43
C GLY J 23 -3.33 -19.81 48.60
N ASP J 24 -2.27 -19.42 49.29
CA ASP J 24 -0.93 -19.22 48.77
C ASP J 24 0.00 -20.29 49.34
N GLU J 25 1.31 -20.10 49.10
CA GLU J 25 2.32 -21.10 49.44
C GLU J 25 2.39 -21.39 50.94
N GLN J 26 2.16 -20.38 51.78
CA GLN J 26 2.20 -20.55 53.22
C GLN J 26 0.83 -20.59 53.86
N SER J 27 -0.16 -21.16 53.18
CA SER J 27 -1.49 -21.27 53.77
C SER J 27 -1.59 -22.54 54.62
N ASP J 28 -2.58 -22.55 55.50
CA ASP J 28 -2.77 -23.61 56.50
C ASP J 28 -3.12 -24.94 55.87
N PRO J 29 -2.28 -25.96 56.00
CA PRO J 29 -2.55 -27.22 55.28
C PRO J 29 -3.66 -28.06 55.89
N GLU J 30 -4.09 -27.75 57.11
CA GLU J 30 -5.27 -28.41 57.67
C GLU J 30 -6.54 -27.83 57.07
N LEU J 31 -6.59 -26.49 56.96
CA LEU J 31 -7.79 -25.85 56.44
C LEU J 31 -7.92 -26.04 54.94
N MET J 32 -6.79 -26.13 54.23
CA MET J 32 -6.85 -26.47 52.81
C MET J 32 -7.28 -27.91 52.60
N GLN J 33 -7.00 -28.77 53.59
CA GLN J 33 -7.40 -30.17 53.50
C GLN J 33 -8.91 -30.33 53.66
N HIS J 34 -9.52 -29.49 54.49
CA HIS J 34 -10.97 -29.55 54.66
C HIS J 34 -11.70 -28.99 53.45
N LEU J 35 -11.11 -27.98 52.79
CA LEU J 35 -11.74 -27.43 51.60
C LEU J 35 -11.55 -28.31 50.38
N GLY J 36 -10.63 -29.28 50.43
CA GLY J 36 -10.38 -30.14 49.30
C GLY J 36 -9.50 -29.53 48.25
N ALA J 37 -8.46 -28.81 48.65
CA ALA J 37 -7.65 -28.06 47.70
C ALA J 37 -6.48 -28.88 47.19
N SER J 38 -6.26 -28.79 45.88
CA SER J 38 -5.06 -29.30 45.23
C SER J 38 -4.06 -28.15 45.15
N LYS J 39 -2.81 -28.48 44.87
CA LYS J 39 -1.76 -27.46 44.81
C LYS J 39 -1.00 -27.55 43.50
N ARG J 40 -1.07 -26.50 42.68
CA ARG J 40 -0.44 -26.56 41.37
C ARG J 40 0.42 -25.33 41.15
N ARG J 41 1.29 -25.44 40.15
CA ARG J 41 2.01 -24.31 39.58
C ARG J 41 1.56 -24.19 38.13
N ALA J 42 0.72 -23.20 37.85
CA ALA J 42 0.30 -22.97 36.49
C ALA J 42 1.47 -22.40 35.68
N LEU J 43 1.45 -22.68 34.38
CA LEU J 43 2.58 -22.35 33.52
C LEU J 43 2.69 -20.85 33.31
N GLY J 44 3.90 -20.33 33.42
CA GLY J 44 4.15 -18.90 33.36
C GLY J 44 4.13 -18.21 34.71
N ASN J 45 3.52 -18.83 35.71
CA ASN J 45 3.52 -18.32 37.07
C ASN J 45 4.76 -18.82 37.81
N ASN J 46 5.32 -17.97 38.66
CA ASN J 46 6.50 -18.30 39.43
C ASN J 46 6.17 -18.53 40.89
N PHE J 47 5.01 -19.13 41.17
CA PHE J 47 4.56 -19.35 42.54
C PHE J 47 3.57 -20.50 42.55
N TYR J 48 3.40 -21.09 43.72
CA TYR J 48 2.44 -22.16 43.94
C TYR J 48 1.14 -21.58 44.48
N GLU J 49 0.06 -22.32 44.32
CA GLU J 49 -1.25 -21.88 44.78
C GLU J 49 -2.14 -23.07 45.08
N TYR J 50 -3.10 -22.87 45.96
CA TYR J 50 -4.16 -23.83 46.23
C TYR J 50 -5.41 -23.44 45.47
N TYR J 51 -6.25 -24.42 45.18
CA TYR J 51 -7.44 -24.22 44.36
C TYR J 51 -8.37 -25.40 44.54
N VAL J 52 -9.67 -25.14 44.40
CA VAL J 52 -10.67 -26.18 44.43
C VAL J 52 -11.48 -26.08 43.14
N ASP J 53 -12.28 -27.11 42.86
CA ASP J 53 -13.09 -27.12 41.65
C ASP J 53 -14.48 -26.54 41.87
N ASP J 54 -14.78 -26.04 43.06
CA ASP J 54 -16.13 -25.64 43.39
C ASP J 54 -16.39 -24.19 42.96
N PRO J 55 -17.67 -23.78 42.89
CA PRO J 55 -17.97 -22.36 42.84
C PRO J 55 -17.57 -21.66 44.13
N PRO J 56 -17.45 -20.32 44.12
CA PRO J 56 -17.11 -19.62 45.36
C PRO J 56 -18.17 -19.64 46.44
N ARG J 57 -19.45 -19.80 46.08
CA ARG J 57 -20.49 -19.73 47.11
C ARG J 57 -20.53 -21.00 47.94
N ILE J 58 -20.16 -22.14 47.35
CA ILE J 58 -20.02 -23.38 48.09
C ILE J 58 -18.89 -23.28 49.10
N VAL J 59 -17.77 -22.67 48.70
CA VAL J 59 -16.63 -22.48 49.59
C VAL J 59 -16.95 -21.48 50.69
N LEU J 60 -17.78 -20.47 50.38
CA LEU J 60 -18.20 -19.53 51.42
C LEU J 60 -19.15 -20.18 52.42
N ASP J 61 -19.82 -21.26 52.02
CA ASP J 61 -20.61 -22.01 52.99
C ASP J 61 -19.73 -22.90 53.85
N LYS J 62 -18.64 -23.41 53.27
CA LYS J 62 -17.69 -24.24 54.01
C LYS J 62 -16.93 -23.41 55.03
N LEU J 63 -16.41 -22.26 54.62
CA LEU J 63 -15.60 -21.43 55.50
C LEU J 63 -16.42 -20.79 56.61
N GLU J 64 -17.74 -20.68 56.42
CA GLU J 64 -18.62 -20.18 57.47
C GLU J 64 -18.68 -21.14 58.65
N ARG J 65 -18.61 -22.44 58.37
CA ARG J 65 -18.65 -23.45 59.42
C ARG J 65 -17.35 -23.54 60.21
N ARG J 66 -16.26 -22.95 59.71
CA ARG J 66 -15.00 -22.90 60.42
C ARG J 66 -14.74 -21.54 61.07
N GLY J 67 -15.80 -20.78 61.37
CA GLY J 67 -15.65 -19.56 62.13
C GLY J 67 -15.14 -18.37 61.36
N PHE J 68 -15.36 -18.32 60.05
CA PHE J 68 -15.02 -17.16 59.25
C PHE J 68 -16.29 -16.40 58.91
N ARG J 69 -16.13 -15.18 58.43
CA ARG J 69 -17.23 -14.35 57.97
C ARG J 69 -16.69 -13.32 57.01
N VAL J 70 -17.41 -13.09 55.92
CA VAL J 70 -16.96 -12.18 54.86
C VAL J 70 -16.99 -10.75 55.36
N LEU J 71 -15.82 -10.12 55.37
CA LEU J 71 -15.74 -8.68 55.57
C LEU J 71 -16.18 -7.94 54.32
N SER J 72 -15.44 -8.13 53.23
CA SER J 72 -15.63 -7.34 52.04
C SER J 72 -15.37 -8.21 50.82
N MET J 73 -16.27 -8.10 49.86
CA MET J 73 -16.11 -8.63 48.52
C MET J 73 -15.80 -7.48 47.59
N THR J 74 -14.82 -7.66 46.72
CA THR J 74 -14.54 -6.66 45.70
C THR J 74 -14.04 -7.33 44.44
N GLY J 75 -14.05 -6.55 43.36
CA GLY J 75 -13.67 -7.03 42.05
C GLY J 75 -12.52 -6.21 41.51
N VAL J 76 -11.46 -6.90 41.11
CA VAL J 76 -10.27 -6.28 40.58
C VAL J 76 -9.95 -6.97 39.25
N GLY J 77 -10.08 -6.24 38.15
CA GLY J 77 -9.96 -6.88 36.85
C GLY J 77 -11.17 -7.75 36.56
N GLN J 78 -10.91 -8.95 36.04
CA GLN J 78 -11.90 -10.00 35.84
C GLN J 78 -12.06 -10.88 37.07
N THR J 79 -11.30 -10.61 38.12
CA THR J 79 -11.22 -11.40 39.33
C THR J 79 -12.21 -10.82 40.34
N LEU J 80 -12.75 -11.67 41.20
CA LEU J 80 -13.65 -11.25 42.26
C LEU J 80 -13.14 -11.84 43.56
N VAL J 81 -12.73 -10.99 44.51
CA VAL J 81 -12.00 -11.40 45.70
C VAL J 81 -12.88 -11.22 46.94
N TRP J 82 -12.92 -12.24 47.80
CA TRP J 82 -13.60 -12.20 49.09
C TRP J 82 -12.57 -12.19 50.20
N CYS J 83 -12.80 -11.36 51.22
CA CYS J 83 -11.92 -11.28 52.38
C CYS J 83 -12.69 -11.78 53.58
N LEU J 84 -12.16 -12.77 54.25
CA LEU J 84 -12.84 -13.39 55.38
C LEU J 84 -11.99 -13.26 56.63
N HIS J 85 -12.61 -12.85 57.73
CA HIS J 85 -11.90 -12.72 58.98
C HIS J 85 -12.37 -13.76 60.00
N PRO K 5 -26.16 -19.97 53.58
CA PRO K 5 -26.12 -18.65 54.19
C PRO K 5 -25.79 -17.53 53.21
N TYR K 6 -24.81 -17.75 52.32
CA TYR K 6 -24.40 -16.74 51.36
C TYR K 6 -25.13 -16.92 50.05
N LEU K 7 -25.39 -15.81 49.35
CA LEU K 7 -26.16 -15.80 48.13
C LEU K 7 -25.74 -14.63 47.25
N LEU K 8 -25.25 -14.95 46.07
CA LEU K 8 -24.62 -13.99 45.18
C LEU K 8 -25.51 -13.74 43.97
N ILE K 9 -26.06 -12.53 43.88
CA ILE K 9 -26.87 -12.14 42.73
C ILE K 9 -26.12 -11.08 41.94
N SER K 10 -26.38 -10.99 40.64
CA SER K 10 -25.62 -10.15 39.74
C SER K 10 -26.48 -9.65 38.60
N THR K 11 -26.12 -8.49 38.07
CA THR K 11 -26.76 -7.88 36.90
C THR K 11 -25.67 -7.29 36.02
N GLN K 12 -26.09 -6.62 34.94
CA GLN K 12 -25.17 -5.88 34.09
C GLN K 12 -25.11 -4.42 34.51
N ILE K 13 -24.56 -3.56 33.64
CA ILE K 13 -24.03 -2.28 34.12
C ILE K 13 -25.18 -1.28 34.36
N ARG K 14 -26.29 -1.41 33.64
CA ARG K 14 -27.49 -0.62 33.90
C ARG K 14 -28.33 -1.43 34.87
N MET K 15 -28.33 -1.03 36.14
CA MET K 15 -29.05 -1.81 37.14
C MET K 15 -30.52 -1.43 37.21
N GLU K 16 -30.96 -0.51 36.35
CA GLU K 16 -32.37 -0.21 36.19
C GLU K 16 -33.10 -1.34 35.46
N VAL K 17 -32.39 -2.07 34.62
CA VAL K 17 -32.96 -3.07 33.75
C VAL K 17 -32.33 -4.42 34.08
N GLY K 18 -33.10 -5.49 33.93
CA GLY K 18 -32.63 -6.82 34.17
C GLY K 18 -32.04 -7.44 32.91
N PRO K 19 -31.85 -8.76 32.89
CA PRO K 19 -32.13 -9.78 33.91
C PRO K 19 -31.12 -9.78 35.05
N THR K 20 -31.51 -10.25 36.22
CA THR K 20 -30.57 -10.44 37.31
C THR K 20 -30.47 -11.92 37.63
N MET K 21 -29.26 -12.46 37.57
CA MET K 21 -29.03 -13.86 37.91
C MET K 21 -29.11 -14.03 39.42
N VAL K 22 -29.56 -15.21 39.85
CA VAL K 22 -29.89 -15.47 41.24
C VAL K 22 -29.28 -16.75 41.77
N GLY K 23 -28.72 -17.61 40.93
CA GLY K 23 -28.19 -18.86 41.45
C GLY K 23 -27.44 -19.65 40.41
N ASP K 24 -26.80 -20.70 40.89
CA ASP K 24 -26.03 -21.67 40.12
C ASP K 24 -26.75 -23.02 40.11
N GLU K 25 -26.04 -24.04 39.62
CA GLU K 25 -26.64 -25.37 39.41
C GLU K 25 -27.11 -26.01 40.70
N GLN K 26 -26.43 -25.77 41.81
CA GLN K 26 -26.81 -26.36 43.09
C GLN K 26 -27.46 -25.35 44.03
N SER K 27 -28.24 -24.42 43.49
CA SER K 27 -28.93 -23.47 44.34
C SER K 27 -30.27 -24.05 44.80
N ASP K 28 -30.81 -23.46 45.87
CA ASP K 28 -32.01 -23.96 46.56
C ASP K 28 -33.25 -23.84 45.69
N PRO K 29 -33.89 -24.95 45.31
CA PRO K 29 -35.02 -24.86 44.37
C PRO K 29 -36.29 -24.33 45.00
N GLU K 30 -36.38 -24.26 46.32
CA GLU K 30 -37.52 -23.60 46.95
C GLU K 30 -37.36 -22.09 46.88
N LEU K 31 -36.15 -21.59 47.16
CA LEU K 31 -35.93 -20.15 47.16
C LEU K 31 -35.90 -19.60 45.74
N MET K 32 -35.44 -20.39 44.77
CA MET K 32 -35.53 -19.97 43.37
C MET K 32 -36.98 -19.96 42.90
N GLN K 33 -37.82 -20.80 43.50
CA GLN K 33 -39.23 -20.85 43.14
C GLN K 33 -39.98 -19.61 43.63
N HIS K 34 -39.58 -19.08 44.78
CA HIS K 34 -40.20 -17.86 45.29
C HIS K 34 -39.76 -16.64 44.50
N LEU K 35 -38.52 -16.64 44.02
CA LEU K 35 -38.05 -15.50 43.23
C LEU K 35 -38.57 -15.55 41.80
N GLY K 36 -39.12 -16.67 41.36
CA GLY K 36 -39.62 -16.78 40.01
C GLY K 36 -38.56 -17.02 38.97
N ALA K 37 -37.58 -17.87 39.28
CA ALA K 37 -36.44 -18.04 38.40
C ALA K 37 -36.66 -19.16 37.41
N SER K 38 -36.28 -18.90 36.15
CA SER K 38 -36.17 -19.90 35.12
C SER K 38 -34.74 -20.41 35.11
N LYS K 39 -34.51 -21.54 34.44
CA LYS K 39 -33.18 -22.13 34.40
C LYS K 39 -32.76 -22.40 32.97
N ARG K 40 -31.70 -21.74 32.52
CA ARG K 40 -31.29 -21.88 31.13
C ARG K 40 -29.81 -22.20 31.03
N ARG K 41 -29.42 -22.68 29.86
CA ARG K 41 -28.03 -22.79 29.45
C ARG K 41 -27.84 -21.87 28.26
N ALA K 42 -27.21 -20.72 28.49
CA ALA K 42 -26.92 -19.82 27.38
C ALA K 42 -25.85 -20.42 26.49
N LEU K 43 -25.88 -20.05 25.22
CA LEU K 43 -25.02 -20.67 24.23
C LEU K 43 -23.57 -20.24 24.41
N GLY K 44 -22.65 -21.19 24.36
CA GLY K 44 -21.25 -20.96 24.63
C GLY K 44 -20.86 -21.17 26.07
N ASN K 45 -21.82 -21.16 26.99
CA ASN K 45 -21.58 -21.45 28.39
C ASN K 45 -21.69 -22.96 28.62
N ASN K 46 -20.84 -23.48 29.50
CA ASN K 46 -20.83 -24.89 29.82
C ASN K 46 -21.42 -25.16 31.21
N PHE K 47 -22.44 -24.40 31.59
CA PHE K 47 -23.04 -24.53 32.92
C PHE K 47 -24.46 -23.99 32.86
N TYR K 48 -25.26 -24.41 33.82
CA TYR K 48 -26.63 -23.97 33.99
C TYR K 48 -26.67 -22.80 34.97
N GLU K 49 -27.74 -22.02 34.89
CA GLU K 49 -27.91 -20.87 35.78
C GLU K 49 -29.38 -20.54 35.94
N TYR K 50 -29.69 -19.91 37.06
CA TYR K 50 -31.02 -19.36 37.32
C TYR K 50 -31.01 -17.87 37.03
N TYR K 51 -32.17 -17.33 36.70
CA TYR K 51 -32.29 -15.93 36.30
C TYR K 51 -33.75 -15.53 36.38
N VAL K 52 -33.99 -14.25 36.65
CA VAL K 52 -35.32 -13.68 36.64
C VAL K 52 -35.32 -12.50 35.69
N ASP K 53 -36.50 -12.01 35.35
CA ASP K 53 -36.61 -10.88 34.43
C ASP K 53 -36.66 -9.54 35.14
N ASP K 54 -36.51 -9.52 36.45
CA ASP K 54 -36.70 -8.30 37.22
C ASP K 54 -35.41 -7.47 37.28
N PRO K 55 -35.50 -6.20 37.65
CA PRO K 55 -34.31 -5.47 38.06
C PRO K 55 -33.75 -6.03 39.35
N PRO K 56 -32.49 -5.73 39.68
CA PRO K 56 -31.92 -6.24 40.94
C PRO K 56 -32.51 -5.65 42.21
N ARG K 57 -33.08 -4.45 42.15
CA ARG K 57 -33.57 -3.83 43.39
C ARG K 57 -34.89 -4.48 43.82
N ILE K 58 -35.69 -4.96 42.86
CA ILE K 58 -36.89 -5.71 43.17
C ILE K 58 -36.55 -7.02 43.85
N VAL K 59 -35.51 -7.69 43.37
CA VAL K 59 -35.05 -8.96 43.95
C VAL K 59 -34.44 -8.72 45.33
N LEU K 60 -33.79 -7.57 45.54
CA LEU K 60 -33.26 -7.26 46.85
C LEU K 60 -34.37 -6.95 47.85
N ASP K 61 -35.54 -6.54 47.36
CA ASP K 61 -36.68 -6.39 48.24
C ASP K 61 -37.31 -7.74 48.57
N LYS K 62 -37.26 -8.67 47.62
CA LYS K 62 -37.78 -10.02 47.84
C LYS K 62 -36.91 -10.79 48.82
N LEU K 63 -35.60 -10.76 48.63
CA LEU K 63 -34.68 -11.52 49.47
C LEU K 63 -34.59 -10.96 50.88
N GLU K 64 -34.96 -9.69 51.07
CA GLU K 64 -35.01 -9.10 52.41
C GLU K 64 -36.12 -9.74 53.25
N ARG K 65 -37.23 -10.10 52.61
CA ARG K 65 -38.34 -10.73 53.32
C ARG K 65 -38.06 -12.18 53.70
N ARG K 66 -37.03 -12.80 53.12
CA ARG K 66 -36.62 -14.15 53.49
C ARG K 66 -35.39 -14.17 54.38
N GLY K 67 -35.15 -13.11 55.14
CA GLY K 67 -34.11 -13.12 56.14
C GLY K 67 -32.70 -12.94 55.63
N PHE K 68 -32.52 -12.30 54.49
CA PHE K 68 -31.21 -11.98 53.96
C PHE K 68 -30.94 -10.50 54.18
N ARG K 69 -29.68 -10.10 54.03
CA ARG K 69 -29.27 -8.71 54.12
C ARG K 69 -27.95 -8.56 53.37
N VAL K 70 -27.84 -7.48 52.60
CA VAL K 70 -26.67 -7.25 51.76
C VAL K 70 -25.46 -6.96 52.62
N LEU K 71 -24.44 -7.80 52.51
CA LEU K 71 -23.13 -7.50 53.07
C LEU K 71 -22.42 -6.47 52.22
N SER K 72 -22.14 -6.82 50.97
CA SER K 72 -21.28 -6.02 50.13
C SER K 72 -21.77 -6.10 48.69
N MET K 73 -21.86 -4.94 48.06
CA MET K 73 -22.06 -4.80 46.63
C MET K 73 -20.74 -4.43 46.01
N THR K 74 -20.38 -5.06 44.89
CA THR K 74 -19.19 -4.65 44.16
C THR K 74 -19.40 -4.88 42.68
N GLY K 75 -18.53 -4.27 41.89
CA GLY K 75 -18.60 -4.33 40.45
C GLY K 75 -17.33 -4.92 39.88
N VAL K 76 -17.48 -5.94 39.06
CA VAL K 76 -16.38 -6.63 38.43
C VAL K 76 -16.67 -6.69 36.93
N GLY K 77 -15.87 -5.99 36.14
CA GLY K 77 -16.20 -5.85 34.73
C GLY K 77 -17.40 -4.95 34.52
N GLN K 78 -18.30 -5.38 33.66
CA GLN K 78 -19.60 -4.76 33.43
C GLN K 78 -20.68 -5.28 34.36
N THR K 79 -20.32 -6.23 35.23
CA THR K 79 -21.21 -6.94 36.11
C THR K 79 -21.22 -6.22 37.45
N LEU K 80 -22.33 -6.29 38.16
CA LEU K 80 -22.46 -5.71 39.49
C LEU K 80 -23.04 -6.80 40.40
N VAL K 81 -22.27 -7.20 41.41
CA VAL K 81 -22.57 -8.38 42.22
C VAL K 81 -22.93 -7.95 43.63
N TRP K 82 -24.02 -8.51 44.16
CA TRP K 82 -24.45 -8.32 45.55
C TRP K 82 -24.25 -9.61 46.33
N CYS K 83 -23.74 -9.49 47.54
CA CYS K 83 -23.53 -10.65 48.42
C CYS K 83 -24.48 -10.50 49.59
N LEU K 84 -25.30 -11.51 49.82
CA LEU K 84 -26.30 -11.47 50.86
C LEU K 84 -26.06 -12.61 51.84
N HIS K 85 -26.11 -12.29 53.13
CA HIS K 85 -25.94 -13.30 54.15
C HIS K 85 -27.23 -13.55 54.92
N ASN L 41 -1.12 -49.23 -5.32
CA ASN L 41 0.09 -48.46 -5.09
C ASN L 41 -0.04 -47.57 -3.86
N LEU L 42 -1.26 -47.43 -3.37
CA LEU L 42 -1.47 -46.70 -2.10
C LEU L 42 -0.91 -47.44 -0.88
N PRO L 43 -0.97 -48.78 -0.75
CA PRO L 43 -0.15 -49.40 0.30
C PRO L 43 1.33 -49.37 0.02
N ASN L 44 1.74 -49.26 -1.25
CA ASN L 44 3.16 -49.21 -1.57
C ASN L 44 3.76 -47.86 -1.20
N LEU L 45 2.97 -46.79 -1.29
CA LEU L 45 3.43 -45.49 -0.82
C LEU L 45 3.45 -45.44 0.71
N ALA L 46 2.41 -45.99 1.35
CA ALA L 46 2.27 -45.87 2.80
C ALA L 46 3.34 -46.65 3.54
N ALA L 47 3.82 -47.74 2.93
CA ALA L 47 4.96 -48.45 3.51
C ALA L 47 6.25 -47.68 3.30
N ALA L 48 6.30 -46.84 2.26
CA ALA L 48 7.51 -46.05 1.99
C ALA L 48 7.55 -44.81 2.87
N TYR L 49 6.39 -44.31 3.32
CA TYR L 49 6.42 -43.19 4.26
C TYR L 49 6.63 -43.67 5.69
N SER L 50 6.27 -44.92 6.01
CA SER L 50 6.53 -45.42 7.35
C SER L 50 8.01 -45.70 7.56
N SER L 51 8.73 -45.98 6.47
CA SER L 51 10.18 -46.15 6.55
C SER L 51 10.88 -44.80 6.59
N ILE L 52 10.22 -43.74 6.14
CA ILE L 52 10.76 -42.39 6.30
C ILE L 52 10.67 -41.95 7.76
N LEU L 53 9.53 -42.24 8.40
CA LEU L 53 9.31 -41.82 9.79
C LEU L 53 10.27 -42.53 10.74
N SER L 54 10.67 -43.75 10.41
CA SER L 54 11.62 -44.48 11.24
C SER L 54 13.05 -44.01 11.01
N SER L 55 13.36 -43.57 9.78
CA SER L 55 14.73 -43.20 9.45
C SER L 55 15.10 -41.83 9.98
N LEU L 56 14.11 -41.02 10.31
CA LEU L 56 14.38 -39.68 10.82
C LEU L 56 14.64 -39.65 12.33
N GLY L 57 14.69 -40.79 13.00
CA GLY L 57 14.83 -40.82 14.44
C GLY L 57 13.53 -40.54 15.17
N GLU L 58 12.41 -40.71 14.51
CA GLU L 58 11.09 -40.38 15.03
C GLU L 58 10.31 -41.67 15.30
N ASN L 59 9.41 -41.62 16.27
CA ASN L 59 8.64 -42.78 16.69
C ASN L 59 7.36 -42.88 15.88
N PRO L 60 7.22 -43.83 14.96
CA PRO L 60 6.04 -43.85 14.09
C PRO L 60 4.78 -44.33 14.78
N GLN L 61 4.88 -44.82 16.01
CA GLN L 61 3.73 -45.26 16.77
C GLN L 61 3.62 -44.35 18.00
N ARG L 62 2.98 -43.21 17.81
CA ARG L 62 2.71 -42.28 18.91
C ARG L 62 1.43 -41.51 18.60
N GLN L 63 1.05 -40.66 19.54
CA GLN L 63 -0.07 -39.78 19.32
C GLN L 63 0.29 -38.71 18.29
N GLY L 64 -0.20 -38.90 17.07
CA GLY L 64 0.03 -37.95 16.01
C GLY L 64 0.70 -38.50 14.77
N LEU L 65 1.09 -39.77 14.75
CA LEU L 65 1.75 -40.36 13.59
C LEU L 65 1.16 -41.73 13.26
N LEU L 66 -0.13 -41.92 13.51
CA LEU L 66 -0.77 -43.18 13.20
C LEU L 66 -1.28 -43.23 11.77
N LYS L 67 -2.00 -42.20 11.34
CA LYS L 67 -2.47 -42.10 9.96
C LYS L 67 -1.52 -41.33 9.07
N THR L 68 -0.36 -40.92 9.61
CA THR L 68 0.62 -40.14 8.85
C THR L 68 1.20 -40.85 7.63
N PRO L 69 1.53 -42.16 7.64
CA PRO L 69 1.87 -42.80 6.35
C PRO L 69 0.74 -42.84 5.34
N TRP L 70 -0.52 -42.82 5.81
CA TRP L 70 -1.65 -42.94 4.91
C TRP L 70 -2.24 -41.59 4.54
N ARG L 71 -2.14 -40.59 5.43
CA ARG L 71 -2.55 -39.23 5.05
C ARG L 71 -1.56 -38.63 4.06
N ALA L 72 -0.28 -38.96 4.19
CA ALA L 72 0.72 -38.38 3.30
C ALA L 72 0.76 -39.13 1.98
N ALA L 73 0.34 -40.38 1.95
CA ALA L 73 0.31 -41.12 0.70
C ALA L 73 -0.79 -40.61 -0.20
N SER L 74 -1.94 -40.27 0.37
CA SER L 74 -3.03 -39.70 -0.42
C SER L 74 -2.79 -38.22 -0.69
N ALA L 75 -1.73 -37.65 -0.11
CA ALA L 75 -1.34 -36.28 -0.46
C ALA L 75 -0.49 -36.26 -1.71
N MET L 76 0.41 -37.23 -1.85
CA MET L 76 1.32 -37.25 -2.99
C MET L 76 0.61 -37.74 -4.25
N GLN L 77 -0.49 -38.46 -4.08
CA GLN L 77 -1.31 -38.85 -5.23
C GLN L 77 -2.19 -37.70 -5.68
N PHE L 78 -2.58 -36.82 -4.77
CA PHE L 78 -3.25 -35.59 -5.17
C PHE L 78 -2.26 -34.63 -5.82
N PHE L 79 -1.01 -34.63 -5.37
CA PHE L 79 -0.08 -33.59 -5.80
C PHE L 79 0.54 -33.93 -7.15
N THR L 80 0.33 -35.15 -7.63
CA THR L 80 0.82 -35.63 -8.91
C THR L 80 -0.28 -36.24 -9.77
N LYS L 81 -1.51 -35.75 -9.65
CA LYS L 81 -2.66 -36.37 -10.29
C LYS L 81 -2.88 -35.92 -11.74
N GLY L 82 -1.93 -35.15 -12.29
CA GLY L 82 -2.01 -34.74 -13.68
C GLY L 82 -1.52 -35.78 -14.66
N TYR L 83 -0.89 -36.86 -14.19
CA TYR L 83 -0.57 -37.97 -15.06
C TYR L 83 -1.00 -39.27 -14.40
N ASP L 101 -10.99 -10.91 -33.51
CA ASP L 101 -9.60 -10.48 -33.53
C ASP L 101 -9.33 -9.60 -32.32
N GLU L 102 -8.74 -10.18 -31.28
CA GLU L 102 -8.49 -9.50 -30.03
C GLU L 102 -7.55 -10.35 -29.20
N MET L 103 -7.06 -9.78 -28.11
CA MET L 103 -6.12 -10.46 -27.23
C MET L 103 -6.84 -10.92 -25.99
N VAL L 104 -6.65 -12.19 -25.62
CA VAL L 104 -7.32 -12.74 -24.44
C VAL L 104 -6.27 -13.12 -23.42
N ILE L 105 -6.06 -12.26 -22.43
CA ILE L 105 -5.12 -12.50 -21.34
C ILE L 105 -5.89 -13.05 -20.15
N VAL L 106 -5.46 -14.20 -19.64
CA VAL L 106 -6.04 -14.82 -18.45
C VAL L 106 -4.94 -14.85 -17.39
N LYS L 107 -5.09 -14.05 -16.36
CA LYS L 107 -4.06 -13.88 -15.35
C LYS L 107 -4.52 -14.45 -14.01
N ASP L 108 -3.59 -14.43 -13.05
CA ASP L 108 -3.80 -14.84 -11.66
C ASP L 108 -4.16 -16.32 -11.52
N ILE L 109 -3.74 -17.13 -12.50
CA ILE L 109 -4.03 -18.56 -12.49
C ILE L 109 -3.16 -19.22 -11.42
N ASP L 110 -3.80 -19.70 -10.35
CA ASP L 110 -3.06 -20.27 -9.22
C ASP L 110 -2.49 -21.64 -9.58
N MET L 111 -1.25 -21.87 -9.18
CA MET L 111 -0.51 -23.06 -9.54
C MET L 111 0.11 -23.65 -8.28
N PHE L 112 0.13 -24.97 -8.19
CA PHE L 112 0.74 -25.69 -7.07
C PHE L 112 1.37 -26.96 -7.62
N SER L 113 2.67 -26.92 -7.87
CA SER L 113 3.38 -28.02 -8.52
C SER L 113 4.38 -28.62 -7.54
N MET L 114 4.92 -29.78 -7.92
CA MET L 114 5.92 -30.47 -7.12
C MET L 114 7.26 -30.37 -7.82
N CYS L 115 8.29 -29.95 -7.09
CA CYS L 115 9.64 -29.96 -7.63
C CYS L 115 10.10 -31.39 -7.85
N GLU L 116 10.72 -31.66 -8.99
CA GLU L 116 11.11 -33.03 -9.25
C GLU L 116 12.51 -33.31 -8.74
N HIS L 117 13.17 -32.30 -8.18
CA HIS L 117 14.52 -32.53 -7.65
C HIS L 117 14.45 -32.91 -6.19
N HIS L 118 13.74 -32.13 -5.38
CA HIS L 118 13.69 -32.32 -3.94
C HIS L 118 12.35 -32.81 -3.44
N LEU L 119 11.37 -33.04 -4.34
CA LEU L 119 10.03 -33.59 -4.03
C LEU L 119 9.27 -32.71 -3.04
N VAL L 120 9.53 -31.41 -3.07
CA VAL L 120 8.96 -30.42 -2.15
C VAL L 120 8.19 -29.47 -3.04
N PRO L 121 7.00 -28.98 -2.66
CA PRO L 121 6.20 -28.17 -3.58
C PRO L 121 6.85 -26.84 -3.97
N PHE L 122 6.31 -26.24 -5.03
CA PHE L 122 6.54 -24.84 -5.31
C PHE L 122 5.23 -24.23 -5.78
N VAL L 123 5.04 -22.96 -5.43
CA VAL L 123 3.74 -22.31 -5.42
C VAL L 123 3.83 -21.05 -6.27
N GLY L 124 2.95 -20.95 -7.27
CA GLY L 124 3.01 -19.78 -8.10
C GLY L 124 1.78 -19.40 -8.91
N LYS L 125 1.98 -18.52 -9.88
CA LYS L 125 0.92 -17.99 -10.73
C LYS L 125 1.35 -18.10 -12.17
N VAL L 126 0.40 -18.40 -13.05
CA VAL L 126 0.61 -18.50 -14.48
C VAL L 126 -0.18 -17.38 -15.15
N HIS L 127 0.44 -16.71 -16.11
CA HIS L 127 -0.21 -15.67 -16.90
C HIS L 127 -0.18 -16.10 -18.34
N ILE L 128 -1.35 -16.21 -18.95
CA ILE L 128 -1.50 -16.68 -20.31
C ILE L 128 -2.23 -15.63 -21.12
N GLY L 129 -1.72 -15.29 -22.28
CA GLY L 129 -2.43 -14.47 -23.23
C GLY L 129 -2.21 -14.99 -24.63
N TYR L 130 -3.19 -14.79 -25.49
CA TYR L 130 -3.11 -15.31 -26.84
C TYR L 130 -3.93 -14.45 -27.80
N LEU L 131 -3.54 -14.50 -29.06
CA LEU L 131 -4.29 -13.87 -30.15
C LEU L 131 -4.90 -14.93 -31.04
N PRO L 132 -6.21 -15.15 -30.98
CA PRO L 132 -6.83 -16.21 -31.78
C PRO L 132 -6.81 -15.93 -33.26
N ASN L 133 -6.91 -17.00 -34.06
CA ASN L 133 -7.12 -16.90 -35.50
C ASN L 133 -8.56 -17.26 -35.89
N LYS L 134 -8.98 -18.48 -35.58
CA LYS L 134 -10.32 -18.94 -35.94
C LYS L 134 -11.01 -19.55 -34.73
N GLN L 135 -10.22 -20.13 -33.83
CA GLN L 135 -10.72 -20.94 -32.74
C GLN L 135 -10.31 -20.33 -31.42
N VAL L 136 -11.27 -20.04 -30.56
CA VAL L 136 -10.99 -19.56 -29.22
C VAL L 136 -11.18 -20.71 -28.25
N LEU L 137 -10.68 -20.52 -27.05
CA LEU L 137 -10.68 -21.57 -26.04
C LEU L 137 -11.33 -21.05 -24.77
N GLY L 138 -12.07 -21.93 -24.09
CA GLY L 138 -12.80 -21.57 -22.89
C GLY L 138 -11.91 -21.16 -21.75
N LEU L 139 -12.42 -20.32 -20.86
CA LEU L 139 -11.59 -19.79 -19.79
C LEU L 139 -11.49 -20.79 -18.65
N SER L 140 -12.32 -21.82 -18.66
CA SER L 140 -12.19 -22.92 -17.71
C SER L 140 -11.36 -24.05 -18.29
N LYS L 141 -11.16 -24.07 -19.61
CA LYS L 141 -10.31 -25.09 -20.21
C LYS L 141 -8.85 -24.68 -20.18
N LEU L 142 -8.55 -23.38 -20.18
CA LEU L 142 -7.18 -22.92 -19.99
C LEU L 142 -6.67 -23.27 -18.60
N ALA L 143 -7.57 -23.35 -17.62
CA ALA L 143 -7.16 -23.64 -16.26
C ALA L 143 -6.97 -25.14 -16.03
N ARG L 144 -7.63 -25.96 -16.83
CA ARG L 144 -7.45 -27.40 -16.71
C ARG L 144 -6.21 -27.85 -17.47
N ILE L 145 -5.81 -27.08 -18.49
CA ILE L 145 -4.51 -27.27 -19.11
C ILE L 145 -3.41 -26.94 -18.13
N VAL L 146 -3.64 -25.94 -17.27
CA VAL L 146 -2.71 -25.63 -16.18
C VAL L 146 -2.60 -26.80 -15.21
N GLU L 147 -3.75 -27.32 -14.75
CA GLU L 147 -3.76 -28.31 -13.67
C GLU L 147 -3.23 -29.66 -14.13
N ILE L 148 -3.29 -29.92 -15.43
CA ILE L 148 -2.75 -31.17 -15.95
C ILE L 148 -1.22 -31.14 -15.93
N TYR L 149 -0.65 -30.01 -16.29
CA TYR L 149 0.80 -29.95 -16.34
C TYR L 149 1.41 -29.51 -15.02
N SER L 150 0.64 -28.84 -14.16
CA SER L 150 1.23 -28.41 -12.90
C SER L 150 1.20 -29.53 -11.87
N ARG L 151 0.10 -30.28 -11.78
CA ARG L 151 -0.01 -31.38 -10.82
C ARG L 151 0.78 -32.60 -11.28
N ARG L 152 2.10 -32.40 -11.40
CA ARG L 152 3.05 -33.41 -11.85
C ARG L 152 4.34 -33.14 -11.07
N LEU L 153 5.38 -33.88 -11.42
CA LEU L 153 6.73 -33.59 -10.93
C LEU L 153 7.42 -32.74 -11.99
N GLN L 154 7.60 -31.45 -11.71
CA GLN L 154 7.98 -30.48 -12.72
C GLN L 154 9.30 -29.78 -12.41
N VAL L 155 9.76 -29.02 -13.39
CA VAL L 155 10.55 -27.82 -13.16
C VAL L 155 9.72 -26.67 -13.73
N GLN L 156 9.98 -25.45 -13.25
CA GLN L 156 9.23 -24.28 -13.73
C GLN L 156 9.52 -23.98 -15.20
N GLU L 157 10.72 -24.35 -15.65
CA GLU L 157 11.15 -24.02 -17.00
C GLU L 157 10.43 -24.90 -18.03
N ARG L 158 10.19 -26.17 -17.70
CA ARG L 158 9.45 -27.05 -18.58
C ARG L 158 7.95 -26.79 -18.47
N LEU L 159 7.51 -26.39 -17.29
CA LEU L 159 6.09 -26.12 -17.04
C LEU L 159 5.61 -24.90 -17.81
N THR L 160 6.48 -23.91 -18.00
CA THR L 160 6.15 -22.78 -18.86
C THR L 160 6.04 -23.22 -20.31
N LYS L 161 7.03 -23.96 -20.80
CA LYS L 161 7.08 -24.35 -22.21
C LYS L 161 5.97 -25.33 -22.56
N GLN L 162 5.58 -26.20 -21.61
CA GLN L 162 4.52 -27.16 -21.87
C GLN L 162 3.15 -26.52 -22.01
N ILE L 163 2.88 -25.47 -21.23
CA ILE L 163 1.57 -24.80 -21.31
C ILE L 163 1.43 -24.07 -22.62
N ALA L 164 2.51 -23.47 -23.10
CA ALA L 164 2.46 -22.74 -24.36
C ALA L 164 2.24 -23.68 -25.54
N VAL L 165 2.80 -24.89 -25.47
CA VAL L 165 2.66 -25.86 -26.56
C VAL L 165 1.26 -26.45 -26.59
N ALA L 166 0.64 -26.61 -25.42
CA ALA L 166 -0.71 -27.17 -25.34
C ALA L 166 -1.74 -26.20 -25.90
N ILE L 167 -1.53 -24.90 -25.72
CA ILE L 167 -2.44 -23.88 -26.26
C ILE L 167 -2.16 -23.67 -27.74
N THR L 168 -0.90 -23.83 -28.14
CA THR L 168 -0.52 -23.67 -29.54
C THR L 168 -1.15 -24.75 -30.40
N GLU L 169 -1.17 -25.99 -29.90
CA GLU L 169 -1.71 -27.09 -30.69
C GLU L 169 -3.23 -27.15 -30.60
N ALA L 170 -3.80 -26.56 -29.54
CA ALA L 170 -5.25 -26.60 -29.38
C ALA L 170 -5.94 -25.67 -30.36
N LEU L 171 -5.34 -24.51 -30.62
CA LEU L 171 -6.00 -23.42 -31.33
C LEU L 171 -5.32 -23.03 -32.62
N ARG L 172 -4.02 -23.31 -32.76
CA ARG L 172 -3.12 -22.63 -33.68
C ARG L 172 -3.35 -21.11 -33.74
N PRO L 173 -2.98 -20.37 -32.70
CA PRO L 173 -3.28 -18.95 -32.67
C PRO L 173 -2.18 -18.15 -33.36
N ALA L 174 -2.35 -16.83 -33.35
CA ALA L 174 -1.31 -15.96 -33.87
C ALA L 174 -0.09 -15.94 -32.96
N GLY L 175 -0.30 -15.80 -31.66
CA GLY L 175 0.80 -15.79 -30.72
C GLY L 175 0.35 -16.28 -29.36
N VAL L 176 1.31 -16.75 -28.58
CA VAL L 176 1.10 -17.28 -27.24
C VAL L 176 2.13 -16.61 -26.31
N GLY L 177 1.67 -16.13 -25.17
CA GLY L 177 2.57 -15.68 -24.14
C GLY L 177 2.28 -16.35 -22.82
N VAL L 178 3.26 -17.02 -22.23
CA VAL L 178 3.11 -17.74 -20.97
C VAL L 178 4.16 -17.24 -20.01
N VAL L 179 3.74 -16.79 -18.83
CA VAL L 179 4.61 -16.25 -17.79
C VAL L 179 4.26 -16.96 -16.50
N VAL L 180 5.22 -17.69 -15.93
CA VAL L 180 5.04 -18.37 -14.66
C VAL L 180 6.03 -17.78 -13.66
N GLU L 181 5.50 -17.14 -12.62
CA GLU L 181 6.28 -16.76 -11.45
C GLU L 181 5.92 -17.71 -10.32
N ALA L 182 6.91 -18.13 -9.53
CA ALA L 182 6.68 -19.11 -8.48
C ALA L 182 7.81 -19.08 -7.46
N THR L 183 7.48 -19.46 -6.23
CA THR L 183 8.43 -19.52 -5.13
C THR L 183 8.83 -20.97 -4.86
N HIS L 184 10.13 -21.25 -4.96
CA HIS L 184 10.67 -22.59 -4.78
C HIS L 184 11.11 -22.75 -3.33
N MET L 185 10.46 -23.66 -2.60
CA MET L 185 10.78 -23.88 -1.19
C MET L 185 11.97 -24.80 -0.97
N CYS L 186 12.60 -25.29 -2.02
CA CYS L 186 13.79 -26.12 -1.88
C CYS L 186 15.04 -25.26 -1.63
N LYS L 198 11.22 -15.19 -5.78
CA LYS L 198 10.44 -15.70 -6.91
C LYS L 198 11.28 -15.75 -8.17
N THR L 199 10.96 -16.68 -9.05
CA THR L 199 11.62 -16.81 -10.35
C THR L 199 10.57 -16.73 -11.44
N VAL L 200 10.83 -15.91 -12.46
CA VAL L 200 9.92 -15.71 -13.58
C VAL L 200 10.50 -16.39 -14.79
N THR L 201 9.76 -17.33 -15.37
CA THR L 201 10.07 -17.89 -16.69
C THR L 201 9.01 -17.44 -17.66
N SER L 202 9.38 -17.30 -18.94
CA SER L 202 8.52 -16.63 -19.90
C SER L 202 8.80 -17.09 -21.32
N THR L 203 7.83 -17.78 -21.92
CA THR L 203 7.82 -18.10 -23.35
C THR L 203 6.96 -17.11 -24.10
N MET L 204 7.47 -16.62 -25.22
CA MET L 204 6.77 -15.68 -26.11
C MET L 204 6.82 -16.25 -27.51
N LEU L 205 5.72 -16.80 -27.98
CA LEU L 205 5.67 -17.52 -29.24
C LEU L 205 4.82 -16.75 -30.23
N GLY L 206 5.11 -16.92 -31.51
CA GLY L 206 4.24 -16.35 -32.52
C GLY L 206 4.48 -14.87 -32.70
N VAL L 207 3.39 -14.10 -32.69
CA VAL L 207 3.51 -12.66 -32.84
C VAL L 207 3.62 -11.96 -31.51
N PHE L 208 3.71 -12.69 -30.39
CA PHE L 208 4.14 -12.03 -29.18
C PHE L 208 5.65 -11.82 -29.17
N ARG L 209 6.38 -12.48 -30.07
CA ARG L 209 7.82 -12.33 -30.10
C ARG L 209 8.26 -11.35 -31.17
N GLU L 210 7.53 -11.28 -32.28
CA GLU L 210 8.00 -10.47 -33.41
C GLU L 210 7.54 -9.03 -33.30
N ASP L 211 6.43 -8.79 -32.61
CA ASP L 211 5.84 -7.45 -32.56
C ASP L 211 6.20 -6.81 -31.22
N PRO L 212 6.68 -5.57 -31.18
CA PRO L 212 6.90 -4.93 -29.88
C PRO L 212 5.64 -4.38 -29.26
N LYS L 213 4.65 -4.03 -30.07
CA LYS L 213 3.39 -3.53 -29.54
C LYS L 213 2.58 -4.64 -28.90
N THR L 214 2.79 -5.88 -29.36
CA THR L 214 1.96 -6.99 -28.90
C THR L 214 2.54 -7.59 -27.64
N ARG L 215 3.86 -7.62 -27.52
CA ARG L 215 4.47 -8.10 -26.30
C ARG L 215 4.26 -7.11 -25.16
N GLU L 216 4.24 -5.83 -25.48
CA GLU L 216 4.15 -4.82 -24.44
C GLU L 216 2.71 -4.60 -24.00
N GLU L 217 1.75 -4.94 -24.87
CA GLU L 217 0.35 -4.94 -24.47
C GLU L 217 0.07 -6.06 -23.47
N PHE L 218 0.70 -7.22 -23.69
CA PHE L 218 0.60 -8.34 -22.77
C PHE L 218 1.19 -8.00 -21.41
N LEU L 219 2.37 -7.35 -21.40
CA LEU L 219 3.14 -7.22 -20.17
C LEU L 219 2.63 -6.09 -19.28
N THR L 220 1.81 -5.19 -19.81
CA THR L 220 1.22 -4.15 -18.97
C THR L 220 -0.11 -4.60 -18.36
N LEU L 221 -0.83 -5.47 -19.07
CA LEU L 221 -2.16 -5.84 -18.60
C LEU L 221 -2.10 -6.93 -17.54
N ILE L 222 -1.02 -7.73 -17.55
CA ILE L 222 -0.90 -8.82 -16.58
C ILE L 222 -0.55 -8.31 -15.20
N ARG L 223 -0.13 -7.06 -15.09
CA ARG L 223 0.19 -6.48 -13.80
C ARG L 223 -0.82 -5.41 -13.43
N ASN M 41 44.62 -17.83 11.84
CA ASN M 41 44.37 -16.42 11.60
C ASN M 41 43.22 -15.90 12.47
N LEU M 42 42.49 -16.82 13.09
CA LEU M 42 41.46 -16.42 14.06
C LEU M 42 42.02 -15.80 15.34
N PRO M 43 43.16 -16.25 15.92
CA PRO M 43 43.76 -15.41 16.96
C PRO M 43 44.40 -14.14 16.43
N ASN M 44 44.77 -14.10 15.15
CA ASN M 44 45.35 -12.88 14.59
C ASN M 44 44.29 -11.80 14.37
N LEU M 45 43.06 -12.22 14.06
CA LEU M 45 41.96 -11.25 14.00
C LEU M 45 41.56 -10.78 15.38
N ALA M 46 41.48 -11.71 16.35
CA ALA M 46 40.96 -11.39 17.67
C ALA M 46 41.89 -10.46 18.44
N ALA M 47 43.19 -10.54 18.16
CA ALA M 47 44.12 -9.57 18.74
C ALA M 47 43.98 -8.22 18.06
N ALA M 48 43.53 -8.21 16.80
CA ALA M 48 43.36 -6.94 16.08
C ALA M 48 42.06 -6.25 16.48
N TYR M 49 41.06 -7.01 16.92
CA TYR M 49 39.84 -6.38 17.42
C TYR M 49 39.99 -5.92 18.86
N SER M 50 40.87 -6.55 19.64
CA SER M 50 41.09 -6.10 21.01
C SER M 50 41.87 -4.79 21.03
N SER M 51 42.66 -4.54 20.00
CA SER M 51 43.35 -3.26 19.87
C SER M 51 42.43 -2.17 19.34
N ILE M 52 41.34 -2.57 18.68
CA ILE M 52 40.31 -1.61 18.28
C ILE M 52 39.53 -1.14 19.50
N LEU M 53 39.18 -2.07 20.39
CA LEU M 53 38.39 -1.75 21.58
C LEU M 53 39.14 -0.84 22.54
N SER M 54 40.48 -0.96 22.56
CA SER M 54 41.28 -0.10 23.41
C SER M 54 41.47 1.28 22.79
N SER M 55 41.51 1.36 21.47
CA SER M 55 41.80 2.62 20.79
C SER M 55 40.60 3.54 20.77
N LEU M 56 39.41 2.99 20.97
CA LEU M 56 38.20 3.81 20.95
C LEU M 56 37.89 4.48 22.28
N GLY M 57 38.76 4.36 23.29
CA GLY M 57 38.48 4.88 24.60
C GLY M 57 37.56 4.00 25.42
N GLU M 58 37.44 2.73 25.05
CA GLU M 58 36.50 1.79 25.64
C GLU M 58 37.27 0.76 26.46
N ASN M 59 36.63 0.24 27.51
CA ASN M 59 37.26 -0.71 28.42
C ASN M 59 37.05 -2.13 27.92
N PRO M 60 38.08 -2.82 27.41
CA PRO M 60 37.84 -4.14 26.81
C PRO M 60 37.60 -5.23 27.82
N GLN M 61 37.77 -4.95 29.10
CA GLN M 61 37.52 -5.92 30.17
C GLN M 61 36.38 -5.39 31.02
N ARG M 62 35.15 -5.64 30.57
CA ARG M 62 33.96 -5.29 31.31
C ARG M 62 32.86 -6.28 31.00
N GLN M 63 31.72 -6.08 31.65
CA GLN M 63 30.55 -6.89 31.36
C GLN M 63 30.00 -6.52 29.98
N GLY M 64 30.28 -7.37 29.00
CA GLY M 64 29.79 -7.15 27.65
C GLY M 64 30.84 -7.07 26.57
N LEU M 65 32.13 -7.13 26.91
CA LEU M 65 33.19 -7.05 25.92
C LEU M 65 34.27 -8.11 26.17
N LEU M 66 33.86 -9.26 26.68
CA LEU M 66 34.81 -10.34 26.94
C LEU M 66 35.01 -11.23 25.72
N LYS M 67 33.93 -11.66 25.10
CA LYS M 67 33.99 -12.45 23.87
C LYS M 67 33.91 -11.59 22.62
N THR M 68 33.86 -10.27 22.78
CA THR M 68 33.74 -9.34 21.65
C THR M 68 34.89 -9.38 20.66
N PRO M 69 36.19 -9.51 21.05
CA PRO M 69 37.20 -9.76 20.00
C PRO M 69 37.05 -11.09 19.28
N TRP M 70 36.43 -12.08 19.92
CA TRP M 70 36.31 -13.40 19.33
C TRP M 70 34.97 -13.60 18.63
N ARG M 71 33.90 -12.95 19.10
CA ARG M 71 32.65 -13.00 18.37
C ARG M 71 32.73 -12.20 17.08
N ALA M 72 33.48 -11.10 17.10
CA ALA M 72 33.59 -10.27 15.91
C ALA M 72 34.59 -10.83 14.92
N ALA M 73 35.56 -11.63 15.39
CA ALA M 73 36.51 -12.24 14.48
C ALA M 73 35.84 -13.34 13.66
N SER M 74 34.95 -14.10 14.28
CA SER M 74 34.21 -15.12 13.54
C SER M 74 33.07 -14.52 12.75
N ALA M 75 32.83 -13.21 12.92
CA ALA M 75 31.85 -12.53 12.07
C ALA M 75 32.48 -12.10 10.76
N MET M 76 33.72 -11.63 10.79
CA MET M 76 34.38 -11.14 9.59
C MET M 76 34.85 -12.29 8.71
N GLN M 77 35.03 -13.48 9.30
CA GLN M 77 35.32 -14.67 8.50
C GLN M 77 34.08 -15.22 7.85
N PHE M 78 32.92 -15.04 8.46
CA PHE M 78 31.67 -15.37 7.80
C PHE M 78 31.35 -14.36 6.71
N PHE M 79 31.74 -13.09 6.91
CA PHE M 79 31.29 -12.05 6.01
C PHE M 79 32.15 -11.98 4.77
N THR M 80 33.28 -12.69 4.77
CA THR M 80 34.22 -12.75 3.65
C THR M 80 34.55 -14.19 3.24
N LYS M 81 33.60 -15.12 3.40
CA LYS M 81 33.86 -16.54 3.21
C LYS M 81 33.74 -17.00 1.76
N GLY M 82 33.56 -16.06 0.84
CA GLY M 82 33.51 -16.38 -0.57
C GLY M 82 34.86 -16.56 -1.22
N TYR M 83 35.94 -16.19 -0.53
CA TYR M 83 37.27 -16.50 -1.02
C TYR M 83 38.10 -17.11 0.10
N ASP M 101 13.78 -22.55 -25.37
CA ASP M 101 13.94 -21.16 -25.78
C ASP M 101 12.96 -20.29 -25.00
N GLU M 102 13.45 -19.64 -23.94
CA GLU M 102 12.64 -18.84 -23.05
C GLU M 102 13.55 -18.03 -22.16
N MET M 103 12.96 -17.10 -21.43
CA MET M 103 13.71 -16.22 -20.55
C MET M 103 13.54 -16.66 -19.12
N VAL M 104 14.64 -16.78 -18.38
CA VAL M 104 14.59 -17.25 -17.00
C VAL M 104 15.08 -16.13 -16.10
N ILE M 105 14.15 -15.38 -15.51
CA ILE M 105 14.46 -14.30 -14.58
C ILE M 105 14.35 -14.82 -13.15
N VAL M 106 15.41 -14.66 -12.38
CA VAL M 106 15.44 -15.05 -10.97
C VAL M 106 15.64 -13.76 -10.17
N LYS M 107 14.61 -13.35 -9.45
CA LYS M 107 14.61 -12.08 -8.75
C LYS M 107 14.61 -12.30 -7.25
N ASP M 108 14.72 -11.18 -6.52
CA ASP M 108 14.66 -11.10 -5.06
C ASP M 108 15.79 -11.86 -4.38
N ILE M 109 16.91 -12.02 -5.08
CA ILE M 109 18.07 -12.73 -4.54
C ILE M 109 18.72 -11.85 -3.48
N ASP M 110 18.64 -12.28 -2.22
CA ASP M 110 19.15 -11.47 -1.12
C ASP M 110 20.67 -11.49 -1.09
N MET M 111 21.26 -10.32 -0.85
CA MET M 111 22.70 -10.14 -0.92
C MET M 111 23.15 -9.41 0.35
N PHE M 112 24.31 -9.78 0.87
CA PHE M 112 24.92 -9.15 2.04
C PHE M 112 26.42 -9.13 1.86
N SER M 113 26.95 -8.01 1.38
CA SER M 113 28.36 -7.92 1.03
C SER M 113 29.04 -6.92 1.97
N MET M 114 30.37 -6.91 1.90
CA MET M 114 31.18 -6.00 2.70
C MET M 114 31.78 -4.94 1.79
N CYS M 115 31.63 -3.67 2.16
CA CYS M 115 32.30 -2.61 1.41
C CYS M 115 33.80 -2.72 1.61
N GLU M 116 34.56 -2.56 0.54
CA GLU M 116 36.00 -2.71 0.69
C GLU M 116 36.66 -1.39 1.02
N HIS M 117 35.89 -0.31 1.08
CA HIS M 117 36.48 0.98 1.41
C HIS M 117 36.44 1.21 2.91
N HIS M 118 35.27 1.04 3.52
CA HIS M 118 35.06 1.35 4.92
C HIS M 118 34.85 0.12 5.79
N LEU M 119 34.89 -1.09 5.20
CA LEU M 119 34.78 -2.39 5.89
C LEU M 119 33.46 -2.53 6.65
N VAL M 120 32.41 -1.88 6.15
CA VAL M 120 31.09 -1.82 6.77
C VAL M 120 30.16 -2.47 5.76
N PRO M 121 29.18 -3.28 6.15
CA PRO M 121 28.36 -4.00 5.16
C PRO M 121 27.54 -3.11 4.25
N PHE M 122 27.06 -3.71 3.16
CA PHE M 122 25.98 -3.13 2.39
C PHE M 122 25.04 -4.25 1.97
N VAL M 123 23.76 -3.93 1.90
CA VAL M 123 22.67 -4.88 1.91
C VAL M 123 21.80 -4.65 0.70
N GLY M 124 21.62 -5.70 -0.11
CA GLY M 124 20.80 -5.51 -1.29
C GLY M 124 20.19 -6.72 -1.94
N LYS M 125 19.73 -6.53 -3.18
CA LYS M 125 19.06 -7.57 -3.95
C LYS M 125 19.68 -7.62 -5.33
N VAL M 126 19.79 -8.83 -5.87
CA VAL M 126 20.32 -9.08 -7.21
C VAL M 126 19.18 -9.62 -8.07
N HIS M 127 19.07 -9.12 -9.29
CA HIS M 127 18.09 -9.59 -10.25
C HIS M 127 18.84 -10.13 -11.45
N ILE M 128 18.62 -11.39 -11.77
CA ILE M 128 19.32 -12.04 -12.86
C ILE M 128 18.30 -12.62 -13.82
N GLY M 129 18.49 -12.37 -15.10
CA GLY M 129 17.72 -13.02 -16.13
C GLY M 129 18.62 -13.38 -17.29
N TYR M 130 18.26 -14.46 -17.99
CA TYR M 130 19.10 -14.92 -19.09
C TYR M 130 18.26 -15.66 -20.11
N LEU M 131 18.76 -15.69 -21.34
CA LEU M 131 18.17 -16.47 -22.42
C LEU M 131 19.10 -17.62 -22.80
N PRO M 132 18.78 -18.86 -22.43
CA PRO M 132 19.68 -19.98 -22.71
C PRO M 132 19.80 -20.30 -24.19
N ASN M 133 20.91 -20.95 -24.55
CA ASN M 133 21.09 -21.52 -25.88
C ASN M 133 20.94 -23.04 -25.87
N LYS M 134 21.80 -23.72 -25.11
CA LYS M 134 21.76 -25.18 -25.05
C LYS M 134 21.75 -25.65 -23.62
N GLN M 135 22.34 -24.87 -22.72
CA GLN M 135 22.59 -25.29 -21.35
C GLN M 135 21.88 -24.33 -20.40
N VAL M 136 21.04 -24.88 -19.55
CA VAL M 136 20.38 -24.09 -18.51
C VAL M 136 21.10 -24.35 -17.19
N LEU M 137 20.83 -23.50 -16.21
CA LEU M 137 21.50 -23.54 -14.94
C LEU M 137 20.47 -23.60 -13.82
N GLY M 138 20.79 -24.36 -12.78
CA GLY M 138 19.90 -24.57 -11.66
C GLY M 138 19.60 -23.30 -10.89
N LEU M 139 18.44 -23.25 -10.26
CA LEU M 139 18.03 -22.03 -9.59
C LEU M 139 18.67 -21.92 -8.21
N SER M 140 19.26 -23.03 -7.74
CA SER M 140 20.05 -22.98 -6.51
C SER M 140 21.52 -22.74 -6.81
N LYS M 141 21.94 -22.94 -8.06
CA LYS M 141 23.32 -22.67 -8.43
C LYS M 141 23.53 -21.21 -8.78
N LEU M 142 22.49 -20.53 -9.28
CA LEU M 142 22.57 -19.09 -9.49
C LEU M 142 22.73 -18.35 -8.17
N ALA M 143 22.21 -18.91 -7.08
CA ALA M 143 22.30 -18.25 -5.79
C ALA M 143 23.63 -18.49 -5.11
N ARG M 144 24.30 -19.58 -5.47
CA ARG M 144 25.63 -19.83 -4.91
C ARG M 144 26.69 -19.07 -5.68
N ILE M 145 26.43 -18.75 -6.94
CA ILE M 145 27.25 -17.81 -7.68
C ILE M 145 27.15 -16.43 -7.07
N VAL M 146 25.96 -16.08 -6.56
CA VAL M 146 25.77 -14.84 -5.82
C VAL M 146 26.61 -14.83 -4.55
N GLU M 147 26.50 -15.90 -3.75
CA GLU M 147 27.11 -15.92 -2.42
C GLU M 147 28.63 -16.01 -2.48
N ILE M 148 29.16 -16.51 -3.59
CA ILE M 148 30.61 -16.57 -3.75
C ILE M 148 31.17 -15.17 -4.00
N TYR M 149 30.48 -14.39 -4.82
CA TYR M 149 31.01 -13.08 -5.13
C TYR M 149 30.52 -12.01 -4.17
N SER M 150 29.42 -12.24 -3.46
CA SER M 150 28.96 -11.21 -2.54
C SER M 150 29.68 -11.31 -1.20
N ARG M 151 29.90 -12.52 -0.68
CA ARG M 151 30.58 -12.70 0.60
C ARG M 151 32.10 -12.50 0.44
N ARG M 152 32.47 -11.29 0.04
CA ARG M 152 33.83 -10.87 -0.19
C ARG M 152 33.90 -9.39 0.20
N LEU M 153 35.06 -8.78 -0.04
CA LEU M 153 35.21 -7.34 0.07
C LEU M 153 34.98 -6.74 -1.31
N GLN M 154 33.83 -6.09 -1.51
CA GLN M 154 33.37 -5.73 -2.84
C GLN M 154 33.21 -4.22 -3.01
N VAL M 155 32.94 -3.84 -4.26
CA VAL M 155 32.12 -2.68 -4.58
C VAL M 155 30.93 -3.22 -5.34
N GLN M 156 29.83 -2.47 -5.36
CA GLN M 156 28.62 -2.90 -6.06
C GLN M 156 28.83 -2.96 -7.56
N GLU M 157 29.73 -2.12 -8.07
CA GLU M 157 29.94 -2.02 -9.51
C GLU M 157 30.69 -3.23 -10.05
N ARG M 158 31.65 -3.76 -9.28
CA ARG M 158 32.36 -4.96 -9.67
C ARG M 158 31.52 -6.20 -9.39
N LEU M 159 30.69 -6.14 -8.35
CA LEU M 159 29.85 -7.27 -7.98
C LEU M 159 28.77 -7.54 -9.01
N THR M 160 28.28 -6.49 -9.66
CA THR M 160 27.36 -6.66 -10.79
C THR M 160 28.06 -7.32 -11.97
N LYS M 161 29.23 -6.80 -12.35
CA LYS M 161 29.93 -7.28 -13.52
C LYS M 161 30.47 -8.69 -13.33
N GLN M 162 30.83 -9.05 -12.10
CA GLN M 162 31.36 -10.39 -11.83
C GLN M 162 30.28 -11.46 -11.94
N ILE M 163 29.05 -11.15 -11.52
CA ILE M 163 27.98 -12.14 -11.59
C ILE M 163 27.59 -12.41 -13.03
N ALA M 164 27.60 -11.38 -13.86
CA ALA M 164 27.25 -11.55 -15.26
C ALA M 164 28.28 -12.38 -16.00
N VAL M 165 29.56 -12.24 -15.63
CA VAL M 165 30.64 -12.99 -16.29
C VAL M 165 30.62 -14.45 -15.87
N ALA M 166 30.23 -14.73 -14.63
CA ALA M 166 30.18 -16.10 -14.14
C ALA M 166 29.06 -16.89 -14.80
N ILE M 167 27.94 -16.24 -15.10
CA ILE M 167 26.83 -16.88 -15.78
C ILE M 167 27.10 -16.98 -17.28
N THR M 168 27.83 -16.00 -17.82
CA THR M 168 28.19 -16.01 -19.23
C THR M 168 29.12 -17.17 -19.56
N GLU M 169 30.09 -17.43 -18.68
CA GLU M 169 31.05 -18.50 -18.95
C GLU M 169 30.48 -19.86 -18.58
N ALA M 170 29.48 -19.89 -17.70
CA ALA M 170 28.91 -21.17 -17.29
C ALA M 170 28.05 -21.78 -18.39
N LEU M 171 27.33 -20.94 -19.12
CA LEU M 171 26.29 -21.40 -20.03
C LEU M 171 26.52 -21.02 -21.48
N ARG M 172 27.30 -19.97 -21.73
CA ARG M 172 27.29 -19.20 -22.98
C ARG M 172 25.86 -18.94 -23.49
N PRO M 173 25.09 -18.09 -22.83
CA PRO M 173 23.70 -17.89 -23.24
C PRO M 173 23.60 -16.83 -24.33
N ALA M 174 22.36 -16.57 -24.74
CA ALA M 174 22.12 -15.49 -25.69
C ALA M 174 22.36 -14.13 -25.06
N GLY M 175 21.83 -13.90 -23.87
CA GLY M 175 22.02 -12.64 -23.19
C GLY M 175 21.94 -12.82 -21.69
N VAL M 176 22.53 -11.87 -20.98
CA VAL M 176 22.58 -11.85 -19.52
C VAL M 176 22.17 -10.45 -19.06
N GLY M 177 21.28 -10.39 -18.07
CA GLY M 177 20.96 -9.14 -17.43
C GLY M 177 21.13 -9.24 -15.93
N VAL M 178 21.96 -8.41 -15.34
CA VAL M 178 22.22 -8.42 -13.91
C VAL M 178 21.95 -7.03 -13.36
N VAL M 179 21.09 -6.93 -12.35
CA VAL M 179 20.71 -5.68 -11.72
C VAL M 179 20.88 -5.86 -10.22
N VAL M 180 21.75 -5.06 -9.62
CA VAL M 180 21.98 -5.08 -8.18
C VAL M 180 21.59 -3.71 -7.62
N GLU M 181 20.55 -3.69 -6.78
CA GLU M 181 20.22 -2.53 -5.95
C GLU M 181 20.65 -2.85 -4.53
N ALA M 182 21.21 -1.85 -3.84
CA ALA M 182 21.74 -2.08 -2.49
C ALA M 182 21.90 -0.76 -1.75
N THR M 183 21.80 -0.83 -0.42
CA THR M 183 21.95 0.33 0.45
C THR M 183 23.33 0.30 1.11
N HIS M 184 24.10 1.35 0.90
CA HIS M 184 25.45 1.47 1.42
C HIS M 184 25.41 2.24 2.74
N MET M 185 25.79 1.57 3.83
CA MET M 185 25.75 2.18 5.15
C MET M 185 26.98 3.02 5.46
N CYS M 186 27.94 3.14 4.55
CA CYS M 186 29.09 4.00 4.75
C CYS M 186 28.75 5.47 4.48
N LYS M 198 19.36 4.03 -2.09
CA LYS M 198 19.78 2.86 -2.82
C LYS M 198 20.47 3.25 -4.11
N THR M 199 21.39 2.41 -4.57
CA THR M 199 22.09 2.59 -5.84
C THR M 199 21.88 1.36 -6.70
N VAL M 200 21.50 1.57 -7.95
CA VAL M 200 21.24 0.49 -8.91
C VAL M 200 22.38 0.46 -9.91
N THR M 201 23.06 -0.68 -10.00
CA THR M 201 24.01 -0.94 -11.08
C THR M 201 23.43 -2.04 -11.96
N SER M 202 23.77 -2.02 -13.25
CA SER M 202 23.07 -2.86 -14.21
C SER M 202 23.95 -3.15 -15.42
N THR M 203 24.33 -4.42 -15.59
CA THR M 203 24.98 -4.93 -16.79
C THR M 203 23.94 -5.62 -17.68
N MET M 204 23.98 -5.31 -18.97
CA MET M 204 23.10 -5.90 -19.98
C MET M 204 23.97 -6.43 -21.10
N LEU M 205 24.15 -7.74 -21.16
CA LEU M 205 25.08 -8.37 -22.08
C LEU M 205 24.31 -9.17 -23.11
N GLY M 206 24.89 -9.32 -24.29
CA GLY M 206 24.29 -10.21 -25.27
C GLY M 206 23.12 -9.57 -25.96
N VAL M 207 22.01 -10.32 -26.03
CA VAL M 207 20.81 -9.79 -26.67
C VAL M 207 19.91 -9.10 -25.69
N PHE M 208 20.32 -8.93 -24.43
CA PHE M 208 19.59 -7.99 -23.60
C PHE M 208 20.00 -6.56 -23.91
N ARG M 209 21.08 -6.37 -24.65
CA ARG M 209 21.53 -5.01 -24.98
C ARG M 209 21.08 -4.61 -26.39
N GLU M 210 21.01 -5.56 -27.32
CA GLU M 210 20.76 -5.19 -28.70
C GLU M 210 19.27 -5.13 -29.00
N ASP M 211 18.46 -5.85 -28.26
CA ASP M 211 17.04 -5.95 -28.55
C ASP M 211 16.28 -5.04 -27.58
N PRO M 212 15.35 -4.21 -28.05
CA PRO M 212 14.55 -3.43 -27.10
C PRO M 212 13.41 -4.22 -26.49
N LYS M 213 12.91 -5.23 -27.19
CA LYS M 213 11.86 -6.06 -26.65
C LYS M 213 12.37 -6.97 -25.55
N THR M 214 13.65 -7.30 -25.59
CA THR M 214 14.20 -8.27 -24.65
C THR M 214 14.65 -7.59 -23.38
N ARG M 215 15.16 -6.36 -23.48
CA ARG M 215 15.52 -5.61 -22.29
C ARG M 215 14.28 -5.17 -21.54
N GLU M 216 13.21 -4.88 -22.26
CA GLU M 216 12.03 -4.34 -21.62
C GLU M 216 11.17 -5.46 -21.04
N GLU M 217 11.31 -6.67 -21.56
CA GLU M 217 10.66 -7.83 -20.95
C GLU M 217 11.30 -8.15 -19.61
N PHE M 218 12.63 -8.01 -19.53
CA PHE M 218 13.36 -8.20 -18.28
C PHE M 218 12.94 -7.16 -17.24
N LEU M 219 12.83 -5.90 -17.64
CA LEU M 219 12.71 -4.80 -16.69
C LEU M 219 11.28 -4.65 -16.15
N THR M 220 10.30 -5.27 -16.80
CA THR M 220 8.94 -5.23 -16.26
C THR M 220 8.67 -6.40 -15.32
N LEU M 221 9.33 -7.54 -15.57
CA LEU M 221 9.03 -8.72 -14.78
C LEU M 221 9.76 -8.71 -13.44
N ILE M 222 10.89 -7.99 -13.37
CA ILE M 222 11.67 -7.96 -12.12
C ILE M 222 11.00 -7.09 -11.08
N ARG M 223 10.03 -6.27 -11.47
CA ARG M 223 9.32 -5.44 -10.52
C ARG M 223 7.89 -5.91 -10.37
N ASN N 41 -44.39 -12.32 -18.20
CA ASN N 41 -43.28 -13.26 -18.10
C ASN N 41 -42.71 -13.30 -16.68
N LEU N 42 -43.11 -12.33 -15.86
CA LEU N 42 -42.75 -12.35 -14.45
C LEU N 42 -43.41 -13.49 -13.65
N PRO N 43 -44.67 -13.89 -13.88
CA PRO N 43 -45.11 -15.16 -13.29
C PRO N 43 -44.48 -16.38 -13.94
N ASN N 44 -44.03 -16.28 -15.18
CA ASN N 44 -43.39 -17.42 -15.84
C ASN N 44 -41.99 -17.66 -15.28
N LEU N 45 -41.30 -16.60 -14.87
CA LEU N 45 -40.02 -16.77 -14.18
C LEU N 45 -40.21 -17.30 -12.77
N ALA N 46 -41.21 -16.75 -12.06
CA ALA N 46 -41.39 -17.08 -10.65
C ALA N 46 -41.82 -18.53 -10.45
N ALA N 47 -42.54 -19.08 -11.43
CA ALA N 47 -42.85 -20.51 -11.39
C ALA N 47 -41.63 -21.35 -11.71
N ALA N 48 -40.68 -20.79 -12.46
CA ALA N 48 -39.46 -21.53 -12.80
C ALA N 48 -38.46 -21.49 -11.66
N TYR N 49 -38.51 -20.46 -10.81
CA TYR N 49 -37.65 -20.46 -9.63
C TYR N 49 -38.23 -21.28 -8.49
N SER N 50 -39.54 -21.45 -8.44
CA SER N 50 -40.15 -22.28 -7.41
C SER N 50 -39.87 -23.76 -7.68
N SER N 51 -39.67 -24.12 -8.95
CA SER N 51 -39.30 -25.48 -9.30
C SER N 51 -37.81 -25.72 -9.07
N ILE N 52 -37.01 -24.65 -9.03
CA ILE N 52 -35.61 -24.77 -8.65
C ILE N 52 -35.49 -25.05 -7.16
N LEU N 53 -36.28 -24.35 -6.35
CA LEU N 53 -36.20 -24.49 -4.89
C LEU N 53 -36.65 -25.89 -4.45
N SER N 54 -37.56 -26.50 -5.20
CA SER N 54 -38.01 -27.85 -4.87
C SER N 54 -37.00 -28.90 -5.33
N SER N 55 -36.29 -28.63 -6.43
CA SER N 55 -35.39 -29.63 -6.99
C SER N 55 -34.09 -29.72 -6.21
N LEU N 56 -33.77 -28.70 -5.43
CA LEU N 56 -32.53 -28.71 -4.65
C LEU N 56 -32.65 -29.43 -3.32
N GLY N 57 -33.79 -30.06 -3.02
CA GLY N 57 -33.99 -30.68 -1.74
C GLY N 57 -34.35 -29.70 -0.65
N GLU N 58 -34.82 -28.51 -1.02
CA GLU N 58 -35.09 -27.42 -0.10
C GLU N 58 -36.60 -27.22 -0.01
N ASN N 59 -37.06 -26.72 1.15
CA ASN N 59 -38.48 -26.53 1.42
C ASN N 59 -38.91 -25.15 0.96
N PRO N 60 -39.69 -25.00 -0.11
CA PRO N 60 -40.00 -23.66 -0.62
C PRO N 60 -41.01 -22.92 0.22
N GLN N 61 -41.62 -23.57 1.20
CA GLN N 61 -42.58 -22.94 2.09
C GLN N 61 -42.01 -22.98 3.50
N ARG N 62 -41.16 -22.01 3.81
CA ARG N 62 -40.60 -21.85 5.14
C ARG N 62 -40.33 -20.38 5.40
N GLN N 63 -39.84 -20.10 6.61
CA GLN N 63 -39.43 -18.76 6.94
C GLN N 63 -38.16 -18.41 6.18
N GLY N 64 -38.31 -17.61 5.13
CA GLY N 64 -37.18 -17.17 4.34
C GLY N 64 -37.23 -17.50 2.87
N LEU N 65 -38.23 -18.24 2.40
CA LEU N 65 -38.33 -18.62 1.00
C LEU N 65 -39.75 -18.40 0.47
N LEU N 66 -40.44 -17.38 0.98
CA LEU N 66 -41.79 -17.10 0.52
C LEU N 66 -41.79 -16.16 -0.68
N LYS N 67 -41.04 -15.07 -0.63
CA LYS N 67 -40.90 -14.15 -1.74
C LYS N 67 -39.69 -14.47 -2.61
N THR N 68 -38.98 -15.55 -2.30
CA THR N 68 -37.78 -15.93 -3.03
C THR N 68 -38.00 -16.26 -4.52
N PRO N 69 -39.08 -16.94 -4.96
CA PRO N 69 -39.32 -17.01 -6.41
C PRO N 69 -39.62 -15.66 -7.06
N TRP N 70 -40.15 -14.70 -6.30
CA TRP N 70 -40.54 -13.42 -6.86
C TRP N 70 -39.46 -12.36 -6.68
N ARG N 71 -38.66 -12.45 -5.62
CA ARG N 71 -37.51 -11.54 -5.50
C ARG N 71 -36.43 -11.90 -6.50
N ALA N 72 -36.27 -13.18 -6.79
CA ALA N 72 -35.23 -13.60 -7.73
C ALA N 72 -35.67 -13.41 -9.17
N ALA N 73 -36.98 -13.41 -9.43
CA ALA N 73 -37.45 -13.19 -10.79
C ALA N 73 -37.24 -11.75 -11.20
N SER N 74 -37.46 -10.81 -10.26
CA SER N 74 -37.21 -9.40 -10.55
C SER N 74 -35.72 -9.07 -10.47
N ALA N 75 -34.90 -10.04 -10.04
CA ALA N 75 -33.46 -9.85 -10.09
C ALA N 75 -32.91 -10.18 -11.47
N MET N 76 -33.44 -11.24 -12.10
CA MET N 76 -32.93 -11.66 -13.40
C MET N 76 -33.43 -10.75 -14.52
N GLN N 77 -34.54 -10.05 -14.28
CA GLN N 77 -35.01 -9.04 -15.23
C GLN N 77 -34.21 -7.76 -15.11
N PHE N 78 -33.70 -7.45 -13.92
CA PHE N 78 -32.77 -6.34 -13.79
C PHE N 78 -31.40 -6.70 -14.37
N PHE N 79 -31.02 -7.97 -14.28
CA PHE N 79 -29.66 -8.35 -14.64
C PHE N 79 -29.51 -8.53 -16.14
N THR N 80 -30.63 -8.57 -16.87
CA THR N 80 -30.66 -8.72 -18.31
C THR N 80 -31.50 -7.62 -18.99
N LYS N 81 -31.52 -6.43 -18.42
CA LYS N 81 -32.42 -5.37 -18.89
C LYS N 81 -31.85 -4.55 -20.05
N GLY N 82 -30.70 -4.97 -20.60
CA GLY N 82 -30.13 -4.30 -21.75
C GLY N 82 -30.73 -4.72 -23.07
N TYR N 83 -31.54 -5.77 -23.09
CA TYR N 83 -32.31 -6.10 -24.29
C TYR N 83 -33.77 -6.34 -23.92
N ASP N 101 -8.48 17.67 -31.26
CA ASP N 101 -7.56 16.57 -31.52
C ASP N 101 -6.85 16.18 -30.24
N GLU N 102 -7.34 15.13 -29.59
CA GLU N 102 -6.83 14.69 -28.31
C GLU N 102 -7.39 13.31 -28.01
N MET N 103 -6.86 12.69 -26.97
CA MET N 103 -7.28 11.35 -26.59
C MET N 103 -8.17 11.42 -25.38
N VAL N 104 -9.32 10.74 -25.43
CA VAL N 104 -10.27 10.77 -24.33
C VAL N 104 -10.40 9.37 -23.76
N ILE N 105 -9.68 9.11 -22.66
CA ILE N 105 -9.73 7.84 -21.95
C ILE N 105 -10.72 7.94 -20.79
N VAL N 106 -11.69 7.03 -20.76
CA VAL N 106 -12.67 6.96 -19.67
C VAL N 106 -12.46 5.61 -18.99
N LYS N 107 -11.96 5.65 -17.77
CA LYS N 107 -11.58 4.44 -17.05
C LYS N 107 -12.50 4.21 -15.86
N ASP N 108 -12.29 3.07 -15.21
CA ASP N 108 -12.97 2.65 -13.97
C ASP N 108 -14.47 2.48 -14.16
N ILE N 109 -14.90 2.20 -15.39
CA ILE N 109 -16.32 2.01 -15.69
C ILE N 109 -16.77 0.68 -15.11
N ASP N 110 -17.62 0.74 -14.08
CA ASP N 110 -18.05 -0.47 -13.39
C ASP N 110 -19.03 -1.28 -14.24
N MET N 111 -18.83 -2.59 -14.26
CA MET N 111 -19.59 -3.49 -15.12
C MET N 111 -20.09 -4.65 -14.27
N PHE N 112 -21.31 -5.11 -14.55
CA PHE N 112 -21.92 -6.24 -13.87
C PHE N 112 -22.76 -7.00 -14.88
N SER N 113 -22.18 -8.06 -15.45
CA SER N 113 -22.83 -8.80 -16.52
C SER N 113 -23.16 -10.21 -16.05
N MET N 114 -23.95 -10.91 -16.85
CA MET N 114 -24.35 -12.29 -16.57
C MET N 114 -23.63 -13.22 -17.54
N CYS N 115 -22.99 -14.25 -17.00
CA CYS N 115 -22.39 -15.27 -17.86
C CYS N 115 -23.49 -16.03 -18.57
N GLU N 116 -23.32 -16.29 -19.86
CA GLU N 116 -24.38 -16.97 -20.59
C GLU N 116 -24.20 -18.47 -20.54
N HIS N 117 -23.12 -18.94 -19.93
CA HIS N 117 -22.91 -20.38 -19.85
C HIS N 117 -23.52 -20.95 -18.58
N HIS N 118 -23.21 -20.34 -17.44
CA HIS N 118 -23.64 -20.85 -16.15
C HIS N 118 -24.68 -19.97 -15.47
N LEU N 119 -25.09 -18.86 -16.11
CA LEU N 119 -26.14 -17.94 -15.63
C LEU N 119 -25.81 -17.33 -14.27
N VAL N 120 -24.51 -17.16 -14.01
CA VAL N 120 -23.98 -16.67 -12.74
C VAL N 120 -23.25 -15.38 -13.10
N PRO N 121 -23.31 -14.31 -12.31
CA PRO N 121 -22.71 -13.04 -12.73
C PRO N 121 -21.20 -13.07 -12.89
N PHE N 122 -20.68 -12.05 -13.57
CA PHE N 122 -19.27 -11.74 -13.51
C PHE N 122 -19.13 -10.24 -13.44
N VAL N 123 -18.09 -9.79 -12.72
CA VAL N 123 -17.98 -8.45 -12.20
C VAL N 123 -16.66 -7.84 -12.67
N GLY N 124 -16.75 -6.70 -13.33
CA GLY N 124 -15.51 -6.11 -13.79
C GLY N 124 -15.51 -4.63 -14.12
N LYS N 125 -14.46 -4.21 -14.83
CA LYS N 125 -14.23 -2.82 -15.19
C LYS N 125 -13.93 -2.75 -16.68
N VAL N 126 -14.43 -1.68 -17.32
CA VAL N 126 -14.19 -1.42 -18.73
C VAL N 126 -13.36 -0.16 -18.84
N HIS N 127 -12.36 -0.17 -19.71
CA HIS N 127 -11.52 0.98 -19.98
C HIS N 127 -11.67 1.33 -21.44
N ILE N 128 -12.11 2.53 -21.73
CA ILE N 128 -12.36 2.99 -23.09
C ILE N 128 -11.55 4.24 -23.34
N GLY N 129 -10.85 4.28 -24.47
CA GLY N 129 -10.21 5.48 -24.94
C GLY N 129 -10.38 5.59 -26.43
N TYR N 130 -10.42 6.83 -26.92
CA TYR N 130 -10.64 7.04 -28.34
C TYR N 130 -10.01 8.36 -28.77
N LEU N 131 -9.69 8.44 -30.06
CA LEU N 131 -9.22 9.67 -30.69
C LEU N 131 -10.27 10.18 -31.66
N PRO N 132 -10.99 11.26 -31.32
CA PRO N 132 -12.05 11.76 -32.20
C PRO N 132 -11.54 12.34 -33.50
N ASN N 133 -12.42 12.38 -34.50
CA ASN N 133 -12.17 13.09 -35.75
C ASN N 133 -12.97 14.38 -35.83
N LYS N 134 -14.29 14.28 -35.78
CA LYS N 134 -15.15 15.46 -35.88
C LYS N 134 -16.17 15.47 -34.76
N GLN N 135 -16.55 14.28 -34.29
CA GLN N 135 -17.66 14.12 -33.37
C GLN N 135 -17.16 13.49 -32.09
N VAL N 136 -17.41 14.15 -30.96
CA VAL N 136 -17.08 13.59 -29.66
C VAL N 136 -18.36 13.07 -29.04
N LEU N 137 -18.21 12.28 -27.99
CA LEU N 137 -19.32 11.61 -27.34
C LEU N 137 -19.30 11.93 -25.85
N GLY N 138 -20.49 12.08 -25.27
CA GLY N 138 -20.64 12.44 -23.88
C GLY N 138 -20.11 11.37 -22.95
N LEU N 139 -19.68 11.79 -21.75
CA LEU N 139 -19.07 10.84 -20.84
C LEU N 139 -20.13 10.06 -20.08
N SER N 140 -21.38 10.51 -20.16
CA SER N 140 -22.49 9.72 -19.60
C SER N 140 -23.12 8.83 -20.66
N LYS N 141 -22.84 9.09 -21.94
CA LYS N 141 -23.35 8.24 -23.00
C LYS N 141 -22.44 7.05 -23.24
N LEU N 142 -21.14 7.18 -22.97
CA LEU N 142 -20.24 6.04 -23.02
C LEU N 142 -20.59 5.01 -21.95
N ALA N 143 -21.17 5.45 -20.84
CA ALA N 143 -21.51 4.53 -19.76
C ALA N 143 -22.84 3.83 -20.01
N ARG N 144 -23.71 4.44 -20.81
CA ARG N 144 -24.96 3.79 -21.14
C ARG N 144 -24.78 2.82 -22.29
N ILE N 145 -23.78 3.04 -23.12
CA ILE N 145 -23.35 2.04 -24.09
C ILE N 145 -22.80 0.82 -23.37
N VAL N 146 -22.12 1.04 -22.24
CA VAL N 146 -21.67 -0.06 -21.39
C VAL N 146 -22.85 -0.83 -20.84
N GLU N 147 -23.83 -0.13 -20.25
CA GLU N 147 -24.92 -0.79 -19.52
C GLU N 147 -25.88 -1.51 -20.46
N ILE N 148 -25.92 -1.11 -21.72
CA ILE N 148 -26.78 -1.79 -22.68
C ILE N 148 -26.18 -3.14 -23.05
N TYR N 149 -24.87 -3.19 -23.23
CA TYR N 149 -24.27 -4.44 -23.64
C TYR N 149 -23.85 -5.29 -22.45
N SER N 150 -23.67 -4.71 -21.27
CA SER N 150 -23.27 -5.53 -20.14
C SER N 150 -24.47 -6.19 -19.48
N ARG N 151 -25.58 -5.47 -19.32
CA ARG N 151 -26.78 -6.03 -18.69
C ARG N 151 -27.52 -6.95 -19.67
N ARG N 152 -26.83 -8.01 -20.07
CA ARG N 152 -27.31 -9.02 -21.00
C ARG N 152 -26.71 -10.35 -20.55
N LEU N 153 -26.95 -11.40 -21.33
CA LEU N 153 -26.25 -12.66 -21.16
C LEU N 153 -25.05 -12.67 -22.09
N GLN N 154 -23.86 -12.53 -21.52
CA GLN N 154 -22.66 -12.22 -22.29
C GLN N 154 -21.59 -13.30 -22.16
N VAL N 155 -20.55 -13.14 -22.98
CA VAL N 155 -19.19 -13.55 -22.64
C VAL N 155 -18.37 -12.28 -22.63
N GLN N 156 -17.23 -12.29 -21.93
CA GLN N 156 -16.37 -11.11 -21.85
C GLN N 156 -15.74 -10.78 -23.20
N GLU N 157 -15.55 -11.80 -24.03
CA GLU N 157 -14.88 -11.62 -25.31
C GLU N 157 -15.76 -10.90 -26.32
N ARG N 158 -17.07 -11.20 -26.29
CA ARG N 158 -18.01 -10.49 -27.17
C ARG N 158 -18.36 -9.13 -26.59
N LEU N 159 -18.35 -9.01 -25.27
CA LEU N 159 -18.67 -7.75 -24.61
C LEU N 159 -17.62 -6.68 -24.86
N THR N 160 -16.36 -7.10 -24.99
CA THR N 160 -15.30 -6.18 -25.40
C THR N 160 -15.50 -5.71 -26.83
N LYS N 161 -15.74 -6.65 -27.75
CA LYS N 161 -15.84 -6.34 -29.17
C LYS N 161 -17.09 -5.52 -29.46
N GLN N 162 -18.18 -5.76 -28.72
CA GLN N 162 -19.42 -5.03 -28.97
C GLN N 162 -19.32 -3.57 -28.55
N ILE N 163 -18.58 -3.27 -27.47
CA ILE N 163 -18.46 -1.89 -27.02
C ILE N 163 -17.63 -1.08 -28.01
N ALA N 164 -16.60 -1.70 -28.58
CA ALA N 164 -15.74 -1.01 -29.52
C ALA N 164 -16.49 -0.69 -30.82
N VAL N 165 -17.40 -1.58 -31.23
CA VAL N 165 -18.15 -1.39 -32.47
C VAL N 165 -19.22 -0.31 -32.28
N ALA N 166 -19.78 -0.20 -31.09
CA ALA N 166 -20.81 0.80 -30.82
C ALA N 166 -20.23 2.21 -30.80
N ILE N 167 -18.99 2.34 -30.33
CA ILE N 167 -18.32 3.65 -30.32
C ILE N 167 -17.77 3.97 -31.71
N THR N 168 -17.37 2.94 -32.44
CA THR N 168 -16.85 3.12 -33.79
C THR N 168 -17.94 3.64 -34.72
N GLU N 169 -19.16 3.11 -34.60
CA GLU N 169 -20.23 3.53 -35.49
C GLU N 169 -20.88 4.83 -35.02
N ALA N 170 -20.72 5.16 -33.74
CA ALA N 170 -21.33 6.38 -33.22
C ALA N 170 -20.57 7.62 -33.69
N LEU N 171 -19.25 7.52 -33.77
CA LEU N 171 -18.39 8.68 -33.96
C LEU N 171 -17.57 8.64 -35.24
N ARG N 172 -17.31 7.44 -35.77
CA ARG N 172 -16.20 7.15 -36.67
C ARG N 172 -14.89 7.84 -36.25
N PRO N 173 -14.25 7.39 -35.18
CA PRO N 173 -13.06 8.07 -34.69
C PRO N 173 -11.82 7.56 -35.39
N ALA N 174 -10.67 8.12 -34.98
CA ALA N 174 -9.40 7.64 -35.49
C ALA N 174 -9.08 6.25 -34.96
N GLY N 175 -9.25 6.04 -33.66
CA GLY N 175 -8.98 4.74 -33.08
C GLY N 175 -9.82 4.53 -31.84
N VAL N 176 -10.01 3.26 -31.49
CA VAL N 176 -10.80 2.84 -30.33
C VAL N 176 -9.96 1.81 -29.57
N GLY N 177 -9.88 1.97 -28.25
CA GLY N 177 -9.29 0.97 -27.41
C GLY N 177 -10.24 0.58 -26.29
N VAL N 178 -10.57 -0.70 -26.20
CA VAL N 178 -11.50 -1.21 -25.18
C VAL N 178 -10.80 -2.33 -24.43
N VAL N 179 -10.75 -2.21 -23.10
CA VAL N 179 -10.11 -3.18 -22.23
C VAL N 179 -11.09 -3.52 -21.13
N VAL N 180 -11.48 -4.78 -21.05
CA VAL N 180 -12.39 -5.27 -20.01
C VAL N 180 -11.64 -6.30 -19.18
N GLU N 181 -11.43 -6.00 -17.90
CA GLU N 181 -10.97 -6.97 -16.91
C GLU N 181 -12.18 -7.32 -16.04
N ALA N 182 -12.31 -8.60 -15.67
CA ALA N 182 -13.47 -9.05 -14.92
C ALA N 182 -13.19 -10.40 -14.25
N THR N 183 -13.86 -10.63 -13.13
CA THR N 183 -13.74 -11.87 -12.38
C THR N 183 -14.95 -12.75 -12.64
N HIS N 184 -14.71 -13.96 -13.13
CA HIS N 184 -15.76 -14.91 -13.46
C HIS N 184 -15.98 -15.85 -12.28
N MET N 185 -17.17 -15.80 -11.70
CA MET N 185 -17.48 -16.62 -10.54
C MET N 185 -17.92 -18.04 -10.89
N CYS N 186 -17.96 -18.40 -12.16
CA CYS N 186 -18.29 -19.75 -12.56
C CYS N 186 -17.08 -20.69 -12.42
N LYS N 198 -8.63 -12.80 -12.52
CA LYS N 198 -9.20 -11.89 -13.51
C LYS N 198 -8.73 -12.23 -14.90
N THR N 199 -9.55 -11.93 -15.89
CA THR N 199 -9.21 -12.12 -17.29
C THR N 199 -9.35 -10.79 -18.02
N VAL N 200 -8.33 -10.42 -18.79
CA VAL N 200 -8.32 -9.17 -19.54
C VAL N 200 -8.51 -9.48 -21.02
N THR N 201 -9.56 -8.90 -21.61
CA THR N 201 -9.73 -8.92 -23.06
C THR N 201 -9.56 -7.50 -23.58
N SER N 202 -9.07 -7.35 -24.81
CA SER N 202 -8.63 -6.06 -25.28
C SER N 202 -8.72 -5.97 -26.80
N THR N 203 -9.61 -5.10 -27.30
CA THR N 203 -9.67 -4.72 -28.71
C THR N 203 -8.97 -3.38 -28.91
N MET N 204 -8.14 -3.31 -29.94
CA MET N 204 -7.41 -2.10 -30.32
C MET N 204 -7.67 -1.84 -31.80
N LEU N 205 -8.51 -0.88 -32.09
CA LEU N 205 -8.98 -0.62 -33.44
C LEU N 205 -8.43 0.71 -33.93
N GLY N 206 -8.27 0.83 -35.24
CA GLY N 206 -7.91 2.11 -35.79
C GLY N 206 -6.44 2.42 -35.62
N VAL N 207 -6.14 3.61 -35.11
CA VAL N 207 -4.76 4.00 -34.89
C VAL N 207 -4.30 3.66 -33.49
N PHE N 208 -5.12 2.98 -32.69
CA PHE N 208 -4.55 2.39 -31.48
C PHE N 208 -3.80 1.11 -31.81
N ARG N 209 -3.98 0.57 -33.01
CA ARG N 209 -3.30 -0.67 -33.38
C ARG N 209 -2.05 -0.40 -34.22
N GLU N 210 -2.08 0.65 -35.04
CA GLU N 210 -0.98 0.86 -35.98
C GLU N 210 0.15 1.68 -35.37
N ASP N 211 -0.16 2.51 -34.38
CA ASP N 211 0.82 3.41 -33.81
C ASP N 211 1.30 2.84 -32.49
N PRO N 212 2.62 2.78 -32.23
CA PRO N 212 3.07 2.33 -30.91
C PRO N 212 3.01 3.41 -29.86
N LYS N 213 3.09 4.67 -30.26
CA LYS N 213 2.98 5.76 -29.31
C LYS N 213 1.56 5.93 -28.81
N THR N 214 0.59 5.52 -29.63
CA THR N 214 -0.81 5.77 -29.29
C THR N 214 -1.36 4.65 -28.43
N ARG N 215 -0.90 3.42 -28.66
CA ARG N 215 -1.32 2.31 -27.83
C ARG N 215 -0.67 2.41 -26.46
N GLU N 216 0.54 2.93 -26.40
CA GLU N 216 1.25 2.97 -25.14
C GLU N 216 0.84 4.17 -24.30
N GLU N 217 0.32 5.21 -24.94
CA GLU N 217 -0.28 6.32 -24.20
C GLU N 217 -1.57 5.89 -23.52
N PHE N 218 -2.35 5.05 -24.19
CA PHE N 218 -3.57 4.49 -23.62
C PHE N 218 -3.25 3.60 -22.42
N LEU N 219 -2.23 2.75 -22.55
CA LEU N 219 -2.02 1.69 -21.57
C LEU N 219 -1.33 2.18 -20.30
N THR N 220 -0.72 3.37 -20.33
CA THR N 220 -0.13 3.92 -19.12
C THR N 220 -1.15 4.75 -18.33
N LEU N 221 -2.08 5.38 -19.04
CA LEU N 221 -3.00 6.30 -18.35
C LEU N 221 -4.15 5.54 -17.71
N ILE N 222 -4.48 4.35 -18.21
CA ILE N 222 -5.60 3.58 -17.63
C ILE N 222 -5.21 2.96 -16.30
N ARG N 223 -3.93 2.92 -15.97
CA ARG N 223 -3.49 2.38 -14.70
C ARG N 223 -2.95 3.48 -13.81
N ASN O 41 30.02 38.37 9.67
CA ASN O 41 28.74 38.52 9.01
C ASN O 41 27.61 37.88 9.82
N LEU O 42 27.98 37.11 10.84
CA LEU O 42 26.99 36.56 11.76
C LEU O 42 26.33 37.63 12.65
N PRO O 43 27.03 38.67 13.15
CA PRO O 43 26.25 39.78 13.73
C PRO O 43 25.50 40.61 12.70
N ASN O 44 25.94 40.61 11.44
CA ASN O 44 25.23 41.36 10.41
C ASN O 44 23.93 40.69 10.02
N LEU O 45 23.88 39.36 10.08
CA LEU O 45 22.62 38.65 9.88
C LEU O 45 21.69 38.82 11.07
N ALA O 46 22.24 38.73 12.28
CA ALA O 46 21.42 38.71 13.49
C ALA O 46 20.77 40.07 13.72
N ALA O 47 21.41 41.15 13.29
CA ALA O 47 20.77 42.45 13.33
C ALA O 47 19.69 42.58 12.27
N ALA O 48 19.82 41.82 11.18
CA ALA O 48 18.82 41.87 10.12
C ALA O 48 17.60 41.02 10.46
N TYR O 49 17.77 39.99 11.29
CA TYR O 49 16.61 39.24 11.75
C TYR O 49 15.89 39.90 12.90
N SER O 50 16.60 40.73 13.69
CA SER O 50 15.95 41.45 14.77
C SER O 50 15.07 42.57 14.22
N SER O 51 15.42 43.09 13.03
CA SER O 51 14.59 44.09 12.37
C SER O 51 13.40 43.44 11.68
N ILE O 52 13.49 42.14 11.38
CA ILE O 52 12.34 41.41 10.86
C ILE O 52 11.32 41.19 11.96
N LEU O 53 11.78 40.82 13.16
CA LEU O 53 10.89 40.53 14.26
C LEU O 53 10.13 41.78 14.72
N SER O 54 10.75 42.95 14.57
CA SER O 54 10.08 44.19 14.94
C SER O 54 9.09 44.63 13.86
N SER O 55 9.38 44.32 12.60
CA SER O 55 8.55 44.81 11.50
C SER O 55 7.27 44.00 11.36
N LEU O 56 7.23 42.80 11.93
CA LEU O 56 6.05 41.96 11.85
C LEU O 56 5.00 42.27 12.90
N GLY O 57 5.20 43.30 13.73
CA GLY O 57 4.29 43.57 14.82
C GLY O 57 4.50 42.68 16.02
N GLU O 58 5.66 42.06 16.12
CA GLU O 58 5.98 41.09 17.15
C GLU O 58 6.99 41.69 18.12
N ASN O 59 6.94 41.23 19.38
CA ASN O 59 7.79 41.76 20.45
C ASN O 59 9.09 40.96 20.49
N PRO O 60 10.24 41.54 20.08
CA PRO O 60 11.47 40.74 20.02
C PRO O 60 12.09 40.46 21.37
N GLN O 61 11.57 41.06 22.43
CA GLN O 61 12.07 40.82 23.78
C GLN O 61 10.93 40.19 24.58
N ARG O 62 10.79 38.87 24.46
CA ARG O 62 9.83 38.12 25.22
C ARG O 62 10.37 36.71 25.45
N GLN O 63 9.58 35.92 26.17
CA GLN O 63 9.92 34.52 26.37
C GLN O 63 9.72 33.76 25.06
N GLY O 64 10.83 33.48 24.39
CA GLY O 64 10.80 32.72 23.15
C GLY O 64 11.41 33.39 21.95
N LEU O 65 11.86 34.65 22.07
CA LEU O 65 12.46 35.36 20.94
C LEU O 65 13.75 36.06 21.35
N LEU O 66 14.49 35.48 22.30
CA LEU O 66 15.75 36.07 22.74
C LEU O 66 16.91 35.62 21.88
N LYS O 67 17.04 34.33 21.62
CA LYS O 67 18.07 33.79 20.75
C LYS O 67 17.60 33.64 19.31
N THR O 68 16.36 34.05 19.02
CA THR O 68 15.78 33.93 17.68
C THR O 68 16.53 34.68 16.58
N PRO O 69 17.04 35.93 16.76
CA PRO O 69 17.92 36.48 15.73
C PRO O 69 19.22 35.71 15.53
N TRP O 70 19.70 35.02 16.56
CA TRP O 70 20.98 34.33 16.48
C TRP O 70 20.81 32.85 16.12
N ARG O 71 19.70 32.22 16.52
CA ARG O 71 19.43 30.86 16.06
C ARG O 71 19.09 30.84 14.58
N ALA O 72 18.41 31.88 14.10
CA ALA O 72 18.01 31.91 12.69
C ALA O 72 19.15 32.35 11.81
N ALA O 73 20.11 33.11 12.35
CA ALA O 73 21.26 33.53 11.56
C ALA O 73 22.18 32.35 11.28
N SER O 74 22.36 31.47 12.26
CA SER O 74 23.16 30.27 12.05
C SER O 74 22.38 29.20 11.31
N ALA O 75 21.08 29.44 11.05
CA ALA O 75 20.31 28.54 10.21
C ALA O 75 20.51 28.88 8.74
N MET O 76 20.57 30.17 8.41
CA MET O 76 20.70 30.58 7.01
C MET O 76 22.13 30.40 6.51
N GLN O 77 23.08 30.34 7.43
CA GLN O 77 24.46 30.02 7.05
C GLN O 77 24.64 28.52 6.83
N PHE O 78 23.86 27.70 7.53
CA PHE O 78 23.84 26.27 7.23
C PHE O 78 23.10 26.01 5.94
N PHE O 79 22.08 26.82 5.63
CA PHE O 79 21.19 26.49 4.51
C PHE O 79 21.80 26.96 3.19
N THR O 80 22.86 27.75 3.25
CA THR O 80 23.57 28.27 2.08
C THR O 80 25.07 27.99 2.14
N LYS O 81 25.48 26.89 2.76
CA LYS O 81 26.89 26.62 3.03
C LYS O 81 27.62 25.96 1.86
N GLY O 82 26.95 25.83 0.70
CA GLY O 82 27.58 25.29 -0.49
C GLY O 82 28.42 26.28 -1.25
N TYR O 83 28.35 27.57 -0.92
CA TYR O 83 29.27 28.55 -1.48
C TYR O 83 29.84 29.41 -0.38
N ASP O 101 31.67 -1.45 -18.08
CA ASP O 101 30.61 -0.97 -18.95
C ASP O 101 29.26 -1.37 -18.38
N GLU O 102 28.61 -0.43 -17.69
CA GLU O 102 27.36 -0.66 -17.00
C GLU O 102 26.77 0.67 -16.60
N MET O 103 25.53 0.64 -16.14
CA MET O 103 24.82 1.84 -15.75
C MET O 103 24.78 1.94 -14.25
N VAL O 104 25.13 3.10 -13.70
CA VAL O 104 25.17 3.30 -12.26
C VAL O 104 24.14 4.35 -11.89
N ILE O 105 22.97 3.91 -11.44
CA ILE O 105 21.89 4.78 -11.00
C ILE O 105 21.95 4.92 -9.48
N VAL O 106 22.02 6.16 -9.00
CA VAL O 106 22.01 6.45 -7.57
C VAL O 106 20.75 7.25 -7.29
N LYS O 107 19.80 6.66 -6.59
CA LYS O 107 18.50 7.26 -6.37
C LYS O 107 18.31 7.61 -4.90
N ASP O 108 17.18 8.26 -4.64
CA ASP O 108 16.71 8.64 -3.29
C ASP O 108 17.65 9.61 -2.59
N ILE O 109 18.41 10.38 -3.37
CA ILE O 109 19.35 11.36 -2.82
C ILE O 109 18.56 12.53 -2.25
N ASP O 110 18.58 12.67 -0.92
CA ASP O 110 17.79 13.69 -0.26
C ASP O 110 18.39 15.08 -0.48
N MET O 111 17.53 16.04 -0.75
CA MET O 111 17.94 17.38 -1.11
C MET O 111 17.14 18.37 -0.27
N PHE O 112 17.79 19.47 0.15
CA PHE O 112 17.16 20.53 0.92
C PHE O 112 17.79 21.85 0.49
N SER O 113 17.12 22.55 -0.42
CA SER O 113 17.67 23.77 -1.01
C SER O 113 16.83 24.96 -0.59
N MET O 114 17.34 26.16 -0.87
CA MET O 114 16.64 27.40 -0.58
C MET O 114 16.18 28.02 -1.88
N CYS O 115 14.90 28.39 -1.94
CA CYS O 115 14.41 29.13 -3.10
C CYS O 115 15.03 30.51 -3.13
N GLU O 116 15.46 30.95 -4.30
CA GLU O 116 16.12 32.25 -4.35
C GLU O 116 15.12 33.36 -4.61
N HIS O 117 13.85 33.03 -4.78
CA HIS O 117 12.86 34.06 -5.01
C HIS O 117 12.25 34.52 -3.69
N HIS O 118 11.79 33.57 -2.88
CA HIS O 118 11.08 33.86 -1.65
C HIS O 118 11.88 33.53 -0.40
N LEU O 119 13.11 33.01 -0.54
CA LEU O 119 14.03 32.70 0.55
C LEU O 119 13.45 31.67 1.53
N VAL O 120 12.61 30.78 1.02
CA VAL O 120 11.88 29.77 1.79
C VAL O 120 12.35 28.45 1.22
N PRO O 121 12.58 27.42 2.03
CA PRO O 121 13.16 26.17 1.49
C PRO O 121 12.28 25.44 0.49
N PHE O 122 12.90 24.52 -0.25
CA PHE O 122 12.16 23.50 -0.97
C PHE O 122 12.90 22.18 -0.82
N VAL O 123 12.13 21.10 -0.79
CA VAL O 123 12.55 19.82 -0.27
C VAL O 123 12.32 18.76 -1.33
N GLY O 124 13.38 18.05 -1.69
CA GLY O 124 13.19 17.04 -2.72
C GLY O 124 14.20 15.91 -2.81
N LYS O 125 14.17 15.21 -3.93
CA LYS O 125 15.02 14.05 -4.20
C LYS O 125 15.66 14.22 -5.56
N VAL O 126 16.91 13.78 -5.67
CA VAL O 126 17.67 13.81 -6.91
C VAL O 126 17.93 12.37 -7.32
N HIS O 127 17.75 12.09 -8.61
CA HIS O 127 18.04 10.77 -9.18
C HIS O 127 19.10 10.96 -10.24
N ILE O 128 20.21 10.27 -10.07
CA ILE O 128 21.35 10.39 -10.97
C ILE O 128 21.70 9.02 -11.49
N GLY O 129 21.88 8.92 -12.80
CA GLY O 129 22.42 7.71 -13.42
C GLY O 129 23.38 8.10 -14.51
N TYR O 130 24.37 7.24 -14.73
CA TYR O 130 25.39 7.54 -15.73
C TYR O 130 25.98 6.25 -16.29
N LEU O 131 26.50 6.36 -17.50
CA LEU O 131 27.25 5.29 -18.15
C LEU O 131 28.72 5.65 -18.25
N PRO O 132 29.60 5.07 -17.43
CA PRO O 132 31.02 5.45 -17.47
C PRO O 132 31.72 5.05 -18.75
N ASN O 133 32.81 5.74 -19.05
CA ASN O 133 33.73 5.35 -20.12
C ASN O 133 35.02 4.74 -19.57
N LYS O 134 35.77 5.50 -18.78
CA LYS O 134 37.02 5.03 -18.22
C LYS O 134 37.07 5.27 -16.73
N GLN O 135 36.38 6.30 -16.28
CA GLN O 135 36.50 6.78 -14.90
C GLN O 135 35.14 6.71 -14.23
N VAL O 136 35.07 6.01 -13.11
CA VAL O 136 33.86 5.96 -12.31
C VAL O 136 34.04 6.88 -11.12
N LEU O 137 32.93 7.18 -10.46
CA LEU O 137 32.91 8.14 -9.37
C LEU O 137 32.27 7.49 -8.14
N GLY O 138 32.81 7.84 -6.97
CA GLY O 138 32.36 7.27 -5.71
C GLY O 138 30.92 7.62 -5.39
N LEU O 139 30.26 6.75 -4.63
CA LEU O 139 28.85 6.96 -4.35
C LEU O 139 28.66 7.96 -3.22
N SER O 140 29.74 8.27 -2.51
CA SER O 140 29.71 9.34 -1.51
C SER O 140 30.14 10.67 -2.12
N LYS O 141 30.80 10.63 -3.27
CA LYS O 141 31.18 11.87 -3.94
C LYS O 141 30.06 12.42 -4.80
N LEU O 142 29.19 11.56 -5.31
CA LEU O 142 27.99 12.05 -6.00
C LEU O 142 27.07 12.79 -5.07
N ALA O 143 27.08 12.44 -3.78
CA ALA O 143 26.20 13.08 -2.82
C ALA O 143 26.76 14.40 -2.34
N ARG O 144 28.08 14.58 -2.40
CA ARG O 144 28.67 15.85 -2.02
C ARG O 144 28.60 16.84 -3.16
N ILE O 145 28.53 16.35 -4.40
CA ILE O 145 28.22 17.19 -5.54
C ILE O 145 26.79 17.71 -5.43
N VAL O 146 25.90 16.87 -4.87
CA VAL O 146 24.54 17.31 -4.58
C VAL O 146 24.53 18.43 -3.54
N GLU O 147 25.24 18.21 -2.42
CA GLU O 147 25.15 19.13 -1.28
C GLU O 147 25.83 20.46 -1.57
N ILE O 148 26.77 20.48 -2.51
CA ILE O 148 27.42 21.73 -2.88
C ILE O 148 26.47 22.60 -3.68
N TYR O 149 25.72 22.00 -4.59
CA TYR O 149 24.84 22.81 -5.41
C TYR O 149 23.46 22.98 -4.80
N SER O 150 23.06 22.10 -3.88
CA SER O 150 21.73 22.27 -3.29
C SER O 150 21.76 23.26 -2.15
N ARG O 151 22.78 23.22 -1.28
CA ARG O 151 22.88 24.15 -0.16
C ARG O 151 23.33 25.54 -0.62
N ARG O 152 22.50 26.14 -1.47
CA ARG O 152 22.72 27.45 -2.06
C ARG O 152 21.35 28.09 -2.20
N LEU O 153 21.32 29.26 -2.82
CA LEU O 153 20.06 29.89 -3.23
C LEU O 153 19.79 29.49 -4.68
N GLN O 154 18.83 28.61 -4.88
CA GLN O 154 18.67 27.93 -6.17
C GLN O 154 17.31 28.21 -6.80
N VAL O 155 17.18 27.74 -8.04
CA VAL O 155 15.92 27.28 -8.60
C VAL O 155 16.13 25.81 -8.93
N GLN O 156 15.04 25.04 -9.01
CA GLN O 156 15.14 23.61 -9.31
C GLN O 156 15.65 23.37 -10.73
N GLU O 157 15.39 24.32 -11.63
CA GLU O 157 15.74 24.14 -13.03
C GLU O 157 17.24 24.29 -13.25
N ARG O 158 17.88 25.19 -12.51
CA ARG O 158 19.33 25.35 -12.58
C ARG O 158 20.03 24.27 -11.76
N LEU O 159 19.39 23.82 -10.68
CA LEU O 159 19.96 22.81 -9.82
C LEU O 159 20.05 21.46 -10.51
N THR O 160 19.09 21.16 -11.38
CA THR O 160 19.17 19.97 -12.22
C THR O 160 20.33 20.06 -13.19
N LYS O 161 20.42 21.18 -13.92
CA LYS O 161 21.42 21.34 -14.97
C LYS O 161 22.83 21.42 -14.39
N GLN O 162 22.98 22.00 -13.19
CA GLN O 162 24.30 22.11 -12.59
C GLN O 162 24.85 20.77 -12.13
N ILE O 163 23.99 19.87 -11.66
CA ILE O 163 24.46 18.56 -11.20
C ILE O 163 24.93 17.72 -12.38
N ALA O 164 24.23 17.83 -13.51
CA ALA O 164 24.59 17.06 -14.68
C ALA O 164 25.92 17.53 -15.26
N VAL O 165 26.20 18.83 -15.17
CA VAL O 165 27.45 19.40 -15.71
C VAL O 165 28.64 19.03 -14.83
N ALA O 166 28.40 18.93 -13.51
CA ALA O 166 29.49 18.59 -12.59
C ALA O 166 29.92 17.14 -12.75
N ILE O 167 28.97 16.25 -13.07
CA ILE O 167 29.29 14.84 -13.29
C ILE O 167 29.87 14.65 -14.69
N THR O 168 29.42 15.47 -15.64
CA THR O 168 29.93 15.39 -17.01
C THR O 168 31.39 15.78 -17.07
N GLU O 169 31.78 16.82 -16.33
CA GLU O 169 33.16 17.27 -16.38
C GLU O 169 34.06 16.43 -15.47
N ALA O 170 33.48 15.76 -14.49
CA ALA O 170 34.28 14.94 -13.58
C ALA O 170 34.76 13.68 -14.26
N LEU O 171 33.93 13.07 -15.09
CA LEU O 171 34.16 11.74 -15.61
C LEU O 171 34.28 11.66 -17.11
N ARG O 172 33.72 12.64 -17.83
CA ARG O 172 33.35 12.51 -19.25
C ARG O 172 32.70 11.17 -19.57
N PRO O 173 31.47 10.92 -19.12
CA PRO O 173 30.86 9.61 -19.34
C PRO O 173 30.16 9.55 -20.69
N ALA O 174 29.55 8.40 -20.95
CA ALA O 174 28.75 8.25 -22.15
C ALA O 174 27.47 9.08 -22.07
N GLY O 175 26.76 9.00 -20.96
CA GLY O 175 25.54 9.76 -20.79
C GLY O 175 25.30 10.06 -19.32
N VAL O 176 24.51 11.10 -19.09
CA VAL O 176 24.13 11.55 -17.74
C VAL O 176 22.62 11.75 -17.72
N GLY O 177 21.96 11.24 -16.69
CA GLY O 177 20.57 11.53 -16.47
C GLY O 177 20.35 12.05 -15.07
N VAL O 178 19.77 13.25 -14.94
CA VAL O 178 19.53 13.88 -13.65
C VAL O 178 18.04 14.23 -13.57
N VAL O 179 17.38 13.76 -12.52
CA VAL O 179 15.96 13.99 -12.30
C VAL O 179 15.80 14.50 -10.88
N VAL O 180 15.27 15.71 -10.73
CA VAL O 180 15.01 16.32 -9.44
C VAL O 180 13.52 16.55 -9.32
N GLU O 181 12.88 15.86 -8.37
CA GLU O 181 11.52 16.15 -7.95
C GLU O 181 11.60 16.85 -6.59
N ALA O 182 10.76 17.86 -6.38
CA ALA O 182 10.82 18.64 -5.14
C ALA O 182 9.53 19.41 -4.93
N THR O 183 9.22 19.66 -3.65
CA THR O 183 8.03 20.42 -3.26
C THR O 183 8.42 21.84 -2.88
N HIS O 184 7.84 22.82 -3.56
CA HIS O 184 8.13 24.23 -3.34
C HIS O 184 7.11 24.79 -2.37
N MET O 185 7.56 25.23 -1.20
CA MET O 185 6.68 25.76 -0.18
C MET O 185 6.32 27.23 -0.37
N CYS O 186 6.82 27.87 -1.42
CA CYS O 186 6.45 29.25 -1.72
C CYS O 186 5.10 29.34 -2.41
N LYS O 198 4.38 18.53 -6.45
CA LYS O 198 5.77 18.34 -6.81
C LYS O 198 6.03 18.73 -8.23
N THR O 199 7.24 19.17 -8.53
CA THR O 199 7.67 19.50 -9.87
C THR O 199 8.90 18.68 -10.23
N VAL O 200 8.88 18.05 -11.40
CA VAL O 200 9.98 17.22 -11.87
C VAL O 200 10.71 17.96 -12.98
N THR O 201 12.01 18.19 -12.79
CA THR O 201 12.88 18.66 -13.87
C THR O 201 13.86 17.55 -14.21
N SER O 202 14.29 17.50 -15.47
CA SER O 202 15.01 16.33 -15.96
C SER O 202 15.92 16.70 -17.12
N THR O 203 17.23 16.60 -16.91
CA THR O 203 18.24 16.67 -17.97
C THR O 203 18.67 15.27 -18.37
N MET O 204 18.75 15.05 -19.68
CA MET O 204 19.17 13.78 -20.28
C MET O 204 20.28 14.09 -21.28
N LEU O 205 21.51 13.82 -20.92
CA LEU O 205 22.67 14.20 -21.71
C LEU O 205 23.35 12.97 -22.27
N GLY O 206 24.00 13.12 -23.41
CA GLY O 206 24.81 12.03 -23.91
C GLY O 206 23.97 10.97 -24.58
N VAL O 207 24.20 9.71 -24.20
CA VAL O 207 23.44 8.61 -24.78
C VAL O 207 22.21 8.28 -23.95
N PHE O 208 21.91 9.06 -22.90
CA PHE O 208 20.58 8.93 -22.34
C PHE O 208 19.55 9.66 -23.18
N ARG O 209 19.99 10.51 -24.11
CA ARG O 209 19.06 11.25 -24.95
C ARG O 209 18.88 10.59 -26.31
N GLU O 210 19.93 9.96 -26.83
CA GLU O 210 19.86 9.46 -28.20
C GLU O 210 19.29 8.05 -28.26
N ASP O 211 19.44 7.29 -27.19
CA ASP O 211 19.04 5.89 -27.20
C ASP O 211 17.71 5.76 -26.48
N PRO O 212 16.71 5.05 -27.03
CA PRO O 212 15.48 4.83 -26.28
C PRO O 212 15.58 3.72 -25.26
N LYS O 213 16.46 2.76 -25.48
CA LYS O 213 16.66 1.68 -24.53
C LYS O 213 17.37 2.17 -23.29
N THR O 214 18.18 3.22 -23.43
CA THR O 214 19.02 3.67 -22.33
C THR O 214 18.25 4.64 -21.44
N ARG O 215 17.40 5.46 -22.04
CA ARG O 215 16.57 6.36 -21.26
C ARG O 215 15.51 5.59 -20.51
N GLU O 216 15.01 4.52 -21.09
CA GLU O 216 13.91 3.79 -20.49
C GLU O 216 14.42 2.81 -19.43
N GLU O 217 15.69 2.41 -19.52
CA GLU O 217 16.30 1.63 -18.45
C GLU O 217 16.50 2.49 -17.21
N PHE O 218 16.87 3.76 -17.40
CA PHE O 218 17.00 4.71 -16.30
C PHE O 218 15.65 4.94 -15.62
N LEU O 219 14.60 5.13 -16.41
CA LEU O 219 13.34 5.63 -15.86
C LEU O 219 12.51 4.54 -15.18
N THR O 220 12.84 3.27 -15.42
CA THR O 220 12.14 2.20 -14.71
C THR O 220 12.84 1.85 -13.39
N LEU O 221 14.16 2.02 -13.35
CA LEU O 221 14.88 1.58 -12.17
C LEU O 221 14.83 2.62 -11.05
N ILE O 222 14.62 3.90 -11.41
CA ILE O 222 14.57 4.96 -10.40
C ILE O 222 13.27 4.92 -9.61
N ARG O 223 12.27 4.19 -10.10
CA ARG O 223 11.01 4.08 -9.39
C ARG O 223 10.84 2.67 -8.84
N ASN P 41 5.53 48.81 6.87
CA ASN P 41 6.47 47.82 7.39
C ASN P 41 6.96 46.89 6.29
N LEU P 42 6.30 46.95 5.13
CA LEU P 42 6.79 46.20 3.97
C LEU P 42 8.10 46.74 3.39
N PRO P 43 8.37 48.06 3.33
CA PRO P 43 9.77 48.45 3.05
C PRO P 43 10.73 48.18 4.19
N ASN P 44 10.24 48.08 5.43
CA ASN P 44 11.13 47.79 6.54
C ASN P 44 11.56 46.32 6.53
N LEU P 45 10.70 45.42 6.06
CA LEU P 45 11.12 44.04 5.87
C LEU P 45 12.06 43.90 4.69
N ALA P 46 11.76 44.58 3.58
CA ALA P 46 12.51 44.39 2.35
C ALA P 46 13.93 44.92 2.47
N ALA P 47 14.13 45.94 3.31
CA ALA P 47 15.49 46.39 3.60
C ALA P 47 16.22 45.41 4.51
N ALA P 48 15.46 44.65 5.30
CA ALA P 48 16.08 43.68 6.20
C ALA P 48 16.43 42.39 5.46
N TYR P 49 15.72 42.09 4.37
CA TYR P 49 16.11 40.93 3.57
C TYR P 49 17.25 41.27 2.59
N SER P 50 17.39 42.53 2.21
CA SER P 50 18.50 42.91 1.34
C SER P 50 19.81 42.89 2.11
N SER P 51 19.75 43.09 3.43
CA SER P 51 20.95 43.00 4.26
C SER P 51 21.28 41.54 4.57
N ILE P 52 20.29 40.66 4.44
CA ILE P 52 20.56 39.22 4.57
C ILE P 52 21.30 38.72 3.34
N LEU P 53 20.88 39.17 2.16
CA LEU P 53 21.48 38.71 0.90
C LEU P 53 22.93 39.17 0.78
N SER P 54 23.26 40.32 1.37
CA SER P 54 24.63 40.81 1.34
C SER P 54 25.50 40.09 2.37
N SER P 55 24.91 39.69 3.50
CA SER P 55 25.68 39.11 4.58
C SER P 55 26.06 37.66 4.30
N LEU P 56 25.35 37.02 3.37
CA LEU P 56 25.63 35.63 3.04
C LEU P 56 26.74 35.44 2.02
N GLY P 57 27.40 36.53 1.60
CA GLY P 57 28.39 36.43 0.55
C GLY P 57 27.80 36.36 -0.83
N GLU P 58 26.55 36.77 -1.00
CA GLU P 58 25.80 36.65 -2.22
C GLU P 58 25.61 38.04 -2.83
N ASN P 59 25.49 38.09 -4.16
CA ASN P 59 25.37 39.35 -4.89
C ASN P 59 23.91 39.72 -5.03
N PRO P 60 23.41 40.75 -4.32
CA PRO P 60 21.97 41.04 -4.36
C PRO P 60 21.51 41.68 -5.65
N GLN P 61 22.43 42.07 -6.52
CA GLN P 61 22.10 42.67 -7.80
C GLN P 61 22.60 41.72 -8.89
N ARG P 62 21.79 40.72 -9.21
CA ARG P 62 22.08 39.80 -10.30
C ARG P 62 20.78 39.30 -10.88
N GLN P 63 20.91 38.47 -11.92
CA GLN P 63 19.75 37.82 -12.50
C GLN P 63 19.20 36.79 -11.53
N GLY P 64 18.11 37.12 -10.86
CA GLY P 64 17.46 36.21 -9.94
C GLY P 64 17.31 36.71 -8.52
N LEU P 65 17.84 37.89 -8.18
CA LEU P 65 17.75 38.41 -6.82
C LEU P 65 17.33 39.88 -6.83
N LEU P 66 16.53 40.29 -7.82
CA LEU P 66 16.08 41.67 -7.88
C LEU P 66 14.81 41.90 -7.07
N LYS P 67 13.81 41.04 -7.23
CA LYS P 67 12.59 41.11 -6.44
C LYS P 67 12.64 40.24 -5.21
N THR P 68 13.77 39.59 -4.94
CA THR P 68 13.93 38.70 -3.80
C THR P 68 13.76 39.36 -2.43
N PRO P 69 14.24 40.59 -2.15
CA PRO P 69 13.83 41.23 -0.90
C PRO P 69 12.35 41.54 -0.80
N TRP P 70 11.68 41.73 -1.93
CA TRP P 70 10.27 42.11 -1.92
C TRP P 70 9.34 40.91 -2.07
N ARG P 71 9.78 39.86 -2.77
CA ARG P 71 8.99 38.63 -2.80
C ARG P 71 9.03 37.91 -1.47
N ALA P 72 10.16 37.99 -0.76
CA ALA P 72 10.27 37.30 0.52
C ALA P 72 9.63 38.10 1.64
N ALA P 73 9.52 39.42 1.47
CA ALA P 73 8.87 40.23 2.49
C ALA P 73 7.37 39.98 2.50
N SER P 74 6.77 39.82 1.31
CA SER P 74 5.36 39.50 1.23
C SER P 74 5.10 38.02 1.50
N ALA P 75 6.17 37.23 1.65
CA ALA P 75 6.00 35.84 2.07
C ALA P 75 5.90 35.75 3.58
N MET P 76 6.68 36.54 4.32
CA MET P 76 6.68 36.47 5.77
C MET P 76 5.46 37.16 6.36
N GLN P 77 4.83 38.06 5.60
CA GLN P 77 3.57 38.66 6.02
C GLN P 77 2.40 37.71 5.77
N PHE P 78 2.51 36.86 4.75
CA PHE P 78 1.52 35.81 4.58
C PHE P 78 1.70 34.72 5.63
N PHE P 79 2.94 34.47 6.04
CA PHE P 79 3.22 33.31 6.89
C PHE P 79 2.92 33.61 8.34
N THR P 80 2.69 34.89 8.68
CA THR P 80 2.38 35.33 10.02
C THR P 80 1.11 36.19 10.06
N LYS P 81 0.15 35.92 9.18
CA LYS P 81 -1.03 36.79 9.02
C LYS P 81 -2.16 36.47 10.00
N GLY P 82 -1.91 35.58 10.97
CA GLY P 82 -2.89 35.27 11.99
C GLY P 82 -2.93 36.27 13.12
N TYR P 83 -1.97 37.17 13.20
CA TYR P 83 -2.05 38.27 14.16
C TYR P 83 -1.74 39.58 13.46
N ASP P 101 -26.28 14.75 20.56
CA ASP P 101 -25.30 14.07 21.40
C ASP P 101 -24.51 13.07 20.56
N GLU P 102 -23.32 13.48 20.15
CA GLU P 102 -22.48 12.69 19.26
C GLU P 102 -21.09 13.30 19.24
N MET P 103 -20.15 12.58 18.65
CA MET P 103 -18.77 13.02 18.58
C MET P 103 -18.47 13.54 17.19
N VAL P 104 -17.87 14.71 17.09
CA VAL P 104 -17.57 15.32 15.80
C VAL P 104 -16.06 15.44 15.65
N ILE P 105 -15.46 14.49 14.94
CA ILE P 105 -14.03 14.48 14.68
C ILE P 105 -13.78 15.09 13.31
N VAL P 106 -12.92 16.12 13.25
CA VAL P 106 -12.53 16.75 11.99
C VAL P 106 -11.03 16.52 11.84
N LYS P 107 -10.65 15.69 10.87
CA LYS P 107 -9.28 15.28 10.70
C LYS P 107 -8.70 15.84 9.41
N ASP P 108 -7.40 15.59 9.22
CA ASP P 108 -6.63 15.95 8.02
C ASP P 108 -6.57 17.45 7.79
N ILE P 109 -6.70 18.23 8.85
CA ILE P 109 -6.64 19.69 8.77
C ILE P 109 -5.21 20.11 8.50
N ASP P 110 -4.96 20.63 7.30
CA ASP P 110 -3.60 20.98 6.91
C ASP P 110 -3.13 22.25 7.63
N MET P 111 -1.89 22.22 8.08
CA MET P 111 -1.32 23.29 8.90
C MET P 111 0.03 23.67 8.31
N PHE P 112 0.35 24.96 8.35
CA PHE P 112 1.63 25.49 7.88
C PHE P 112 2.02 26.65 8.78
N SER P 113 2.85 26.37 9.78
CA SER P 113 3.19 27.38 10.79
C SER P 113 4.67 27.73 10.68
N MET P 114 5.06 28.78 11.37
CA MET P 114 6.45 29.23 11.41
C MET P 114 7.04 28.93 12.78
N CYS P 115 8.20 28.29 12.79
CA CYS P 115 8.90 28.08 14.05
C CYS P 115 9.38 29.42 14.60
N GLU P 116 9.21 29.64 15.89
CA GLU P 116 9.60 30.93 16.43
C GLU P 116 11.04 30.92 16.90
N HIS P 117 11.71 29.77 16.81
CA HIS P 117 13.10 29.71 17.22
C HIS P 117 14.03 30.01 16.06
N HIS P 118 13.83 29.33 14.93
CA HIS P 118 14.71 29.44 13.79
C HIS P 118 14.06 30.14 12.60
N LEU P 119 12.81 30.59 12.72
CA LEU P 119 12.07 31.35 11.70
C LEU P 119 11.93 30.57 10.38
N VAL P 120 11.88 29.25 10.48
CA VAL P 120 11.83 28.32 9.35
C VAL P 120 10.51 27.59 9.52
N PRO P 121 9.75 27.31 8.46
CA PRO P 121 8.42 26.70 8.64
C PRO P 121 8.43 25.31 9.26
N PHE P 122 7.27 24.89 9.73
CA PHE P 122 7.02 23.48 9.99
C PHE P 122 5.61 23.15 9.53
N VAL P 123 5.45 21.93 9.06
CA VAL P 123 4.34 21.51 8.21
C VAL P 123 3.65 20.32 8.85
N GLY P 124 2.35 20.44 9.09
CA GLY P 124 1.67 19.33 9.71
C GLY P 124 0.17 19.24 9.56
N LYS P 125 -0.44 18.39 10.40
CA LYS P 125 -1.87 18.12 10.38
C LYS P 125 -2.41 18.23 11.79
N VAL P 126 -3.62 18.76 11.91
CA VAL P 126 -4.32 18.91 13.18
C VAL P 126 -5.53 18.00 13.15
N HIS P 127 -5.77 17.28 14.24
CA HIS P 127 -6.94 16.43 14.39
C HIS P 127 -7.73 16.93 15.58
N ILE P 128 -8.98 17.29 15.35
CA ILE P 128 -9.84 17.86 16.37
C ILE P 128 -11.10 17.02 16.47
N GLY P 129 -11.47 16.66 17.69
CA GLY P 129 -12.75 16.03 17.95
C GLY P 129 -13.34 16.60 19.21
N TYR P 130 -14.67 16.63 19.27
CA TYR P 130 -15.33 17.21 20.42
C TYR P 130 -16.70 16.59 20.62
N LEU P 131 -17.18 16.64 21.86
CA LEU P 131 -18.53 16.22 22.21
C LEU P 131 -19.35 17.43 22.61
N PRO P 132 -20.29 17.89 21.76
CA PRO P 132 -21.06 19.10 22.09
C PRO P 132 -22.01 18.90 23.25
N ASN P 133 -22.38 20.02 23.89
CA ASN P 133 -23.45 20.04 24.88
C ASN P 133 -24.72 20.68 24.34
N LYS P 134 -24.64 21.94 23.92
CA LYS P 134 -25.80 22.65 23.40
C LYS P 134 -25.48 23.31 22.07
N GLN P 135 -24.21 23.67 21.88
CA GLN P 135 -23.80 24.49 20.77
C GLN P 135 -22.76 23.74 19.94
N VAL P 136 -23.04 23.58 18.65
CA VAL P 136 -22.10 22.97 17.74
C VAL P 136 -21.43 24.07 16.94
N LEU P 137 -20.34 23.72 16.27
CA LEU P 137 -19.52 24.69 15.55
C LEU P 137 -19.34 24.22 14.12
N GLY P 138 -19.34 25.17 13.18
CA GLY P 138 -19.23 24.88 11.78
C GLY P 138 -17.91 24.24 11.41
N LEU P 139 -17.92 23.46 10.33
CA LEU P 139 -16.72 22.72 9.96
C LEU P 139 -15.75 23.61 9.19
N SER P 140 -16.23 24.78 8.75
CA SER P 140 -15.34 25.77 8.15
C SER P 140 -14.84 26.77 9.20
N LYS P 141 -15.49 26.83 10.35
CA LYS P 141 -15.03 27.70 11.42
C LYS P 141 -13.96 27.05 12.26
N LEU P 142 -13.98 25.72 12.36
CA LEU P 142 -12.88 25.01 13.02
C LEU P 142 -11.57 25.17 12.26
N ALA P 143 -11.65 25.35 10.95
CA ALA P 143 -10.45 25.48 10.14
C ALA P 143 -9.90 26.89 10.18
N ARG P 144 -10.75 27.88 10.45
CA ARG P 144 -10.26 29.25 10.57
C ARG P 144 -9.70 29.51 11.95
N ILE P 145 -10.16 28.75 12.94
CA ILE P 145 -9.51 28.73 14.26
C ILE P 145 -8.11 28.15 14.12
N VAL P 146 -7.95 27.16 13.24
CA VAL P 146 -6.62 26.62 12.93
C VAL P 146 -5.74 27.68 12.31
N GLU P 147 -6.23 28.37 11.28
CA GLU P 147 -5.40 29.27 10.48
C GLU P 147 -5.04 30.53 11.26
N ILE P 148 -5.83 30.89 12.27
CA ILE P 148 -5.50 32.05 13.09
C ILE P 148 -4.33 31.73 14.00
N TYR P 149 -4.31 30.54 14.57
CA TYR P 149 -3.24 30.23 15.49
C TYR P 149 -2.04 29.60 14.80
N SER P 150 -2.22 29.03 13.61
CA SER P 150 -1.08 28.43 12.95
C SER P 150 -0.26 29.47 12.19
N ARG P 151 -0.91 30.40 11.50
CA ARG P 151 -0.21 31.43 10.74
C ARG P 151 0.33 32.51 11.67
N ARG P 152 1.23 32.09 12.56
CA ARG P 152 1.89 32.92 13.55
C ARG P 152 3.29 32.38 13.72
N LEU P 153 4.03 32.95 14.68
CA LEU P 153 5.30 32.38 15.11
C LEU P 153 5.03 31.49 16.31
N GLN P 154 5.10 30.18 16.11
CA GLN P 154 4.59 29.22 17.08
C GLN P 154 5.68 28.27 17.60
N VAL P 155 5.30 27.50 18.61
CA VAL P 155 5.82 26.17 18.83
C VAL P 155 4.63 25.23 18.69
N GLN P 156 4.89 23.95 18.40
CA GLN P 156 3.82 22.96 18.24
C GLN P 156 3.09 22.71 19.55
N GLU P 157 3.79 22.88 20.67
CA GLU P 157 3.24 22.57 21.97
C GLU P 157 2.21 23.62 22.41
N ARG P 158 2.47 24.88 22.08
CA ARG P 158 1.51 25.95 22.37
C ARG P 158 0.39 25.96 21.35
N LEU P 159 0.70 25.57 20.12
CA LEU P 159 -0.29 25.55 19.04
C LEU P 159 -1.36 24.49 19.28
N THR P 160 -0.98 23.37 19.89
CA THR P 160 -1.96 22.37 20.30
C THR P 160 -2.87 22.91 21.40
N LYS P 161 -2.26 23.49 22.44
CA LYS P 161 -3.02 23.95 23.60
C LYS P 161 -3.92 25.14 23.26
N GLN P 162 -3.48 25.99 22.33
CA GLN P 162 -4.27 27.16 21.95
C GLN P 162 -5.53 26.78 21.18
N ILE P 163 -5.45 25.74 20.34
CA ILE P 163 -6.62 25.34 19.55
C ILE P 163 -7.68 24.72 20.45
N ALA P 164 -7.25 23.97 21.45
CA ALA P 164 -8.19 23.35 22.37
C ALA P 164 -8.91 24.37 23.22
N VAL P 165 -8.22 25.46 23.58
CA VAL P 165 -8.81 26.50 24.43
C VAL P 165 -9.81 27.34 23.62
N ALA P 166 -9.53 27.54 22.33
CA ALA P 166 -10.42 28.32 21.48
C ALA P 166 -11.74 27.60 21.22
N ILE P 167 -11.69 26.27 21.12
CA ILE P 167 -12.90 25.48 20.93
C ILE P 167 -13.64 25.30 22.25
N THR P 168 -12.89 25.26 23.35
CA THR P 168 -13.49 25.11 24.67
C THR P 168 -14.30 26.35 25.03
N GLU P 169 -13.78 27.53 24.71
CA GLU P 169 -14.48 28.75 25.07
C GLU P 169 -15.58 29.09 24.07
N ALA P 170 -15.48 28.55 22.84
CA ALA P 170 -16.49 28.84 21.84
C ALA P 170 -17.79 28.11 22.13
N LEU P 171 -17.70 26.88 22.63
CA LEU P 171 -18.84 25.99 22.71
C LEU P 171 -19.18 25.55 24.13
N ARG P 172 -18.22 25.60 25.04
CA ARG P 172 -18.20 24.82 26.28
C ARG P 172 -18.69 23.39 26.08
N PRO P 173 -17.91 22.52 25.44
CA PRO P 173 -18.39 21.18 25.15
C PRO P 173 -18.09 20.24 26.31
N ALA P 174 -18.47 18.98 26.12
CA ALA P 174 -18.14 17.96 27.10
C ALA P 174 -16.65 17.67 27.14
N GLY P 175 -16.03 17.48 25.97
CA GLY P 175 -14.62 17.22 25.91
C GLY P 175 -14.05 17.70 24.60
N VAL P 176 -12.74 17.93 24.61
CA VAL P 176 -11.98 18.40 23.44
C VAL P 176 -10.75 17.51 23.30
N GLY P 177 -10.49 17.05 22.09
CA GLY P 177 -9.24 16.38 21.80
C GLY P 177 -8.54 17.01 20.63
N VAL P 178 -7.29 17.45 20.81
CA VAL P 178 -6.52 18.11 19.77
C VAL P 178 -5.20 17.36 19.63
N VAL P 179 -4.89 16.93 18.41
CA VAL P 179 -3.68 16.18 18.10
C VAL P 179 -3.03 16.86 16.91
N VAL P 180 -1.81 17.36 17.09
CA VAL P 180 -1.03 17.99 16.03
C VAL P 180 0.22 17.16 15.81
N GLU P 181 0.34 16.57 14.62
CA GLU P 181 1.58 15.97 14.15
C GLU P 181 2.18 16.91 13.11
N ALA P 182 3.49 17.09 13.12
CA ALA P 182 4.14 18.03 12.22
C ALA P 182 5.63 17.74 12.10
N THR P 183 6.20 18.10 10.95
CA THR P 183 7.62 17.90 10.68
C THR P 183 8.34 19.24 10.81
N HIS P 184 9.33 19.29 11.69
CA HIS P 184 10.11 20.49 11.96
C HIS P 184 11.37 20.48 11.10
N MET P 185 11.48 21.45 10.19
CA MET P 185 12.63 21.51 9.30
C MET P 185 13.84 22.19 9.91
N CYS P 186 13.78 22.63 11.16
CA CYS P 186 14.93 23.21 11.82
C CYS P 186 15.88 22.13 12.34
N LYS P 198 8.57 13.19 12.62
CA LYS P 198 7.39 13.90 13.07
C LYS P 198 7.27 13.88 14.57
N THR P 199 6.64 14.91 15.13
CA THR P 199 6.38 14.99 16.56
C THR P 199 4.89 15.17 16.78
N VAL P 200 4.32 14.38 17.68
CA VAL P 200 2.89 14.42 17.99
C VAL P 200 2.72 15.06 19.35
N THR P 201 1.96 16.15 19.42
CA THR P 201 1.50 16.71 20.68
C THR P 201 0.00 16.54 20.77
N SER P 202 -0.52 16.40 21.99
CA SER P 202 -1.90 15.96 22.17
C SER P 202 -2.46 16.46 23.49
N THR P 203 -3.46 17.35 23.42
CA THR P 203 -4.28 17.76 24.56
C THR P 203 -5.59 16.98 24.56
N MET P 204 -5.98 16.47 25.72
CA MET P 204 -7.22 15.74 25.93
C MET P 204 -7.94 16.37 27.11
N LEU P 205 -8.98 17.14 26.83
CA LEU P 205 -9.65 17.94 27.84
C LEU P 205 -11.06 17.39 28.06
N GLY P 206 -11.58 17.58 29.25
CA GLY P 206 -12.97 17.25 29.48
C GLY P 206 -13.17 15.77 29.67
N VAL P 207 -14.14 15.21 28.95
CA VAL P 207 -14.41 13.79 29.04
C VAL P 207 -13.63 12.99 28.01
N PHE P 208 -12.75 13.63 27.24
CA PHE P 208 -11.79 12.82 26.50
C PHE P 208 -10.65 12.35 27.40
N ARG P 209 -10.54 12.91 28.60
CA ARG P 209 -9.47 12.51 29.50
C ARG P 209 -9.97 11.52 30.55
N GLU P 210 -11.22 11.66 30.98
CA GLU P 210 -11.70 10.85 32.10
C GLU P 210 -12.25 9.51 31.63
N ASP P 211 -12.73 9.43 30.41
CA ASP P 211 -13.38 8.24 29.91
C ASP P 211 -12.40 7.46 29.03
N PRO P 212 -12.24 6.15 29.22
CA PRO P 212 -11.39 5.40 28.29
C PRO P 212 -12.07 5.05 27.00
N LYS P 213 -13.40 4.93 27.00
CA LYS P 213 -14.13 4.65 25.78
C LYS P 213 -14.15 5.84 24.86
N THR P 214 -14.05 7.04 25.42
CA THR P 214 -14.21 8.25 24.63
C THR P 214 -12.88 8.67 24.02
N ARG P 215 -11.79 8.44 24.74
CA ARG P 215 -10.47 8.73 24.18
C ARG P 215 -10.13 7.72 23.10
N GLU P 216 -10.57 6.49 23.25
CA GLU P 216 -10.18 5.46 22.31
C GLU P 216 -11.07 5.48 21.07
N GLU P 217 -12.27 6.03 21.19
CA GLU P 217 -13.10 6.27 20.01
C GLU P 217 -12.51 7.36 19.14
N PHE P 218 -11.93 8.39 19.77
CA PHE P 218 -11.24 9.45 19.04
C PHE P 218 -10.01 8.92 18.32
N LEU P 219 -9.23 8.08 18.99
CA LEU P 219 -7.90 7.73 18.49
C LEU P 219 -7.96 6.66 17.40
N THR P 220 -9.07 5.96 17.25
CA THR P 220 -9.20 4.99 16.16
C THR P 220 -9.76 5.64 14.91
N LEU P 221 -10.60 6.66 15.06
CA LEU P 221 -11.27 7.24 13.91
C LEU P 221 -10.37 8.24 13.20
N ILE P 222 -9.40 8.83 13.91
CA ILE P 222 -8.51 9.82 13.29
C ILE P 222 -7.50 9.17 12.38
N ARG P 223 -7.33 7.85 12.47
CA ARG P 223 -6.40 7.14 11.61
C ARG P 223 -7.15 6.25 10.64
N ASN Q 41 45.38 7.77 18.60
CA ASN Q 41 44.76 6.46 18.55
C ASN Q 41 44.29 6.12 17.14
N LEU Q 42 44.29 7.12 16.26
CA LEU Q 42 43.98 6.88 14.85
C LEU Q 42 45.07 6.07 14.13
N PRO Q 43 46.39 6.25 14.37
CA PRO Q 43 47.32 5.24 13.85
C PRO Q 43 47.24 3.90 14.57
N ASN Q 44 46.76 3.87 15.81
CA ASN Q 44 46.64 2.61 16.52
C ASN Q 44 45.47 1.78 15.99
N LEU Q 45 44.41 2.44 15.52
CA LEU Q 45 43.33 1.71 14.85
C LEU Q 45 43.75 1.24 13.47
N ALA Q 46 44.46 2.10 12.73
CA ALA Q 46 44.78 1.81 11.33
C ALA Q 46 45.78 0.67 11.22
N ALA Q 47 46.64 0.50 12.22
CA ALA Q 47 47.52 -0.66 12.26
C ALA Q 47 46.75 -1.92 12.64
N ALA Q 48 45.63 -1.76 13.35
CA ALA Q 48 44.83 -2.91 13.74
C ALA Q 48 43.92 -3.36 12.60
N TYR Q 49 43.56 -2.44 11.70
CA TYR Q 49 42.79 -2.87 10.52
C TYR Q 49 43.68 -3.43 9.43
N SER Q 50 44.96 -3.04 9.39
CA SER Q 50 45.87 -3.61 8.40
C SER Q 50 46.23 -5.04 8.76
N SER Q 51 46.16 -5.38 10.04
CA SER Q 51 46.38 -6.76 10.47
C SER Q 51 45.13 -7.61 10.26
N ILE Q 52 43.96 -6.96 10.16
CA ILE Q 52 42.74 -7.67 9.79
C ILE Q 52 42.78 -8.05 8.33
N LEU Q 53 43.23 -7.14 7.47
CA LEU Q 53 43.25 -7.38 6.02
C LEU Q 53 44.24 -8.48 5.65
N SER Q 54 45.31 -8.63 6.44
CA SER Q 54 46.28 -9.68 6.19
C SER Q 54 45.79 -11.03 6.70
N SER Q 55 45.00 -11.01 7.79
CA SER Q 55 44.58 -12.26 8.41
C SER Q 55 43.45 -12.93 7.64
N LEU Q 56 42.75 -12.18 6.80
CA LEU Q 56 41.65 -12.74 6.04
C LEU Q 56 42.08 -13.42 4.75
N GLY Q 57 43.38 -13.53 4.49
CA GLY Q 57 43.86 -14.08 3.23
C GLY Q 57 43.80 -13.09 2.09
N GLU Q 58 43.73 -11.81 2.38
CA GLU Q 58 43.55 -10.74 1.42
C GLU Q 58 44.84 -9.94 1.30
N ASN Q 59 45.06 -9.36 0.11
CA ASN Q 59 46.29 -8.63 -0.17
C ASN Q 59 46.10 -7.16 0.20
N PRO Q 60 46.73 -6.66 1.27
CA PRO Q 60 46.45 -5.28 1.70
C PRO Q 60 47.09 -4.22 0.82
N GLN Q 61 47.94 -4.61 -0.13
CA GLN Q 61 48.56 -3.68 -1.05
C GLN Q 61 48.10 -4.05 -2.46
N ARG Q 62 46.92 -3.52 -2.81
CA ARG Q 62 46.38 -3.69 -4.15
C ARG Q 62 45.53 -2.48 -4.50
N GLN Q 63 45.00 -2.48 -5.71
CA GLN Q 63 44.07 -1.46 -6.13
C GLN Q 63 42.75 -1.62 -5.39
N GLY Q 64 42.54 -0.78 -4.37
CA GLY Q 64 41.31 -0.80 -3.61
C GLY Q 64 41.46 -1.02 -2.13
N LEU Q 65 42.67 -1.23 -1.62
CA LEU Q 65 42.88 -1.46 -0.19
C LEU Q 65 44.07 -0.65 0.32
N LEU Q 66 44.30 0.53 -0.26
CA LEU Q 66 45.39 1.37 0.18
C LEU Q 66 44.98 2.29 1.34
N LYS Q 67 43.86 2.96 1.22
CA LYS Q 67 43.33 3.80 2.28
C LYS Q 67 42.34 3.07 3.17
N THR Q 68 42.14 1.77 2.92
CA THR Q 68 41.19 0.96 3.68
C THR Q 68 41.49 0.84 5.17
N PRO Q 69 42.75 0.69 5.66
CA PRO Q 69 42.96 0.80 7.10
C PRO Q 69 42.66 2.18 7.68
N TRP Q 70 42.77 3.23 6.86
CA TRP Q 70 42.57 4.58 7.35
C TRP Q 70 41.17 5.09 7.12
N ARG Q 71 40.49 4.63 6.06
CA ARG Q 71 39.07 4.97 5.89
C ARG Q 71 38.21 4.25 6.91
N ALA Q 72 38.60 3.03 7.28
CA ALA Q 72 37.80 2.27 8.24
C ALA Q 72 38.09 2.70 9.66
N ALA Q 73 39.28 3.25 9.91
CA ALA Q 73 39.59 3.73 11.26
C ALA Q 73 38.80 4.98 11.59
N SER Q 74 38.63 5.87 10.60
CA SER Q 74 37.82 7.06 10.82
C SER Q 74 36.33 6.74 10.71
N ALA Q 75 35.98 5.50 10.35
CA ALA Q 75 34.59 5.08 10.39
C ALA Q 75 34.19 4.62 11.78
N MET Q 76 35.10 3.92 12.47
CA MET Q 76 34.78 3.38 13.80
C MET Q 76 34.85 4.48 14.86
N GLN Q 77 35.57 5.56 14.58
CA GLN Q 77 35.55 6.73 15.47
C GLN Q 77 34.29 7.55 15.27
N PHE Q 78 33.74 7.56 14.07
CA PHE Q 78 32.43 8.17 13.87
C PHE Q 78 31.33 7.31 14.48
N PHE Q 79 31.51 6.00 14.46
CA PHE Q 79 30.40 5.11 14.85
C PHE Q 79 30.32 4.96 16.35
N THR Q 80 31.34 5.43 17.08
CA THR Q 80 31.40 5.39 18.54
C THR Q 80 31.69 6.76 19.15
N LYS Q 81 31.24 7.83 18.52
CA LYS Q 81 31.60 9.19 18.92
C LYS Q 81 30.72 9.75 20.03
N GLY Q 82 29.84 8.94 20.60
CA GLY Q 82 29.02 9.36 21.72
C GLY Q 82 29.71 9.30 23.06
N TYR Q 83 30.88 8.68 23.14
CA TYR Q 83 31.70 8.76 24.35
C TYR Q 83 33.12 9.12 23.99
N ASP Q 101 0.03 20.88 30.01
CA ASP Q 101 -0.36 19.52 30.34
C ASP Q 101 -0.82 18.81 29.08
N GLU Q 102 0.07 18.01 28.49
CA GLU Q 102 -0.18 17.33 27.23
C GLU Q 102 0.91 16.30 27.02
N MET Q 103 0.70 15.45 26.02
CA MET Q 103 1.64 14.38 25.72
C MET Q 103 2.46 14.76 24.50
N VAL Q 104 3.78 14.62 24.58
CA VAL Q 104 4.66 14.98 23.48
C VAL Q 104 5.36 13.73 22.99
N ILE Q 105 4.85 13.15 21.91
CA ILE Q 105 5.43 11.97 21.27
C ILE Q 105 6.31 12.41 20.12
N VAL Q 106 7.57 11.99 20.13
CA VAL Q 106 8.52 12.27 19.05
C VAL Q 106 8.89 10.92 18.44
N LYS Q 107 8.45 10.68 17.22
CA LYS Q 107 8.62 9.39 16.57
C LYS Q 107 9.57 9.50 15.39
N ASP Q 108 9.87 8.33 14.81
CA ASP Q 108 10.68 8.18 13.60
C ASP Q 108 12.13 8.65 13.79
N ILE Q 109 12.60 8.64 15.03
CA ILE Q 109 13.96 9.06 15.34
C ILE Q 109 14.94 8.01 14.83
N ASP Q 110 15.71 8.37 13.81
CA ASP Q 110 16.62 7.40 13.18
C ASP Q 110 17.81 7.12 14.08
N MET Q 111 18.18 5.85 14.16
CA MET Q 111 19.22 5.39 15.07
C MET Q 111 20.18 4.50 14.28
N PHE Q 112 21.48 4.60 14.60
CA PHE Q 112 22.52 3.79 13.98
C PHE Q 112 23.57 3.49 15.04
N SER Q 113 23.47 2.32 15.66
CA SER Q 113 24.34 1.97 16.77
C SER Q 113 25.24 0.81 16.38
N MET Q 114 26.23 0.53 17.21
CA MET Q 114 27.16 -0.57 17.01
C MET Q 114 26.87 -1.66 18.03
N CYS Q 115 26.72 -2.89 17.56
CA CYS Q 115 26.59 -4.02 18.48
C CYS Q 115 27.89 -4.22 19.23
N GLU Q 116 27.80 -4.45 20.53
CA GLU Q 116 29.04 -4.60 21.29
C GLU Q 116 29.49 -6.03 21.33
N HIS Q 117 28.72 -6.95 20.75
CA HIS Q 117 29.12 -8.34 20.75
C HIS Q 117 29.95 -8.67 19.52
N HIS Q 118 29.43 -8.31 18.34
CA HIS Q 118 30.07 -8.66 17.08
C HIS Q 118 30.66 -7.47 16.35
N LEU Q 119 30.57 -6.26 16.93
CA LEU Q 119 31.15 -5.01 16.39
C LEU Q 119 30.62 -4.67 15.00
N VAL Q 120 29.39 -5.06 14.73
CA VAL Q 120 28.71 -4.90 13.44
C VAL Q 120 27.51 -4.02 13.74
N PRO Q 121 27.15 -3.06 12.87
CA PRO Q 121 26.07 -2.13 13.23
C PRO Q 121 24.70 -2.78 13.39
N PHE Q 122 23.80 -2.03 14.02
CA PHE Q 122 22.38 -2.33 13.94
C PHE Q 122 21.63 -1.03 13.78
N VAL Q 123 20.52 -1.09 13.05
CA VAL Q 123 19.87 0.07 12.45
C VAL Q 123 18.42 0.09 12.88
N GLY Q 124 18.00 1.20 13.48
CA GLY Q 124 16.63 1.26 13.91
C GLY Q 124 16.00 2.61 14.15
N LYS Q 125 14.86 2.59 14.84
CA LYS Q 125 14.08 3.78 15.13
C LYS Q 125 13.73 3.80 16.61
N VAL Q 126 13.74 5.01 17.18
CA VAL Q 126 13.38 5.22 18.58
C VAL Q 126 12.10 6.04 18.62
N HIS Q 127 11.17 5.65 19.48
CA HIS Q 127 9.92 6.37 19.69
C HIS Q 127 9.89 6.82 21.13
N ILE Q 128 9.78 8.12 21.35
CA ILE Q 128 9.80 8.70 22.68
C ILE Q 128 8.54 9.52 22.87
N GLY Q 129 7.86 9.32 23.99
CA GLY Q 129 6.78 10.18 24.39
C GLY Q 129 6.85 10.43 25.88
N TYR Q 130 6.36 11.60 26.29
CA TYR Q 130 6.44 11.97 27.69
C TYR Q 130 5.31 12.92 28.06
N LEU Q 131 4.97 12.93 29.33
CA LEU Q 131 4.02 13.88 29.90
C LEU Q 131 4.74 14.85 30.83
N PRO Q 132 4.96 16.10 30.43
CA PRO Q 132 5.70 17.04 31.27
C PRO Q 132 4.97 17.43 32.54
N ASN Q 133 5.73 17.87 33.53
CA ASN Q 133 5.19 18.48 34.74
C ASN Q 133 5.38 19.99 34.75
N LYS Q 134 6.63 20.45 34.71
CA LYS Q 134 6.92 21.87 34.74
C LYS Q 134 7.86 22.24 33.61
N GLN Q 135 8.71 21.30 33.21
CA GLN Q 135 9.81 21.56 32.30
C GLN Q 135 9.65 20.72 31.06
N VAL Q 136 9.62 21.35 29.89
CA VAL Q 136 9.58 20.65 28.63
C VAL Q 136 10.97 20.67 28.03
N LEU Q 137 11.18 19.82 27.03
CA LEU Q 137 12.49 19.66 26.41
C LEU Q 137 12.37 19.84 24.91
N GLY Q 138 13.40 20.46 24.32
CA GLY Q 138 13.41 20.76 22.91
C GLY Q 138 13.40 19.53 22.04
N LEU Q 139 12.86 19.66 20.83
CA LEU Q 139 12.71 18.50 19.97
C LEU Q 139 14.02 18.18 19.25
N SER Q 140 14.97 19.11 19.30
CA SER Q 140 16.31 18.84 18.79
C SER Q 140 17.23 18.34 19.90
N LYS Q 141 16.84 18.53 21.16
CA LYS Q 141 17.63 18.02 22.26
C LYS Q 141 17.30 16.57 22.58
N LEU Q 142 16.07 16.14 22.29
CA LEU Q 142 15.72 14.73 22.42
C LEU Q 142 16.49 13.89 21.42
N ALA Q 143 16.85 14.47 20.28
CA ALA Q 143 17.56 13.72 19.25
C ALA Q 143 19.05 13.65 19.53
N ARG Q 144 19.59 14.61 20.29
CA ARG Q 144 20.99 14.55 20.66
C ARG Q 144 21.20 13.66 21.86
N ILE Q 145 20.17 13.47 22.68
CA ILE Q 145 20.18 12.44 23.71
C ILE Q 145 20.20 11.06 23.06
N VAL Q 146 19.51 10.93 21.92
CA VAL Q 146 19.56 9.71 21.13
C VAL Q 146 20.98 9.46 20.62
N GLU Q 147 21.59 10.46 19.99
CA GLU Q 147 22.86 10.28 19.30
C GLU Q 147 24.02 10.06 20.28
N ILE Q 148 23.87 10.53 21.52
CA ILE Q 148 24.90 10.30 22.52
C ILE Q 148 24.91 8.85 22.96
N TYR Q 149 23.74 8.28 23.14
CA TYR Q 149 23.70 6.91 23.62
C TYR Q 149 23.69 5.89 22.49
N SER Q 150 23.31 6.29 21.28
CA SER Q 150 23.31 5.32 20.19
C SER Q 150 24.69 5.18 19.57
N ARG Q 151 25.41 6.29 19.37
CA ARG Q 151 26.75 6.24 18.77
C ARG Q 151 27.78 5.76 19.79
N ARG Q 152 27.58 4.53 20.25
CA ARG Q 152 28.42 3.87 21.24
C ARG Q 152 28.43 2.38 20.87
N LEU Q 153 29.06 1.58 21.72
CA LEU Q 153 28.96 0.12 21.62
C LEU Q 153 27.83 -0.33 22.54
N GLN Q 154 26.70 -0.72 21.97
CA GLN Q 154 25.47 -0.90 22.72
C GLN Q 154 24.94 -2.32 22.65
N VAL Q 155 23.91 -2.57 23.46
CA VAL Q 155 22.86 -3.52 23.15
C VAL Q 155 21.58 -2.71 23.08
N GLN Q 156 20.57 -3.23 22.38
CA GLN Q 156 19.30 -2.52 22.24
C GLN Q 156 18.57 -2.40 23.57
N GLU Q 157 18.79 -3.36 24.46
CA GLU Q 157 18.08 -3.42 25.73
C GLU Q 157 18.57 -2.34 26.69
N ARG Q 158 19.87 -2.07 26.68
CA ARG Q 158 20.43 -0.99 27.50
C ARG Q 158 20.19 0.36 26.86
N LEU Q 159 20.16 0.40 25.53
CA LEU Q 159 19.95 1.64 24.80
C LEU Q 159 18.55 2.19 24.99
N THR Q 160 17.56 1.29 25.14
CA THR Q 160 16.22 1.72 25.50
C THR Q 160 16.18 2.30 26.90
N LYS Q 161 16.75 1.59 27.87
CA LYS Q 161 16.69 1.99 29.27
C LYS Q 161 17.49 3.27 29.52
N GLN Q 162 18.59 3.46 28.79
CA GLN Q 162 19.41 4.66 28.98
C GLN Q 162 18.73 5.92 28.49
N ILE Q 163 17.96 5.83 27.40
CA ILE Q 163 17.28 7.01 26.87
C ILE Q 163 16.17 7.44 27.81
N ALA Q 164 15.48 6.49 28.41
CA ALA Q 164 14.39 6.81 29.32
C ALA Q 164 14.91 7.47 30.59
N VAL Q 165 16.10 7.06 31.05
CA VAL Q 165 16.68 7.62 32.28
C VAL Q 165 17.21 9.03 32.03
N ALA Q 166 17.70 9.30 30.83
CA ALA Q 166 18.23 10.62 30.50
C ALA Q 166 17.11 11.66 30.41
N ILE Q 167 15.94 11.25 29.94
CA ILE Q 167 14.79 12.15 29.84
C ILE Q 167 14.14 12.29 31.21
N THR Q 168 14.18 11.23 32.01
CA THR Q 168 13.61 11.25 33.35
C THR Q 168 14.36 12.23 34.25
N GLU Q 169 15.69 12.24 34.15
CA GLU Q 169 16.48 13.11 35.01
C GLU Q 169 16.53 14.54 34.46
N ALA Q 170 16.29 14.71 33.17
CA ALA Q 170 16.35 16.04 32.59
C ALA Q 170 15.14 16.88 32.99
N LEU Q 171 13.97 16.25 33.07
CA LEU Q 171 12.71 16.96 33.20
C LEU Q 171 11.94 16.63 34.47
N ARG Q 172 12.20 15.46 35.07
CA ARG Q 172 11.28 14.80 36.00
C ARG Q 172 9.83 14.86 35.54
N PRO Q 173 9.45 14.13 34.50
CA PRO Q 173 8.09 14.23 33.97
C PRO Q 173 7.15 13.30 34.70
N ALA Q 174 5.90 13.31 34.26
CA ALA Q 174 4.92 12.36 34.80
C ALA Q 174 5.21 10.95 34.36
N GLY Q 175 5.47 10.75 33.07
CA GLY Q 175 5.78 9.43 32.56
C GLY Q 175 6.66 9.53 31.33
N VAL Q 176 7.37 8.43 31.06
CA VAL Q 176 8.28 8.30 29.93
C VAL Q 176 7.96 6.99 29.22
N GLY Q 177 7.85 7.03 27.90
CA GLY Q 177 7.75 5.83 27.11
C GLY Q 177 8.79 5.81 26.02
N VAL Q 178 9.64 4.78 25.99
CA VAL Q 178 10.70 4.64 25.01
C VAL Q 178 10.55 3.31 24.32
N VAL Q 179 10.48 3.32 22.99
CA VAL Q 179 10.31 2.12 22.18
C VAL Q 179 11.38 2.16 21.10
N VAL Q 180 12.26 1.17 21.09
CA VAL Q 180 13.31 1.05 20.08
C VAL Q 180 13.07 -0.25 19.31
N GLU Q 181 12.78 -0.12 18.02
CA GLU Q 181 12.78 -1.24 17.09
C GLU Q 181 14.04 -1.11 16.23
N ALA Q 182 14.69 -2.23 15.94
CA ALA Q 182 15.95 -2.21 15.20
C ALA Q 182 16.27 -3.58 14.62
N THR Q 183 17.00 -3.58 13.50
CA THR Q 183 17.42 -4.79 12.83
C THR Q 183 18.89 -5.08 13.14
N HIS Q 184 19.15 -6.25 13.70
CA HIS Q 184 20.49 -6.67 14.08
C HIS Q 184 21.09 -7.49 12.96
N MET Q 185 22.19 -6.98 12.37
CA MET Q 185 22.83 -7.66 11.25
C MET Q 185 23.80 -8.75 11.68
N CYS Q 186 23.97 -8.98 12.97
CA CYS Q 186 24.81 -10.07 13.45
C CYS Q 186 24.10 -11.43 13.37
N LYS Q 198 13.15 -7.75 13.04
CA LYS Q 198 13.27 -6.64 13.97
C LYS Q 198 12.95 -7.06 15.38
N THR Q 199 13.56 -6.39 16.35
CA THR Q 199 13.30 -6.63 17.76
C THR Q 199 12.85 -5.32 18.40
N VAL Q 200 11.77 -5.37 19.17
CA VAL Q 200 11.21 -4.20 19.84
C VAL Q 200 11.49 -4.33 21.33
N THR Q 201 12.19 -3.34 21.89
CA THR Q 201 12.32 -3.20 23.34
C THR Q 201 11.57 -1.96 23.77
N SER Q 202 11.04 -1.96 24.99
CA SER Q 202 10.09 -0.94 25.39
C SER Q 202 10.11 -0.73 26.90
N THR Q 203 10.54 0.44 27.35
CA THR Q 203 10.41 0.89 28.74
C THR Q 203 9.21 1.82 28.86
N MET Q 204 8.40 1.60 29.89
CA MET Q 204 7.24 2.42 30.20
C MET Q 204 7.33 2.83 31.66
N LEU Q 205 7.69 4.08 31.90
CA LEU Q 205 7.99 4.58 33.23
C LEU Q 205 6.92 5.58 33.64
N GLY Q 206 6.70 5.69 34.94
CA GLY Q 206 5.83 6.74 35.42
C GLY Q 206 4.37 6.40 35.23
N VAL Q 207 3.62 7.34 34.66
CA VAL Q 207 2.21 7.11 34.42
C VAL Q 207 1.95 6.54 33.05
N PHE Q 208 3.00 6.21 32.28
CA PHE Q 208 2.75 5.38 31.11
C PHE Q 208 2.60 3.92 31.52
N ARG Q 209 2.96 3.56 32.75
CA ARG Q 209 2.84 2.19 33.19
C ARG Q 209 1.58 1.96 34.00
N GLU Q 210 1.15 2.96 34.77
CA GLU Q 210 0.05 2.75 35.70
C GLU Q 210 -1.31 3.00 35.04
N ASP Q 211 -1.34 3.82 34.02
CA ASP Q 211 -2.61 4.21 33.39
C ASP Q 211 -2.78 3.41 32.10
N PRO Q 212 -3.95 2.81 31.85
CA PRO Q 212 -4.15 2.14 30.57
C PRO Q 212 -4.52 3.09 29.45
N LYS Q 213 -5.11 4.23 29.78
CA LYS Q 213 -5.45 5.22 28.77
C LYS Q 213 -4.21 5.93 28.27
N THR Q 214 -3.17 6.01 29.09
CA THR Q 214 -1.99 6.78 28.74
C THR Q 214 -1.01 5.94 27.94
N ARG Q 215 -0.94 4.66 28.26
CA ARG Q 215 -0.08 3.77 27.47
C ARG Q 215 -0.68 3.53 26.10
N GLU Q 216 -1.99 3.49 26.01
CA GLU Q 216 -2.63 3.17 24.75
C GLU Q 216 -2.73 4.38 23.85
N GLU Q 217 -2.69 5.58 24.43
CA GLU Q 217 -2.60 6.80 23.63
C GLU Q 217 -1.23 6.91 22.98
N PHE Q 218 -0.18 6.50 23.70
CA PHE Q 218 1.16 6.46 23.15
C PHE Q 218 1.27 5.46 22.00
N LEU Q 219 0.69 4.27 22.17
CA LEU Q 219 0.95 3.16 21.27
C LEU Q 219 0.15 3.26 19.97
N THR Q 220 -0.88 4.10 19.93
CA THR Q 220 -1.63 4.29 18.69
C THR Q 220 -1.03 5.42 17.86
N LEU Q 221 -0.46 6.43 18.52
CA LEU Q 221 0.01 7.60 17.80
C LEU Q 221 1.39 7.35 17.18
N ILE Q 222 2.17 6.42 17.75
CA ILE Q 222 3.51 6.16 17.22
C ILE Q 222 3.46 5.37 15.92
N ARG Q 223 2.31 4.78 15.60
CA ARG Q 223 2.16 4.04 14.37
C ARG Q 223 1.24 4.77 13.41
N ASN R 41 21.27 -44.11 7.59
CA ASN R 41 19.84 -43.95 7.34
C ASN R 41 19.59 -43.16 6.07
N LEU R 42 20.64 -42.55 5.54
CA LEU R 42 20.54 -41.87 4.24
C LEU R 42 20.34 -42.83 3.06
N PRO R 43 20.96 -44.03 3.00
CA PRO R 43 20.48 -45.01 2.00
C PRO R 43 19.12 -45.58 2.32
N ASN R 44 18.70 -45.60 3.58
CA ASN R 44 17.38 -46.11 3.92
C ASN R 44 16.28 -45.16 3.50
N LEU R 45 16.55 -43.85 3.52
CA LEU R 45 15.59 -42.89 2.98
C LEU R 45 15.56 -42.95 1.47
N ALA R 46 16.73 -43.05 0.83
CA ALA R 46 16.82 -42.95 -0.62
C ALA R 46 16.17 -44.15 -1.30
N ALA R 47 16.19 -45.32 -0.64
CA ALA R 47 15.46 -46.47 -1.15
C ALA R 47 13.96 -46.29 -0.96
N ALA R 48 13.56 -45.50 0.04
CA ALA R 48 12.14 -45.28 0.29
C ALA R 48 11.57 -44.22 -0.66
N TYR R 49 12.42 -43.31 -1.14
CA TYR R 49 11.93 -42.36 -2.15
C TYR R 49 11.95 -42.95 -3.55
N SER R 50 12.79 -43.95 -3.81
CA SER R 50 12.78 -44.59 -5.11
C SER R 50 11.55 -45.48 -5.28
N SER R 51 11.01 -45.97 -4.15
CA SER R 51 9.77 -46.73 -4.21
C SER R 51 8.56 -45.82 -4.31
N ILE R 52 8.72 -44.54 -3.92
CA ILE R 52 7.67 -43.56 -4.14
C ILE R 52 7.57 -43.21 -5.61
N LEU R 53 8.72 -43.02 -6.27
CA LEU R 53 8.75 -42.63 -7.68
C LEU R 53 8.18 -43.73 -8.57
N SER R 54 8.33 -44.98 -8.17
CA SER R 54 7.78 -46.09 -8.94
C SER R 54 6.29 -46.24 -8.71
N SER R 55 5.81 -45.91 -7.50
CA SER R 55 4.42 -46.14 -7.16
C SER R 55 3.51 -45.09 -7.77
N LEU R 56 4.07 -43.94 -8.15
CA LEU R 56 3.26 -42.88 -8.74
C LEU R 56 3.02 -43.03 -10.23
N GLY R 57 3.45 -44.13 -10.84
CA GLY R 57 3.35 -44.29 -12.27
C GLY R 57 4.41 -43.54 -13.04
N GLU R 58 5.50 -43.19 -12.39
CA GLU R 58 6.56 -42.36 -12.94
C GLU R 58 7.81 -43.22 -13.17
N ASN R 59 8.61 -42.84 -14.17
CA ASN R 59 9.79 -43.60 -14.54
C ASN R 59 10.99 -43.10 -13.75
N PRO R 60 11.52 -43.86 -12.78
CA PRO R 60 12.60 -43.34 -11.93
C PRO R 60 13.94 -43.28 -12.62
N GLN R 61 14.06 -43.83 -13.82
CA GLN R 61 15.30 -43.79 -14.58
C GLN R 61 15.02 -43.00 -15.85
N ARG R 62 15.11 -41.67 -15.75
CA ARG R 62 14.98 -40.79 -16.88
C ARG R 62 15.81 -39.54 -16.65
N GLN R 63 15.80 -38.66 -17.64
CA GLN R 63 16.46 -37.37 -17.50
C GLN R 63 15.68 -36.50 -16.51
N GLY R 64 16.19 -36.40 -15.29
CA GLY R 64 15.57 -35.58 -14.27
C GLY R 64 15.20 -36.29 -13.00
N LEU R 65 15.37 -37.60 -12.91
CA LEU R 65 15.01 -38.35 -11.70
C LEU R 65 16.12 -39.33 -11.30
N LEU R 66 17.37 -38.96 -11.58
CA LEU R 66 18.49 -39.83 -11.22
C LEU R 66 18.98 -39.57 -9.80
N LYS R 67 19.18 -38.32 -9.42
CA LYS R 67 19.56 -37.95 -8.07
C LYS R 67 18.37 -37.61 -7.20
N THR R 68 17.15 -37.74 -7.73
CA THR R 68 15.92 -37.41 -7.00
C THR R 68 15.70 -38.23 -5.74
N PRO R 69 15.95 -39.55 -5.66
CA PRO R 69 15.90 -40.20 -4.34
C PRO R 69 16.95 -39.72 -3.36
N TRP R 70 18.07 -39.20 -3.85
CA TRP R 70 19.15 -38.78 -2.97
C TRP R 70 19.11 -37.28 -2.68
N ARG R 71 18.61 -36.47 -3.61
CA ARG R 71 18.41 -35.05 -3.32
C ARG R 71 17.26 -34.86 -2.34
N ALA R 72 16.23 -35.70 -2.43
CA ALA R 72 15.08 -35.55 -1.55
C ALA R 72 15.35 -36.17 -0.19
N ALA R 73 16.26 -37.13 -0.11
CA ALA R 73 16.59 -37.72 1.19
C ALA R 73 17.37 -36.74 2.05
N SER R 74 18.28 -35.98 1.42
CA SER R 74 19.01 -34.96 2.16
C SER R 74 18.18 -33.71 2.36
N ALA R 75 16.98 -33.66 1.78
CA ALA R 75 16.05 -32.58 2.04
C ALA R 75 15.26 -32.84 3.31
N MET R 76 14.85 -34.10 3.52
CA MET R 76 14.02 -34.43 4.68
C MET R 76 14.87 -34.52 5.95
N GLN R 77 16.18 -34.72 5.80
CA GLN R 77 17.08 -34.65 6.95
C GLN R 77 17.39 -33.21 7.34
N PHE R 78 17.38 -32.30 6.36
CA PHE R 78 17.47 -30.88 6.69
C PHE R 78 16.17 -30.39 7.30
N PHE R 79 15.04 -30.94 6.88
CA PHE R 79 13.75 -30.37 7.27
C PHE R 79 13.33 -30.86 8.64
N THR R 80 14.03 -31.86 9.18
CA THR R 80 13.78 -32.43 10.50
C THR R 80 15.03 -32.48 11.37
N LYS R 81 15.94 -31.51 11.20
CA LYS R 81 17.25 -31.56 11.86
C LYS R 81 17.25 -30.98 13.27
N GLY R 82 16.07 -30.65 13.79
CA GLY R 82 15.95 -30.17 15.16
C GLY R 82 15.94 -31.26 16.21
N TYR R 83 15.82 -32.52 15.81
CA TYR R 83 16.00 -33.62 16.73
C TYR R 83 16.94 -34.65 16.14
N ASP R 101 14.02 -3.70 33.54
CA ASP R 101 12.57 -3.90 33.56
C ASP R 101 11.96 -3.28 32.32
N GLU R 102 11.67 -4.11 31.33
CA GLU R 102 11.17 -3.66 30.04
C GLU R 102 10.67 -4.88 29.27
N MET R 103 9.99 -4.62 28.16
CA MET R 103 9.43 -5.68 27.35
C MET R 103 10.28 -5.88 26.12
N VAL R 104 10.65 -7.11 25.81
CA VAL R 104 11.49 -7.41 24.67
C VAL R 104 10.70 -8.25 23.68
N ILE R 105 10.16 -7.60 22.64
CA ILE R 105 9.40 -8.28 21.59
C ILE R 105 10.34 -8.52 20.41
N VAL R 106 10.43 -9.78 19.97
CA VAL R 106 11.23 -10.16 18.81
C VAL R 106 10.25 -10.71 17.78
N LYS R 107 10.05 -9.97 16.69
CA LYS R 107 9.05 -10.31 15.70
C LYS R 107 9.71 -10.71 14.39
N ASP R 108 8.86 -11.13 13.44
CA ASP R 108 9.22 -11.50 12.07
C ASP R 108 10.17 -12.69 12.01
N ILE R 109 10.14 -13.54 13.02
CA ILE R 109 10.99 -14.72 13.08
C ILE R 109 10.49 -15.74 12.07
N ASP R 110 11.27 -15.97 11.02
CA ASP R 110 10.85 -16.86 9.94
C ASP R 110 10.90 -18.32 10.38
N MET R 111 9.88 -19.06 10.02
CA MET R 111 9.71 -20.44 10.45
C MET R 111 9.39 -21.29 9.23
N PHE R 112 9.93 -22.52 9.21
CA PHE R 112 9.69 -23.49 8.15
C PHE R 112 9.64 -24.87 8.77
N SER R 113 8.44 -25.36 9.04
CA SER R 113 8.27 -26.62 9.76
C SER R 113 7.62 -27.65 8.83
N MET R 114 7.61 -28.89 9.28
CA MET R 114 6.99 -29.99 8.54
C MET R 114 5.72 -30.42 9.26
N CYS R 115 4.62 -30.51 8.52
CA CYS R 115 3.39 -31.05 9.10
C CYS R 115 3.59 -32.53 9.40
N GLU R 116 3.13 -32.96 10.56
CA GLU R 116 3.34 -34.36 10.91
C GLU R 116 2.20 -35.23 10.43
N HIS R 117 1.18 -34.63 9.83
CA HIS R 117 0.05 -35.42 9.35
C HIS R 117 0.28 -35.83 7.90
N HIS R 118 0.60 -34.86 7.04
CA HIS R 118 0.73 -35.10 5.61
C HIS R 118 2.16 -35.01 5.12
N LEU R 119 3.14 -34.75 6.00
CA LEU R 119 4.58 -34.70 5.71
C LEU R 119 4.91 -33.65 4.66
N VAL R 120 4.13 -32.58 4.62
CA VAL R 120 4.23 -31.49 3.64
C VAL R 120 4.53 -30.26 4.47
N PRO R 121 5.40 -29.35 4.03
CA PRO R 121 5.78 -28.22 4.89
C PRO R 121 4.64 -27.25 5.23
N PHE R 122 4.88 -26.44 6.24
CA PHE R 122 4.07 -25.24 6.45
C PHE R 122 5.00 -24.12 6.87
N VAL R 123 4.65 -22.91 6.46
CA VAL R 123 5.54 -21.77 6.39
C VAL R 123 4.94 -20.62 7.17
N GLY R 124 5.69 -20.11 8.14
CA GLY R 124 5.15 -19.02 8.91
C GLY R 124 6.10 -18.12 9.67
N LYS R 125 5.54 -17.36 10.60
CA LYS R 125 6.27 -16.38 11.40
C LYS R 125 5.92 -16.58 12.87
N VAL R 126 6.92 -16.40 13.73
CA VAL R 126 6.75 -16.50 15.17
C VAL R 126 6.99 -15.13 15.76
N HIS R 127 6.15 -14.72 16.70
CA HIS R 127 6.30 -13.46 17.41
C HIS R 127 6.45 -13.78 18.88
N ILE R 128 7.55 -13.36 19.47
CA ILE R 128 7.87 -13.64 20.85
C ILE R 128 8.11 -12.34 21.58
N GLY R 129 7.48 -12.19 22.74
CA GLY R 129 7.79 -11.09 23.63
C GLY R 129 7.80 -11.59 25.06
N TYR R 130 8.60 -10.93 25.89
CA TYR R 130 8.74 -11.36 27.26
C TYR R 130 9.11 -10.19 28.16
N LEU R 131 8.78 -10.32 29.43
CA LEU R 131 9.19 -9.37 30.47
C LEU R 131 10.18 -10.04 31.40
N PRO R 132 11.48 -9.70 31.33
CA PRO R 132 12.48 -10.36 32.17
C PRO R 132 12.33 -10.02 33.64
N ASN R 133 12.86 -10.90 34.49
CA ASN R 133 13.02 -10.64 35.91
C ASN R 133 14.46 -10.35 36.29
N LYS R 134 15.37 -11.30 36.05
CA LYS R 134 16.76 -11.12 36.40
C LYS R 134 17.65 -11.46 35.22
N GLN R 135 17.18 -12.37 34.36
CA GLN R 135 17.99 -12.95 33.30
C GLN R 135 17.36 -12.64 31.96
N VAL R 136 18.12 -12.02 31.07
CA VAL R 136 17.67 -11.78 29.71
C VAL R 136 18.33 -12.80 28.81
N LEU R 137 17.80 -12.90 27.60
CA LEU R 137 18.25 -13.91 26.64
C LEU R 137 18.62 -13.23 25.33
N GLY R 138 19.66 -13.75 24.69
CA GLY R 138 20.18 -13.20 23.46
C GLY R 138 19.20 -13.26 22.33
N LEU R 139 19.31 -12.33 21.37
CA LEU R 139 18.34 -12.26 20.29
C LEU R 139 18.67 -13.27 19.21
N SER R 140 19.87 -13.86 19.27
CA SER R 140 20.21 -14.96 18.37
C SER R 140 19.93 -16.30 19.02
N LYS R 141 19.75 -16.32 20.34
CA LYS R 141 19.40 -17.57 21.02
C LYS R 141 17.91 -17.83 20.99
N LEU R 142 17.10 -16.77 20.93
CA LEU R 142 15.66 -16.94 20.75
C LEU R 142 15.34 -17.54 19.38
N ALA R 143 16.21 -17.29 18.39
CA ALA R 143 15.95 -17.80 17.05
C ALA R 143 16.42 -19.25 16.92
N ARG R 144 17.36 -19.67 17.74
CA ARG R 144 17.79 -21.07 17.70
C ARG R 144 16.85 -21.95 18.51
N ILE R 145 16.17 -21.37 19.49
CA ILE R 145 15.07 -22.05 20.15
C ILE R 145 13.92 -22.27 19.16
N VAL R 146 13.72 -21.31 18.25
CA VAL R 146 12.76 -21.47 17.16
C VAL R 146 13.16 -22.63 16.26
N GLU R 147 14.41 -22.65 15.80
CA GLU R 147 14.84 -23.60 14.78
C GLU R 147 14.93 -25.02 15.32
N ILE R 148 15.08 -25.16 16.63
CA ILE R 148 15.11 -26.50 17.23
C ILE R 148 13.73 -27.10 17.24
N TYR R 149 12.72 -26.30 17.56
CA TYR R 149 11.38 -26.86 17.63
C TYR R 149 10.65 -26.78 16.29
N SER R 150 11.06 -25.90 15.39
CA SER R 150 10.36 -25.83 14.12
C SER R 150 10.86 -26.89 13.14
N ARG R 151 12.17 -27.12 13.07
CA ARG R 151 12.74 -28.11 12.16
C ARG R 151 12.53 -29.53 12.71
N ARG R 152 11.26 -29.89 12.85
CA ARG R 152 10.80 -31.18 13.36
C ARG R 152 9.52 -31.51 12.61
N LEU R 153 8.89 -32.62 13.00
CA LEU R 153 7.55 -32.94 12.54
C LEU R 153 6.57 -32.41 13.55
N GLN R 154 5.86 -31.32 13.21
CA GLN R 154 5.11 -30.55 14.18
C GLN R 154 3.61 -30.49 13.86
N VAL R 155 2.87 -29.93 14.81
CA VAL R 155 1.65 -29.18 14.53
C VAL R 155 1.92 -27.78 15.01
N GLN R 156 1.18 -26.80 14.48
CA GLN R 156 1.36 -25.40 14.88
C GLN R 156 0.97 -25.17 16.33
N GLU R 157 0.04 -25.98 16.83
CA GLU R 157 -0.50 -25.79 18.17
C GLU R 157 0.51 -26.22 19.24
N ARG R 158 1.26 -27.29 18.96
CA ARG R 158 2.31 -27.73 19.87
C ARG R 158 3.56 -26.88 19.72
N LEU R 159 3.80 -26.39 18.50
CA LEU R 159 4.97 -25.57 18.23
C LEU R 159 4.89 -24.22 18.92
N THR R 160 3.69 -23.67 19.08
CA THR R 160 3.50 -22.46 19.86
C THR R 160 3.79 -22.73 21.34
N LYS R 161 3.20 -23.80 21.89
CA LYS R 161 3.31 -24.09 23.31
C LYS R 161 4.73 -24.48 23.69
N GLN R 162 5.45 -25.16 22.78
CA GLN R 162 6.81 -25.58 23.08
C GLN R 162 7.78 -24.42 23.15
N ILE R 163 7.59 -23.40 22.31
CA ILE R 163 8.49 -22.24 22.33
C ILE R 163 8.31 -21.44 23.61
N ALA R 164 7.08 -21.32 24.07
CA ALA R 164 6.81 -20.57 25.30
C ALA R 164 7.40 -21.27 26.51
N VAL R 165 7.40 -22.59 26.52
CA VAL R 165 7.93 -23.36 27.66
C VAL R 165 9.46 -23.31 27.69
N ALA R 166 10.09 -23.25 26.51
CA ALA R 166 11.54 -23.20 26.44
C ALA R 166 12.07 -21.87 26.93
N ILE R 167 11.33 -20.78 26.68
CA ILE R 167 11.73 -19.46 27.14
C ILE R 167 11.38 -19.29 28.62
N THR R 168 10.30 -19.94 29.05
CA THR R 168 9.89 -19.88 30.45
C THR R 168 10.92 -20.55 31.35
N GLU R 169 11.45 -21.69 30.92
CA GLU R 169 12.39 -22.41 31.75
C GLU R 169 13.80 -21.83 31.63
N ALA R 170 14.08 -21.12 30.53
CA ALA R 170 15.41 -20.56 30.35
C ALA R 170 15.64 -19.37 31.26
N LEU R 171 14.61 -18.55 31.48
CA LEU R 171 14.75 -17.26 32.12
C LEU R 171 13.97 -17.11 33.40
N ARG R 172 12.89 -17.90 33.58
CA ARG R 172 11.78 -17.62 34.48
C ARG R 172 11.36 -16.15 34.45
N PRO R 173 10.73 -15.68 33.38
CA PRO R 173 10.39 -14.26 33.28
C PRO R 173 9.05 -13.97 33.94
N ALA R 174 8.66 -12.70 33.86
CA ALA R 174 7.35 -12.32 34.36
C ALA R 174 6.24 -12.87 33.47
N GLY R 175 6.37 -12.73 32.15
CA GLY R 175 5.37 -13.23 31.24
C GLY R 175 6.00 -13.56 29.91
N VAL R 176 5.32 -14.44 29.17
CA VAL R 176 5.73 -14.89 27.85
C VAL R 176 4.53 -14.77 26.92
N GLY R 177 4.76 -14.21 25.73
CA GLY R 177 3.75 -14.23 24.69
C GLY R 177 4.31 -14.79 23.41
N VAL R 178 3.69 -15.85 22.88
CA VAL R 178 4.14 -16.50 21.66
C VAL R 178 2.97 -16.54 20.68
N VAL R 179 3.18 -16.03 19.48
CA VAL R 179 2.17 -15.97 18.44
C VAL R 179 2.79 -16.53 17.17
N VAL R 180 2.22 -17.61 16.66
CA VAL R 180 2.68 -18.24 15.42
C VAL R 180 1.54 -18.17 14.41
N GLU R 181 1.75 -17.42 13.33
CA GLU R 181 0.89 -17.47 12.16
C GLU R 181 1.62 -18.25 11.08
N ALA R 182 0.90 -19.08 10.32
CA ALA R 182 1.53 -19.94 9.33
C ALA R 182 0.49 -20.44 8.33
N THR R 183 0.96 -20.71 7.11
CA THR R 183 0.12 -21.23 6.03
C THR R 183 0.37 -22.72 5.86
N HIS R 184 -0.68 -23.52 5.99
CA HIS R 184 -0.61 -24.96 5.87
C HIS R 184 -0.95 -25.38 4.45
N MET R 185 0.03 -25.98 3.77
CA MET R 185 -0.17 -26.38 2.38
C MET R 185 -0.85 -27.72 2.22
N CYS R 186 -1.22 -28.39 3.31
CA CYS R 186 -1.96 -29.64 3.23
C CYS R 186 -3.45 -29.40 2.97
N LYS R 198 -4.22 -18.44 6.51
CA LYS R 198 -3.32 -18.51 7.65
C LYS R 198 -4.06 -18.84 8.92
N THR R 199 -3.38 -19.50 9.85
CA THR R 199 -3.93 -19.83 11.16
C THR R 199 -3.02 -19.25 12.23
N VAL R 200 -3.61 -18.55 13.21
CA VAL R 200 -2.86 -17.93 14.30
C VAL R 200 -3.12 -18.73 15.57
N THR R 201 -2.04 -19.23 16.18
CA THR R 201 -2.10 -19.79 17.51
C THR R 201 -1.33 -18.88 18.46
N SER R 202 -1.74 -18.85 19.73
CA SER R 202 -1.24 -17.82 20.63
C SER R 202 -1.29 -18.28 22.08
N THR R 203 -0.13 -18.46 22.70
CA THR R 203 0.00 -18.68 24.14
C THR R 203 0.37 -17.37 24.82
N MET R 204 -0.31 -17.08 25.92
CA MET R 204 -0.07 -15.89 26.74
C MET R 204 0.12 -16.35 28.18
N LEU R 205 1.35 -16.36 28.66
CA LEU R 205 1.69 -16.92 29.95
C LEU R 205 2.13 -15.81 30.89
N GLY R 206 1.93 -16.02 32.17
CA GLY R 206 2.47 -15.08 33.13
C GLY R 206 1.64 -13.83 33.24
N VAL R 207 2.30 -12.68 33.17
CA VAL R 207 1.59 -11.41 33.25
C VAL R 207 1.20 -10.89 31.88
N PHE R 208 1.43 -11.66 30.81
CA PHE R 208 0.77 -11.29 29.56
C PHE R 208 -0.68 -11.76 29.57
N ARG R 209 -1.07 -12.60 30.53
CA ARG R 209 -2.45 -13.08 30.58
C ARG R 209 -3.26 -12.30 31.61
N GLU R 210 -2.64 -11.87 32.70
CA GLU R 210 -3.40 -11.28 33.78
C GLU R 210 -3.59 -9.78 33.59
N ASP R 211 -2.68 -9.14 32.88
CA ASP R 211 -2.72 -7.69 32.74
C ASP R 211 -3.30 -7.34 31.38
N PRO R 212 -4.25 -6.40 31.29
CA PRO R 212 -4.71 -5.99 29.95
C PRO R 212 -3.81 -5.00 29.29
N LYS R 213 -3.06 -4.23 30.06
CA LYS R 213 -2.12 -3.27 29.48
C LYS R 213 -0.92 -3.98 28.89
N THR R 214 -0.59 -5.16 29.41
CA THR R 214 0.63 -5.84 29.00
C THR R 214 0.37 -6.69 27.77
N ARG R 215 -0.82 -7.28 27.68
CA ARG R 215 -1.17 -8.04 26.49
C ARG R 215 -1.39 -7.12 25.30
N GLU R 216 -1.91 -5.94 25.56
CA GLU R 216 -2.25 -5.04 24.46
C GLU R 216 -1.03 -4.26 23.99
N GLU R 217 -0.02 -4.12 24.85
CA GLU R 217 1.25 -3.55 24.42
C GLU R 217 1.98 -4.51 23.49
N PHE R 218 1.89 -5.81 23.77
CA PHE R 218 2.46 -6.84 22.91
C PHE R 218 1.78 -6.84 21.54
N LEU R 219 0.45 -6.76 21.53
CA LEU R 219 -0.31 -7.03 20.30
C LEU R 219 -0.31 -5.84 19.34
N THR R 220 0.06 -4.65 19.81
CA THR R 220 0.17 -3.51 18.90
C THR R 220 1.55 -3.40 18.30
N LEU R 221 2.57 -3.83 19.03
CA LEU R 221 3.93 -3.64 18.56
C LEU R 221 4.34 -4.72 17.57
N ILE R 222 3.70 -5.90 17.64
CA ILE R 222 4.06 -6.99 16.73
C ILE R 222 3.53 -6.74 15.32
N ARG R 223 2.61 -5.80 15.16
CA ARG R 223 2.09 -5.48 13.86
C ARG R 223 2.55 -4.09 13.41
N ASN S 41 -33.12 -35.22 -10.57
CA ASN S 41 -33.47 -33.82 -10.39
C ASN S 41 -32.64 -32.92 -11.29
N LEU S 42 -31.58 -33.47 -11.89
CA LEU S 42 -30.80 -32.73 -12.86
C LEU S 42 -31.55 -32.45 -14.18
N PRO S 43 -32.39 -33.35 -14.72
CA PRO S 43 -33.28 -32.89 -15.80
C PRO S 43 -34.39 -31.96 -15.32
N ASN S 44 -34.76 -32.03 -14.04
CA ASN S 44 -35.81 -31.15 -13.53
C ASN S 44 -35.29 -29.73 -13.37
N LEU S 45 -34.00 -29.56 -13.05
CA LEU S 45 -33.41 -28.23 -13.03
C LEU S 45 -33.22 -27.69 -14.44
N ALA S 46 -32.75 -28.55 -15.36
CA ALA S 46 -32.39 -28.10 -16.70
C ALA S 46 -33.62 -27.67 -17.50
N ALA S 47 -34.77 -28.27 -17.21
CA ALA S 47 -36.01 -27.81 -17.82
C ALA S 47 -36.46 -26.50 -17.20
N ALA S 48 -36.07 -26.24 -15.96
CA ALA S 48 -36.44 -24.99 -15.30
C ALA S 48 -35.55 -23.84 -15.73
N TYR S 49 -34.31 -24.13 -16.14
CA TYR S 49 -33.47 -23.06 -16.68
C TYR S 49 -33.77 -22.77 -18.14
N SER S 50 -34.30 -23.75 -18.88
CA SER S 50 -34.68 -23.50 -20.27
C SER S 50 -35.92 -22.63 -20.35
N SER S 51 -36.76 -22.68 -19.31
CA SER S 51 -37.92 -21.81 -19.25
C SER S 51 -37.54 -20.41 -18.77
N ILE S 52 -36.39 -20.29 -18.10
CA ILE S 52 -35.86 -18.97 -17.75
C ILE S 52 -35.33 -18.27 -19.00
N LEU S 53 -34.62 -19.01 -19.85
CA LEU S 53 -34.02 -18.44 -21.05
C LEU S 53 -35.07 -17.96 -22.04
N SER S 54 -36.23 -18.63 -22.05
CA SER S 54 -37.31 -18.22 -22.93
C SER S 54 -38.06 -17.02 -22.37
N SER S 55 -38.15 -16.92 -21.05
CA SER S 55 -38.95 -15.86 -20.43
C SER S 55 -38.24 -14.52 -20.46
N LEU S 56 -36.92 -14.52 -20.65
CA LEU S 56 -36.16 -13.29 -20.68
C LEU S 56 -36.15 -12.61 -22.04
N GLY S 57 -36.88 -13.12 -23.02
CA GLY S 57 -36.83 -12.60 -24.36
C GLY S 57 -35.61 -13.04 -25.14
N GLU S 58 -34.98 -14.12 -24.73
CA GLU S 58 -33.73 -14.61 -25.29
C GLU S 58 -34.00 -15.91 -26.06
N ASN S 59 -33.17 -16.16 -27.08
CA ASN S 59 -33.35 -17.32 -27.95
C ASN S 59 -32.57 -18.51 -27.38
N PRO S 60 -33.23 -19.53 -26.83
CA PRO S 60 -32.47 -20.61 -26.17
C PRO S 60 -31.79 -21.55 -27.14
N GLN S 61 -32.04 -21.42 -28.44
CA GLN S 61 -31.40 -22.24 -29.45
C GLN S 61 -30.58 -21.32 -30.33
N ARG S 62 -29.36 -21.03 -29.89
CA ARG S 62 -28.42 -20.23 -30.66
C ARG S 62 -27.00 -20.67 -30.31
N GLN S 63 -26.04 -20.04 -30.98
CA GLN S 63 -24.64 -20.28 -30.65
C GLN S 63 -24.32 -19.65 -29.30
N GLY S 64 -24.23 -20.49 -28.27
CA GLY S 64 -23.88 -20.04 -26.95
C GLY S 64 -24.88 -20.36 -25.86
N LEU S 65 -26.03 -20.96 -26.20
CA LEU S 65 -27.05 -21.28 -25.19
C LEU S 65 -27.57 -22.70 -25.39
N LEU S 66 -26.72 -23.61 -25.86
CA LEU S 66 -27.15 -24.99 -26.06
C LEU S 66 -26.97 -25.82 -24.80
N LYS S 67 -25.80 -25.74 -24.16
CA LYS S 67 -25.55 -26.43 -22.90
C LYS S 67 -25.84 -25.57 -21.70
N THR S 68 -26.34 -24.35 -21.92
CA THR S 68 -26.64 -23.41 -20.83
C THR S 68 -27.68 -23.88 -19.82
N PRO S 69 -28.80 -24.55 -20.19
CA PRO S 69 -29.63 -25.16 -19.14
C PRO S 69 -28.94 -26.28 -18.35
N TRP S 70 -27.96 -26.95 -18.96
CA TRP S 70 -27.32 -28.08 -18.31
C TRP S 70 -26.02 -27.67 -17.61
N ARG S 71 -25.31 -26.65 -18.12
CA ARG S 71 -24.16 -26.14 -17.39
C ARG S 71 -24.58 -25.38 -16.15
N ALA S 72 -25.72 -24.71 -16.20
CA ALA S 72 -26.18 -23.94 -15.05
C ALA S 72 -26.86 -24.83 -14.02
N ALA S 73 -27.40 -25.97 -14.46
CA ALA S 73 -28.02 -26.89 -13.51
C ALA S 73 -26.98 -27.57 -12.64
N SER S 74 -25.85 -27.93 -13.25
CA SER S 74 -24.75 -28.52 -12.48
C SER S 74 -23.98 -27.45 -11.71
N ALA S 75 -24.29 -26.18 -11.94
CA ALA S 75 -23.70 -25.11 -11.14
C ALA S 75 -24.46 -24.92 -9.84
N MET S 76 -25.78 -25.01 -9.88
CA MET S 76 -26.60 -24.79 -8.69
C MET S 76 -26.57 -26.00 -7.77
N GLN S 77 -26.22 -27.18 -8.30
CA GLN S 77 -26.01 -28.34 -7.45
C GLN S 77 -24.65 -28.30 -6.78
N PHE S 78 -23.67 -27.67 -7.42
CA PHE S 78 -22.39 -27.43 -6.73
C PHE S 78 -22.54 -26.33 -5.69
N PHE S 79 -23.41 -25.36 -5.96
CA PHE S 79 -23.45 -24.17 -5.10
C PHE S 79 -24.28 -24.42 -3.85
N THR S 80 -25.02 -25.54 -3.82
CA THR S 80 -25.85 -25.94 -2.69
C THR S 80 -25.56 -27.36 -2.22
N LYS S 81 -24.31 -27.82 -2.35
CA LYS S 81 -23.96 -29.20 -2.10
C LYS S 81 -23.67 -29.51 -0.63
N GLY S 82 -23.91 -28.54 0.26
CA GLY S 82 -23.74 -28.76 1.69
C GLY S 82 -24.91 -29.44 2.35
N TYR S 83 -26.04 -29.59 1.66
CA TYR S 83 -27.13 -30.41 2.16
C TYR S 83 -27.61 -31.35 1.08
N ASP S 101 -3.51 -25.08 26.57
CA ASP S 101 -4.24 -23.88 26.91
C ASP S 101 -3.70 -22.71 26.09
N GLU S 102 -4.41 -22.38 25.01
CA GLU S 102 -3.98 -21.35 24.08
C GLU S 102 -5.14 -21.03 23.16
N MET S 103 -4.99 -19.97 22.39
CA MET S 103 -6.03 -19.52 21.48
C MET S 103 -5.67 -19.91 20.06
N VAL S 104 -6.61 -20.52 19.34
CA VAL S 104 -6.36 -20.97 17.97
C VAL S 104 -7.27 -20.19 17.03
N ILE S 105 -6.72 -19.16 16.41
CA ILE S 105 -7.44 -18.34 15.44
C ILE S 105 -7.11 -18.83 14.03
N VAL S 106 -8.14 -19.16 13.25
CA VAL S 106 -7.99 -19.59 11.86
C VAL S 106 -8.68 -18.53 11.01
N LYS S 107 -7.91 -17.76 10.26
CA LYS S 107 -8.43 -16.64 9.51
C LYS S 107 -8.32 -16.90 8.02
N ASP S 108 -8.88 -15.96 7.25
CA ASP S 108 -8.84 -15.92 5.78
C ASP S 108 -9.55 -17.12 5.14
N ILE S 109 -10.51 -17.70 5.85
CA ILE S 109 -11.26 -18.84 5.36
C ILE S 109 -12.21 -18.36 4.26
N ASP S 110 -11.95 -18.77 3.03
CA ASP S 110 -12.73 -18.31 1.90
C ASP S 110 -14.11 -18.95 1.88
N MET S 111 -15.12 -18.15 1.59
CA MET S 111 -16.51 -18.58 1.67
C MET S 111 -17.20 -18.15 0.37
N PHE S 112 -18.11 -18.99 -0.13
CA PHE S 112 -18.90 -18.72 -1.32
C PHE S 112 -20.28 -19.33 -1.11
N SER S 113 -21.23 -18.51 -0.68
CA SER S 113 -22.56 -18.99 -0.33
C SER S 113 -23.58 -18.41 -1.30
N MET S 114 -24.80 -18.95 -1.24
CA MET S 114 -25.91 -18.49 -2.06
C MET S 114 -26.90 -17.74 -1.19
N CYS S 115 -27.29 -16.55 -1.62
CA CYS S 115 -28.34 -15.82 -0.92
C CYS S 115 -29.67 -16.55 -1.11
N GLU S 116 -30.43 -16.68 -0.03
CA GLU S 116 -31.68 -17.42 -0.16
C GLU S 116 -32.82 -16.52 -0.55
N HIS S 117 -32.57 -15.21 -0.66
CA HIS S 117 -33.64 -14.30 -1.05
C HIS S 117 -33.68 -14.14 -2.55
N HIS S 118 -32.54 -13.83 -3.15
CA HIS S 118 -32.46 -13.52 -4.57
C HIS S 118 -31.75 -14.60 -5.39
N LEU S 119 -31.29 -15.69 -4.74
CA LEU S 119 -30.64 -16.84 -5.38
C LEU S 119 -29.37 -16.46 -6.14
N VAL S 120 -28.70 -15.41 -5.68
CA VAL S 120 -27.51 -14.84 -6.31
C VAL S 120 -26.41 -15.00 -5.28
N PRO S 121 -25.18 -15.34 -5.65
CA PRO S 121 -24.15 -15.62 -4.63
C PRO S 121 -23.77 -14.43 -3.76
N PHE S 122 -23.10 -14.72 -2.65
CA PHE S 122 -22.37 -13.71 -1.92
C PHE S 122 -21.05 -14.33 -1.46
N VAL S 123 -20.02 -13.49 -1.42
CA VAL S 123 -18.63 -13.91 -1.39
C VAL S 123 -17.95 -13.29 -0.20
N GLY S 124 -17.36 -14.13 0.65
CA GLY S 124 -16.72 -13.56 1.81
C GLY S 124 -15.66 -14.39 2.51
N LYS S 125 -15.33 -13.97 3.74
CA LYS S 125 -14.30 -14.59 4.56
C LYS S 125 -14.86 -14.84 5.95
N VAL S 126 -14.46 -15.97 6.54
CA VAL S 126 -14.85 -16.35 7.89
C VAL S 126 -13.61 -16.34 8.75
N HIS S 127 -13.72 -15.78 9.96
CA HIS S 127 -12.64 -15.76 10.93
C HIS S 127 -13.12 -16.50 12.16
N ILE S 128 -12.40 -17.55 12.53
CA ILE S 128 -12.78 -18.39 13.65
C ILE S 128 -11.62 -18.44 14.63
N GLY S 129 -11.92 -18.24 15.90
CA GLY S 129 -10.95 -18.47 16.96
C GLY S 129 -11.64 -19.12 18.14
N TYR S 130 -10.87 -19.92 18.87
CA TYR S 130 -11.45 -20.65 19.99
C TYR S 130 -10.39 -20.92 21.05
N LEU S 131 -10.84 -21.10 22.28
CA LEU S 131 -10.01 -21.52 23.40
C LEU S 131 -10.38 -22.93 23.82
N PRO S 132 -9.56 -23.94 23.50
CA PRO S 132 -9.92 -25.32 23.84
C PRO S 132 -9.91 -25.60 25.34
N ASN S 133 -10.65 -26.63 25.74
CA ASN S 133 -10.58 -27.17 27.09
C ASN S 133 -9.83 -28.49 27.14
N LYS S 134 -10.32 -29.50 26.42
CA LYS S 134 -9.68 -30.81 26.43
C LYS S 134 -9.44 -31.29 25.01
N GLN S 135 -10.30 -30.87 24.09
CA GLN S 135 -10.35 -31.40 22.75
C GLN S 135 -10.09 -30.29 21.75
N VAL S 136 -9.08 -30.47 20.90
CA VAL S 136 -8.81 -29.53 19.84
C VAL S 136 -9.34 -30.12 18.54
N LEU S 137 -9.43 -29.28 17.53
CA LEU S 137 -10.01 -29.65 16.25
C LEU S 137 -9.03 -29.33 15.13
N GLY S 138 -9.00 -30.20 14.12
CA GLY S 138 -8.09 -30.06 13.01
C GLY S 138 -8.34 -28.82 12.19
N LEU S 139 -7.29 -28.31 11.54
CA LEU S 139 -7.41 -27.06 10.82
C LEU S 139 -8.03 -27.29 9.44
N SER S 140 -8.10 -28.56 9.01
CA SER S 140 -8.82 -28.90 7.80
C SER S 140 -10.27 -29.29 8.10
N LYS S 141 -10.58 -29.58 9.35
CA LYS S 141 -11.96 -29.89 9.73
C LYS S 141 -12.76 -28.64 10.02
N LEU S 142 -12.10 -27.57 10.46
CA LEU S 142 -12.77 -26.28 10.61
C LEU S 142 -13.21 -25.74 9.27
N ALA S 143 -12.49 -26.07 8.20
CA ALA S 143 -12.83 -25.56 6.88
C ALA S 143 -13.94 -26.37 6.23
N ARG S 144 -14.10 -27.63 6.63
CA ARG S 144 -15.19 -28.42 6.10
C ARG S 144 -16.49 -28.14 6.85
N ILE S 145 -16.39 -27.69 8.09
CA ILE S 145 -17.54 -27.14 8.80
C ILE S 145 -18.01 -25.87 8.12
N VAL S 146 -17.06 -25.08 7.59
CA VAL S 146 -17.40 -23.91 6.79
C VAL S 146 -18.15 -24.31 5.53
N GLU S 147 -17.61 -25.27 4.77
CA GLU S 147 -18.14 -25.59 3.45
C GLU S 147 -19.49 -26.30 3.54
N ILE S 148 -19.78 -26.93 4.67
CA ILE S 148 -21.07 -27.58 4.83
C ILE S 148 -22.16 -26.54 5.03
N TYR S 149 -21.87 -25.51 5.82
CA TYR S 149 -22.90 -24.52 6.07
C TYR S 149 -22.89 -23.39 5.05
N SER S 150 -21.78 -23.16 4.35
CA SER S 150 -21.77 -22.09 3.37
C SER S 150 -22.38 -22.53 2.05
N ARG S 151 -22.07 -23.74 1.59
CA ARG S 151 -22.60 -24.24 0.32
C ARG S 151 -24.07 -24.67 0.48
N ARG S 152 -24.91 -23.71 0.84
CA ARG S 152 -26.33 -23.89 1.07
C ARG S 152 -27.00 -22.61 0.61
N LEU S 153 -28.31 -22.52 0.83
CA LEU S 153 -29.04 -21.26 0.65
C LEU S 153 -29.10 -20.57 2.00
N GLN S 154 -28.34 -19.49 2.17
CA GLN S 154 -28.08 -18.92 3.48
C GLN S 154 -28.54 -17.48 3.57
N VAL S 155 -28.48 -16.96 4.81
CA VAL S 155 -28.22 -15.55 5.07
C VAL S 155 -26.92 -15.52 5.85
N GLN S 156 -26.23 -14.37 5.82
CA GLN S 156 -24.95 -14.24 6.53
C GLN S 156 -25.14 -14.31 8.04
N GLU S 157 -26.31 -13.91 8.51
CA GLU S 157 -26.57 -13.84 9.95
C GLU S 157 -26.75 -15.22 10.55
N ARG S 158 -27.39 -16.13 9.81
CA ARG S 158 -27.54 -17.51 10.26
C ARG S 158 -26.26 -18.30 10.03
N LEU S 159 -25.52 -17.94 8.98
CA LEU S 159 -24.29 -18.63 8.65
C LEU S 159 -23.20 -18.38 9.69
N THR S 160 -23.20 -17.19 10.29
CA THR S 160 -22.30 -16.92 11.41
C THR S 160 -22.68 -17.77 12.62
N LYS S 161 -23.96 -17.76 12.98
CA LYS S 161 -24.42 -18.44 14.19
C LYS S 161 -24.31 -19.95 14.06
N GLN S 162 -24.49 -20.48 12.85
CA GLN S 162 -24.40 -21.93 12.65
C GLN S 162 -22.98 -22.45 12.79
N ILE S 163 -21.98 -21.67 12.36
CA ILE S 163 -20.60 -22.12 12.45
C ILE S 163 -20.15 -22.15 13.90
N ALA S 164 -20.60 -21.18 14.69
CA ALA S 164 -20.22 -21.12 16.09
C ALA S 164 -20.83 -22.28 16.88
N VAL S 165 -22.04 -22.70 16.51
CA VAL S 165 -22.72 -23.79 17.22
C VAL S 165 -22.08 -25.14 16.86
N ALA S 166 -21.61 -25.28 15.62
CA ALA S 166 -20.97 -26.53 15.20
C ALA S 166 -19.65 -26.76 15.88
N ILE S 167 -18.91 -25.67 16.15
CA ILE S 167 -17.62 -25.77 16.85
C ILE S 167 -17.86 -25.92 18.35
N THR S 168 -18.93 -25.31 18.85
CA THR S 168 -19.27 -25.40 20.26
C THR S 168 -19.64 -26.83 20.64
N GLU S 169 -20.40 -27.50 19.79
CA GLU S 169 -20.83 -28.86 20.12
C GLU S 169 -19.74 -29.88 19.79
N ALA S 170 -18.81 -29.53 18.91
CA ALA S 170 -17.76 -30.48 18.55
C ALA S 170 -16.74 -30.62 19.68
N LEU S 171 -16.43 -29.53 20.36
CA LEU S 171 -15.31 -29.47 21.28
C LEU S 171 -15.70 -29.16 22.72
N ARG S 172 -16.85 -28.52 22.93
CA ARG S 172 -17.17 -27.76 24.14
C ARG S 172 -15.98 -26.91 24.63
N PRO S 173 -15.63 -25.84 23.93
CA PRO S 173 -14.45 -25.07 24.31
C PRO S 173 -14.81 -24.02 25.36
N ALA S 174 -13.79 -23.25 25.75
CA ALA S 174 -14.03 -22.13 26.64
C ALA S 174 -14.80 -21.02 25.96
N GLY S 175 -14.41 -20.64 24.75
CA GLY S 175 -15.09 -19.61 24.02
C GLY S 175 -14.93 -19.80 22.53
N VAL S 176 -15.86 -19.22 21.79
CA VAL S 176 -15.90 -19.28 20.32
C VAL S 176 -16.10 -17.86 19.80
N GLY S 177 -15.31 -17.48 18.81
CA GLY S 177 -15.53 -16.24 18.11
C GLY S 177 -15.61 -16.46 16.62
N VAL S 178 -16.72 -16.07 15.99
CA VAL S 178 -16.94 -16.25 14.56
C VAL S 178 -17.26 -14.90 13.95
N VAL S 179 -16.51 -14.50 12.94
CA VAL S 179 -16.67 -13.23 12.25
C VAL S 179 -16.73 -13.53 10.76
N VAL S 180 -17.85 -13.19 10.13
CA VAL S 180 -18.04 -13.37 8.69
C VAL S 180 -18.24 -11.98 8.07
N GLU S 181 -17.30 -11.58 7.22
CA GLU S 181 -17.47 -10.42 6.35
C GLU S 181 -17.72 -10.95 4.94
N ALA S 182 -18.64 -10.31 4.20
CA ALA S 182 -19.01 -10.78 2.87
C ALA S 182 -19.69 -9.68 2.07
N THR S 183 -19.55 -9.76 0.75
CA THR S 183 -20.16 -8.81 -0.17
C THR S 183 -21.40 -9.44 -0.81
N HIS S 184 -22.54 -8.80 -0.64
CA HIS S 184 -23.81 -9.27 -1.16
C HIS S 184 -24.08 -8.62 -2.51
N MET S 185 -24.13 -9.44 -3.57
CA MET S 185 -24.34 -8.91 -4.91
C MET S 185 -25.80 -8.67 -5.26
N CYS S 186 -26.73 -8.92 -4.34
CA CYS S 186 -28.13 -8.62 -4.56
C CYS S 186 -28.44 -7.15 -4.36
N LYS S 198 -19.37 -4.25 2.18
CA LYS S 198 -19.28 -5.47 2.98
C LYS S 198 -20.08 -5.35 4.26
N THR S 199 -20.57 -6.48 4.75
CA THR S 199 -21.30 -6.54 6.01
C THR S 199 -20.60 -7.53 6.93
N VAL S 200 -20.35 -7.13 8.17
CA VAL S 200 -19.69 -7.96 9.16
C VAL S 200 -20.72 -8.43 10.18
N THR S 201 -20.88 -9.74 10.33
CA THR S 201 -21.63 -10.32 11.43
C THR S 201 -20.67 -11.05 12.35
N SER S 202 -20.99 -11.10 13.64
CA SER S 202 -20.02 -11.54 14.63
C SER S 202 -20.71 -12.12 15.86
N THR S 203 -20.53 -13.43 16.09
CA THR S 203 -20.92 -14.10 17.32
C THR S 203 -19.70 -14.25 18.23
N MET S 204 -19.87 -13.95 19.50
CA MET S 204 -18.84 -14.06 20.53
C MET S 204 -19.43 -14.86 21.69
N LEU S 205 -19.04 -16.12 21.80
CA LEU S 205 -19.64 -17.04 22.74
C LEU S 205 -18.62 -17.41 23.81
N GLY S 206 -19.10 -17.74 24.99
CA GLY S 206 -18.20 -18.25 26.01
C GLY S 206 -17.40 -17.16 26.67
N VAL S 207 -16.09 -17.36 26.75
CA VAL S 207 -15.22 -16.37 27.36
C VAL S 207 -14.67 -15.40 26.34
N PHE S 208 -15.10 -15.47 25.08
CA PHE S 208 -14.82 -14.34 24.20
C PHE S 208 -15.79 -13.20 24.46
N ARG S 209 -16.88 -13.45 25.20
CA ARG S 209 -17.84 -12.40 25.48
C ARG S 209 -17.63 -11.78 26.85
N GLU S 210 -17.17 -12.57 27.82
CA GLU S 210 -17.11 -12.07 29.19
C GLU S 210 -15.78 -11.38 29.48
N ASP S 211 -14.73 -11.74 28.76
CA ASP S 211 -13.41 -11.21 29.04
C ASP S 211 -13.08 -10.12 28.03
N PRO S 212 -12.59 -8.96 28.45
CA PRO S 212 -12.17 -7.97 27.46
C PRO S 212 -10.80 -8.23 26.89
N LYS S 213 -9.93 -8.92 27.62
CA LYS S 213 -8.62 -9.25 27.11
C LYS S 213 -8.71 -10.34 26.05
N THR S 214 -9.74 -11.18 26.12
CA THR S 214 -9.83 -12.33 25.23
C THR S 214 -10.50 -11.95 23.92
N ARG S 215 -11.46 -11.04 23.99
CA ARG S 215 -12.10 -10.56 22.77
C ARG S 215 -11.14 -9.68 21.99
N GLU S 216 -10.30 -8.93 22.68
CA GLU S 216 -9.44 -7.98 22.01
C GLU S 216 -8.19 -8.65 21.48
N GLU S 217 -7.82 -9.80 22.04
CA GLU S 217 -6.74 -10.61 21.48
C GLU S 217 -7.17 -11.23 20.16
N PHE S 218 -8.44 -11.65 20.09
CA PHE S 218 -9.02 -12.18 18.85
C PHE S 218 -9.05 -11.11 17.77
N LEU S 219 -9.48 -9.90 18.11
CA LEU S 219 -9.81 -8.90 17.11
C LEU S 219 -8.58 -8.19 16.55
N THR S 220 -7.43 -8.31 17.21
CA THR S 220 -6.21 -7.74 16.67
C THR S 220 -5.47 -8.73 15.78
N LEU S 221 -5.59 -10.02 16.08
CA LEU S 221 -4.81 -11.01 15.34
C LEU S 221 -5.47 -11.37 14.02
N ILE S 222 -6.80 -11.19 13.91
CA ILE S 222 -7.50 -11.53 12.68
C ILE S 222 -7.25 -10.50 11.59
N ARG S 223 -6.71 -9.35 11.94
CA ARG S 223 -6.40 -8.33 10.95
C ARG S 223 -4.90 -8.17 10.81
N ASN T 41 -43.02 22.31 -10.95
CA ASN T 41 -41.91 23.00 -10.31
C ASN T 41 -40.62 22.85 -11.11
N LEU T 42 -40.64 21.93 -12.08
CA LEU T 42 -39.51 21.82 -13.00
C LEU T 42 -39.33 23.01 -13.94
N PRO T 43 -40.38 23.67 -14.47
CA PRO T 43 -40.13 24.98 -15.10
C PRO T 43 -39.79 26.07 -14.12
N ASN T 44 -40.20 25.95 -12.86
CA ASN T 44 -39.87 26.97 -11.88
C ASN T 44 -38.40 26.90 -11.47
N LEU T 45 -37.81 25.70 -11.47
CA LEU T 45 -36.37 25.58 -11.24
C LEU T 45 -35.59 26.06 -12.46
N ALA T 46 -36.05 25.70 -13.67
CA ALA T 46 -35.28 25.97 -14.87
C ALA T 46 -35.24 27.46 -15.18
N ALA T 47 -36.27 28.21 -14.77
CA ALA T 47 -36.22 29.66 -14.89
C ALA T 47 -35.29 30.26 -13.84
N ALA T 48 -35.10 29.55 -12.72
CA ALA T 48 -34.21 30.06 -11.67
C ALA T 48 -32.75 29.76 -11.99
N TYR T 49 -32.49 28.72 -12.78
CA TYR T 49 -31.10 28.48 -13.21
C TYR T 49 -30.73 29.34 -14.40
N SER T 50 -31.70 29.77 -15.21
CA SER T 50 -31.39 30.65 -16.32
C SER T 50 -31.06 32.05 -15.83
N SER T 51 -31.59 32.43 -14.68
CA SER T 51 -31.25 33.71 -14.07
C SER T 51 -29.91 33.63 -13.35
N ILE T 52 -29.47 32.42 -13.01
CA ILE T 52 -28.12 32.24 -12.46
C ILE T 52 -27.08 32.41 -13.56
N LEU T 53 -27.35 31.85 -14.73
CA LEU T 53 -26.40 31.90 -15.84
C LEU T 53 -26.22 33.32 -16.36
N SER T 54 -27.26 34.14 -16.25
CA SER T 54 -27.16 35.54 -16.68
C SER T 54 -26.44 36.38 -15.63
N SER T 55 -26.59 36.04 -14.35
CA SER T 55 -26.04 36.86 -13.28
C SER T 55 -24.54 36.66 -13.13
N LEU T 56 -24.01 35.56 -13.66
CA LEU T 56 -22.59 35.28 -13.53
C LEU T 56 -21.75 35.94 -14.62
N GLY T 57 -22.34 36.76 -15.48
CA GLY T 57 -21.62 37.34 -16.59
C GLY T 57 -21.44 36.39 -17.75
N GLU T 58 -22.24 35.34 -17.82
CA GLU T 58 -22.13 34.29 -18.80
C GLU T 58 -23.29 34.38 -19.80
N ASN T 59 -23.04 33.93 -21.03
CA ASN T 59 -24.03 34.01 -22.10
C ASN T 59 -24.90 32.76 -22.10
N PRO T 60 -26.18 32.84 -21.71
CA PRO T 60 -26.98 31.60 -21.59
C PRO T 60 -27.42 31.04 -22.92
N GLN T 61 -27.19 31.75 -24.01
CA GLN T 61 -27.53 31.27 -25.35
C GLN T 61 -26.23 31.13 -26.13
N ARG T 62 -25.57 30.00 -25.96
CA ARG T 62 -24.37 29.66 -26.71
C ARG T 62 -24.29 28.15 -26.87
N GLN T 63 -23.25 27.72 -27.57
CA GLN T 63 -22.98 26.29 -27.70
C GLN T 63 -22.50 25.74 -26.36
N GLY T 64 -23.40 25.06 -25.66
CA GLY T 64 -23.06 24.43 -24.40
C GLY T 64 -23.92 24.86 -23.22
N LEU T 65 -24.85 25.80 -23.39
CA LEU T 65 -25.69 26.26 -22.29
C LEU T 65 -27.15 26.35 -22.72
N LEU T 66 -27.58 25.48 -23.62
CA LEU T 66 -28.95 25.48 -24.07
C LEU T 66 -29.86 24.64 -23.18
N LYS T 67 -29.44 23.41 -22.87
CA LYS T 67 -30.17 22.55 -21.96
C LYS T 67 -29.69 22.66 -20.52
N THR T 68 -28.73 23.56 -20.27
CA THR T 68 -28.16 23.74 -18.93
C THR T 68 -29.16 24.17 -17.85
N PRO T 69 -30.12 25.08 -18.09
CA PRO T 69 -31.17 25.27 -17.05
C PRO T 69 -32.05 24.05 -16.82
N TRP T 70 -32.19 23.18 -17.81
CA TRP T 70 -33.07 22.03 -17.68
C TRP T 70 -32.32 20.77 -17.28
N ARG T 71 -31.05 20.63 -17.65
CA ARG T 71 -30.25 19.51 -17.15
C ARG T 71 -29.93 19.70 -15.67
N ALA T 72 -29.73 20.94 -15.24
CA ALA T 72 -29.40 21.19 -13.84
C ALA T 72 -30.63 21.17 -12.95
N ALA T 73 -31.80 21.44 -13.53
CA ALA T 73 -33.03 21.39 -12.74
C ALA T 73 -33.39 19.95 -12.39
N SER T 74 -33.19 19.04 -13.34
CA SER T 74 -33.43 17.63 -13.07
C SER T 74 -32.28 17.01 -12.29
N ALA T 75 -31.21 17.76 -12.06
CA ALA T 75 -30.14 17.29 -11.18
C ALA T 75 -30.47 17.58 -9.73
N MET T 76 -31.05 18.74 -9.46
CA MET T 76 -31.34 19.13 -8.08
C MET T 76 -32.58 18.40 -7.55
N GLN T 77 -33.43 17.92 -8.45
CA GLN T 77 -34.56 17.07 -8.05
C GLN T 77 -34.11 15.65 -7.77
N PHE T 78 -33.05 15.19 -8.45
CA PHE T 78 -32.46 13.91 -8.08
C PHE T 78 -31.68 14.02 -6.78
N PHE T 79 -31.09 15.18 -6.53
CA PHE T 79 -30.16 15.30 -5.41
C PHE T 79 -30.90 15.53 -4.10
N THR T 80 -32.19 15.82 -4.18
CA THR T 80 -33.06 16.05 -3.03
C THR T 80 -34.32 15.19 -3.06
N LYS T 81 -34.24 13.99 -3.62
CA LYS T 81 -35.41 13.15 -3.86
C LYS T 81 -35.82 12.31 -2.66
N GLY T 82 -35.17 12.51 -1.51
CA GLY T 82 -35.53 11.81 -0.30
C GLY T 82 -36.71 12.40 0.44
N TYR T 83 -37.16 13.59 0.06
CA TYR T 83 -38.40 14.13 0.59
C TYR T 83 -39.27 14.64 -0.54
N ASP T 101 -28.46 -13.51 18.44
CA ASP T 101 -27.69 -12.60 19.28
C ASP T 101 -26.30 -12.44 18.71
N GLU T 102 -26.10 -11.34 17.97
CA GLU T 102 -24.85 -11.07 17.28
C GLU T 102 -24.85 -9.63 16.82
N MET T 103 -23.70 -9.18 16.35
CA MET T 103 -23.54 -7.80 15.90
C MET T 103 -23.54 -7.76 14.39
N VAL T 104 -24.32 -6.87 13.81
CA VAL T 104 -24.44 -6.76 12.36
C VAL T 104 -23.92 -5.40 11.93
N ILE T 105 -22.67 -5.35 11.49
CA ILE T 105 -22.04 -4.12 11.00
C ILE T 105 -22.14 -4.09 9.47
N VAL T 106 -22.71 -3.00 8.94
CA VAL T 106 -22.80 -2.80 7.50
C VAL T 106 -21.98 -1.56 7.18
N LYS T 107 -20.86 -1.76 6.49
CA LYS T 107 -19.92 -0.68 6.23
C LYS T 107 -19.88 -0.35 4.75
N ASP T 108 -19.11 0.70 4.44
CA ASP T 108 -18.83 1.17 3.08
C ASP T 108 -20.09 1.65 2.35
N ILE T 109 -21.09 2.08 3.11
CA ILE T 109 -22.34 2.56 2.54
C ILE T 109 -22.10 3.92 1.89
N ASP T 110 -22.17 3.98 0.57
CA ASP T 110 -21.86 5.22 -0.14
C ASP T 110 -22.97 6.24 0.02
N MET T 111 -22.57 7.49 0.25
CA MET T 111 -23.51 8.56 0.56
C MET T 111 -23.17 9.76 -0.34
N PHE T 112 -24.21 10.45 -0.80
CA PHE T 112 -24.07 11.66 -1.61
C PHE T 112 -25.18 12.63 -1.24
N SER T 113 -24.86 13.57 -0.36
CA SER T 113 -25.86 14.49 0.18
C SER T 113 -25.57 15.90 -0.29
N MET T 114 -26.53 16.79 -0.06
CA MET T 114 -26.40 18.20 -0.41
C MET T 114 -26.25 19.02 0.86
N CYS T 115 -25.23 19.87 0.89
CA CYS T 115 -25.08 20.79 2.01
C CYS T 115 -26.22 21.80 1.99
N GLU T 116 -26.80 22.08 3.15
CA GLU T 116 -27.93 22.99 3.16
C GLU T 116 -27.48 24.43 3.35
N HIS T 117 -26.18 24.65 3.53
CA HIS T 117 -25.69 26.00 3.70
C HIS T 117 -25.32 26.61 2.36
N HIS T 118 -24.50 25.91 1.59
CA HIS T 118 -23.98 26.41 0.33
C HIS T 118 -24.55 25.73 -0.89
N LEU T 119 -25.47 24.76 -0.72
CA LEU T 119 -26.18 24.04 -1.79
C LEU T 119 -25.21 23.31 -2.72
N VAL T 120 -24.09 22.87 -2.19
CA VAL T 120 -23.01 22.21 -2.93
C VAL T 120 -22.90 20.83 -2.29
N PRO T 121 -22.69 19.75 -3.06
CA PRO T 121 -22.71 18.41 -2.46
C PRO T 121 -21.62 18.14 -1.44
N PHE T 122 -21.81 17.09 -0.65
CA PHE T 122 -20.73 16.49 0.10
C PHE T 122 -20.86 14.98 0.01
N VAL T 123 -19.72 14.31 0.01
CA VAL T 123 -19.57 12.95 -0.45
C VAL T 123 -18.94 12.12 0.66
N GLY T 124 -19.61 11.05 1.05
CA GLY T 124 -19.04 10.25 2.12
C GLY T 124 -19.50 8.82 2.26
N LYS T 125 -19.19 8.24 3.42
CA LYS T 125 -19.50 6.85 3.74
C LYS T 125 -20.17 6.79 5.11
N VAL T 126 -21.12 5.89 5.24
CA VAL T 126 -21.83 5.66 6.49
C VAL T 126 -21.50 4.26 6.97
N HIS T 127 -21.22 4.12 8.27
CA HIS T 127 -20.95 2.83 8.89
C HIS T 127 -22.00 2.61 9.96
N ILE T 128 -22.74 1.53 9.83
CA ILE T 128 -23.84 1.21 10.73
C ILE T 128 -23.59 -0.16 11.32
N GLY T 129 -23.73 -0.28 12.63
CA GLY T 129 -23.74 -1.57 13.29
C GLY T 129 -24.78 -1.56 14.39
N TYR T 130 -25.33 -2.74 14.65
CA TYR T 130 -26.39 -2.83 15.65
C TYR T 130 -26.41 -4.23 16.27
N LEU T 131 -26.94 -4.29 17.48
CA LEU T 131 -27.18 -5.56 18.17
C LEU T 131 -28.67 -5.81 18.28
N PRO T 132 -29.24 -6.74 17.50
CA PRO T 132 -30.69 -6.97 17.53
C PRO T 132 -31.17 -7.57 18.84
N ASN T 133 -32.46 -7.37 19.12
CA ASN T 133 -33.14 -8.05 20.22
C ASN T 133 -34.07 -9.15 19.71
N LYS T 134 -35.05 -8.80 18.89
CA LYS T 134 -36.00 -9.78 18.38
C LYS T 134 -36.13 -9.63 16.87
N GLN T 135 -35.93 -8.44 16.36
CA GLN T 135 -36.21 -8.11 14.98
C GLN T 135 -34.94 -7.64 14.29
N VAL T 136 -34.59 -8.30 13.20
CA VAL T 136 -33.45 -7.89 12.39
C VAL T 136 -33.98 -7.16 11.17
N LEU T 137 -33.09 -6.46 10.48
CA LEU T 137 -33.45 -5.63 9.35
C LEU T 137 -32.61 -6.02 8.15
N GLY T 138 -33.22 -5.97 6.97
CA GLY T 138 -32.57 -6.35 5.73
C GLY T 138 -31.41 -5.47 5.37
N LEU T 139 -30.44 -6.02 4.64
CA LEU T 139 -29.22 -5.26 4.34
C LEU T 139 -29.45 -4.32 3.17
N SER T 140 -30.58 -4.51 2.45
CA SER T 140 -30.97 -3.56 1.41
C SER T 140 -31.91 -2.49 1.97
N LYS T 141 -32.50 -2.75 3.14
CA LYS T 141 -33.37 -1.76 3.76
C LYS T 141 -32.58 -0.75 4.57
N LEU T 142 -31.42 -1.16 5.11
CA LEU T 142 -30.54 -0.21 5.77
C LEU T 142 -29.98 0.81 4.79
N ALA T 143 -29.86 0.43 3.53
CA ALA T 143 -29.30 1.34 2.52
C ALA T 143 -30.35 2.31 2.00
N ARG T 144 -31.62 1.92 2.07
CA ARG T 144 -32.68 2.82 1.65
C ARG T 144 -33.04 3.79 2.75
N ILE T 145 -32.78 3.43 4.00
CA ILE T 145 -32.84 4.38 5.11
C ILE T 145 -31.74 5.42 4.94
N VAL T 146 -30.58 5.01 4.42
CA VAL T 146 -29.52 5.95 4.09
C VAL T 146 -29.97 6.92 3.01
N GLU T 147 -30.51 6.40 1.91
CA GLU T 147 -30.80 7.22 0.73
C GLU T 147 -31.97 8.16 0.97
N ILE T 148 -32.84 7.84 1.92
CA ILE T 148 -33.95 8.73 2.24
C ILE T 148 -33.44 9.95 3.00
N TYR T 149 -32.51 9.75 3.92
CA TYR T 149 -32.05 10.88 4.70
C TYR T 149 -30.86 11.57 4.06
N SER T 150 -30.12 10.89 3.18
CA SER T 150 -28.98 11.56 2.57
C SER T 150 -29.40 12.41 1.38
N ARG T 151 -30.31 11.92 0.54
CA ARG T 151 -30.76 12.67 -0.63
C ARG T 151 -31.75 13.77 -0.21
N ARG T 152 -31.25 14.70 0.60
CA ARG T 152 -31.97 15.83 1.13
C ARG T 152 -30.99 16.98 1.24
N LEU T 153 -31.45 18.09 1.80
CA LEU T 153 -30.56 19.19 2.17
C LEU T 153 -30.16 18.99 3.63
N GLN T 154 -28.92 18.59 3.87
CA GLN T 154 -28.50 18.10 5.17
C GLN T 154 -27.37 18.92 5.78
N VAL T 155 -27.09 18.61 7.04
CA VAL T 155 -25.75 18.72 7.61
C VAL T 155 -25.34 17.32 7.99
N GLN T 156 -24.04 17.06 8.09
CA GLN T 156 -23.54 15.74 8.46
C GLN T 156 -23.93 15.36 9.89
N GLU T 157 -24.07 16.36 10.75
CA GLU T 157 -24.34 16.12 12.16
C GLU T 157 -25.77 15.65 12.38
N ARG T 158 -26.72 16.19 11.62
CA ARG T 158 -28.10 15.74 11.69
C ARG T 158 -28.29 14.44 10.93
N LEU T 159 -27.53 14.25 9.87
CA LEU T 159 -27.63 13.05 9.05
C LEU T 159 -27.16 11.81 9.79
N THR T 160 -26.16 11.97 10.67
CA THR T 160 -25.76 10.88 11.55
C THR T 160 -26.86 10.53 12.54
N LYS T 161 -27.41 11.55 13.22
CA LYS T 161 -28.39 11.34 14.27
C LYS T 161 -29.71 10.81 13.71
N GLN T 162 -30.06 11.23 12.48
CA GLN T 162 -31.31 10.77 11.88
C GLN T 162 -31.27 9.30 11.51
N ILE T 163 -30.12 8.80 11.05
CA ILE T 163 -30.01 7.40 10.65
C ILE T 163 -30.10 6.49 11.88
N ALA T 164 -29.51 6.93 12.99
CA ALA T 164 -29.54 6.13 14.20
C ALA T 164 -30.95 6.04 14.77
N VAL T 165 -31.73 7.11 14.64
CA VAL T 165 -33.10 7.13 15.17
C VAL T 165 -34.03 6.27 14.31
N ALA T 166 -33.78 6.22 13.00
CA ALA T 166 -34.61 5.43 12.10
C ALA T 166 -34.42 3.94 12.32
N ILE T 167 -33.20 3.53 12.67
CA ILE T 167 -32.92 2.13 12.95
C ILE T 167 -33.37 1.78 14.37
N THR T 168 -33.30 2.75 15.27
CA THR T 168 -33.74 2.53 16.65
C THR T 168 -35.24 2.29 16.71
N GLU T 169 -36.02 3.04 15.93
CA GLU T 169 -37.46 2.89 15.98
C GLU T 169 -37.93 1.72 15.12
N ALA T 170 -37.12 1.30 14.16
CA ALA T 170 -37.52 0.20 13.29
C ALA T 170 -37.44 -1.13 14.02
N LEU T 171 -36.44 -1.31 14.88
CA LEU T 171 -36.10 -2.60 15.45
C LEU T 171 -36.20 -2.65 16.96
N ARG T 172 -36.09 -1.51 17.63
CA ARG T 172 -35.70 -1.40 19.04
C ARG T 172 -34.57 -2.35 19.41
N PRO T 173 -33.34 -2.09 18.97
CA PRO T 173 -32.25 -3.03 19.22
C PRO T 173 -31.60 -2.74 20.57
N ALA T 174 -30.58 -3.54 20.87
CA ALA T 174 -29.79 -3.28 22.08
C ALA T 174 -28.96 -2.02 21.95
N GLY T 175 -28.27 -1.84 20.83
CA GLY T 175 -27.47 -0.66 20.61
C GLY T 175 -27.36 -0.35 19.14
N VAL T 176 -27.05 0.91 18.84
CA VAL T 176 -26.89 1.41 17.48
C VAL T 176 -25.59 2.22 17.44
N GLY T 177 -24.78 1.97 16.42
CA GLY T 177 -23.63 2.80 16.16
C GLY T 177 -23.63 3.31 14.75
N VAL T 178 -23.58 4.63 14.56
CA VAL T 178 -23.61 5.25 13.25
C VAL T 178 -22.41 6.17 13.14
N VAL T 179 -21.60 5.97 12.10
CA VAL T 179 -20.39 6.74 11.86
C VAL T 179 -20.44 7.22 10.41
N VAL T 180 -20.45 8.53 10.21
CA VAL T 180 -20.46 9.13 8.88
C VAL T 180 -19.17 9.95 8.74
N GLU T 181 -18.31 9.54 7.82
CA GLU T 181 -17.19 10.35 7.36
C GLU T 181 -17.53 10.89 5.99
N ALA T 182 -17.18 12.14 5.72
CA ALA T 182 -17.55 12.78 4.46
C ALA T 182 -16.68 14.00 4.19
N THR T 183 -16.49 14.31 2.91
CA THR T 183 -15.71 15.46 2.47
C THR T 183 -16.65 16.58 2.03
N HIS T 184 -16.52 17.74 2.66
CA HIS T 184 -17.36 18.89 2.39
C HIS T 184 -16.64 19.79 1.39
N MET T 185 -17.24 19.95 0.20
CA MET T 185 -16.63 20.76 -0.85
C MET T 185 -16.91 22.25 -0.72
N CYS T 186 -17.64 22.67 0.31
CA CYS T 186 -17.87 24.09 0.54
C CYS T 186 -16.67 24.75 1.21
N LYS T 198 -11.63 15.37 5.68
CA LYS T 198 -12.83 14.64 6.06
C LYS T 198 -13.23 14.95 7.49
N THR T 199 -14.52 14.86 7.77
CA THR T 199 -15.06 15.05 9.11
C THR T 199 -15.85 13.82 9.51
N VAL T 200 -15.58 13.30 10.70
CA VAL T 200 -16.24 12.11 11.22
C VAL T 200 -17.22 12.54 12.31
N THR T 201 -18.50 12.21 12.13
CA THR T 201 -19.49 12.33 13.19
C THR T 201 -19.94 10.93 13.59
N SER T 202 -20.32 10.76 14.86
CA SER T 202 -20.50 9.42 15.41
C SER T 202 -21.49 9.43 16.56
N THR T 203 -22.65 8.80 16.37
CA THR T 203 -23.61 8.50 17.43
C THR T 203 -23.43 7.07 17.90
N MET T 204 -23.42 6.88 19.22
CA MET T 204 -23.30 5.58 19.86
C MET T 204 -24.43 5.46 20.87
N LEU T 205 -25.44 4.69 20.53
CA LEU T 205 -26.66 4.61 21.32
C LEU T 205 -26.78 3.22 21.94
N GLY T 206 -27.45 3.14 23.07
CA GLY T 206 -27.74 1.84 23.62
C GLY T 206 -26.54 1.24 24.33
N VAL T 207 -26.25 -0.02 24.01
CA VAL T 207 -25.12 -0.68 24.62
C VAL T 207 -23.85 -0.52 23.80
N PHE T 208 -23.89 0.28 22.72
CA PHE T 208 -22.61 0.68 22.14
C PHE T 208 -21.98 1.80 22.94
N ARG T 209 -22.73 2.43 23.85
CA ARG T 209 -22.18 3.51 24.64
C ARG T 209 -21.76 3.04 26.02
N GLU T 210 -22.47 2.07 26.59
CA GLU T 210 -22.21 1.69 27.97
C GLU T 210 -21.12 0.63 28.08
N ASP T 211 -20.94 -0.16 27.04
CA ASP T 211 -20.00 -1.27 27.10
C ASP T 211 -18.72 -0.88 26.37
N PRO T 212 -17.54 -1.10 26.95
CA PRO T 212 -16.31 -0.82 26.20
C PRO T 212 -15.94 -1.91 25.23
N LYS T 213 -16.36 -3.14 25.49
CA LYS T 213 -16.08 -4.24 24.59
C LYS T 213 -16.93 -4.15 23.33
N THR T 214 -18.09 -3.52 23.44
CA THR T 214 -19.03 -3.49 22.33
C THR T 214 -18.73 -2.33 21.40
N ARG T 215 -18.29 -1.21 21.95
CA ARG T 215 -17.90 -0.08 21.13
C ARG T 215 -16.60 -0.38 20.39
N GLU T 216 -15.72 -1.14 21.02
CA GLU T 216 -14.42 -1.38 20.43
C GLU T 216 -14.47 -2.52 19.42
N GLU T 217 -15.46 -3.39 19.55
CA GLU T 217 -15.70 -4.41 18.52
C GLU T 217 -16.22 -3.77 17.24
N PHE T 218 -17.07 -2.74 17.39
CA PHE T 218 -17.57 -1.98 16.25
C PHE T 218 -16.44 -1.24 15.54
N LEU T 219 -15.55 -0.60 16.31
CA LEU T 219 -14.61 0.35 15.74
C LEU T 219 -13.41 -0.35 15.09
N THR T 220 -13.18 -1.63 15.38
CA THR T 220 -12.10 -2.35 14.71
C THR T 220 -12.59 -3.01 13.42
N LEU T 221 -13.86 -3.39 13.37
CA LEU T 221 -14.34 -4.14 12.22
C LEU T 221 -14.71 -3.21 11.07
N ILE T 222 -15.03 -1.95 11.37
CA ILE T 222 -15.42 -1.01 10.31
C ILE T 222 -14.22 -0.55 9.52
N ARG T 223 -13.01 -0.78 10.02
CA ARG T 223 -11.81 -0.41 9.29
C ARG T 223 -11.06 -1.63 8.81
ZN ZN U . -22.23 17.39 -15.51
N1 HBI V . 15.27 16.46 -22.25
N2 HBI V . 14.72 15.08 -20.49
C2 HBI V . 14.64 15.40 -21.78
N3 HBI V . 13.90 14.58 -22.57
C4 HBI V . 13.71 14.75 -23.92
O4 HBI V . 12.99 13.98 -24.55
C4A HBI V . 14.37 15.87 -24.46
C8A HBI V . 15.16 16.72 -23.57
N8 HBI V . 15.84 17.76 -24.10
C7 HBI V . 15.81 18.01 -25.53
C6 HBI V . 14.82 17.15 -26.26
N5 HBI V . 14.20 16.15 -25.77
C9 HBI V . 14.50 17.60 -27.66
O9 HBI V . 15.61 18.30 -28.19
C10 HBI V . 14.22 16.38 -28.56
O10 HBI V . 12.86 16.00 -28.43
C11 HBI V . 14.54 16.67 -30.01
ZN ZN W . 13.54 -28.35 -5.42
N1 HBI X . -5.29 -6.92 -30.68
N2 HBI X . -5.25 -5.92 -28.62
C2 HBI X . -4.60 -6.36 -29.69
N3 HBI X . -3.26 -6.20 -29.70
C4 HBI X . -2.44 -6.60 -30.72
O4 HBI X . -1.22 -6.45 -30.64
C4A HBI X . -3.11 -7.19 -31.81
C8A HBI X . -4.55 -7.33 -31.75
N8 HBI X . -5.19 -7.84 -32.82
C7 HBI X . -4.47 -8.22 -34.02
C6 HBI X . -2.98 -8.18 -33.84
N5 HBI X . -2.37 -7.67 -32.85
C9 HBI X . -2.19 -8.88 -34.91
O9 HBI X . -2.93 -8.88 -36.10
C10 HBI X . -0.86 -8.15 -35.15
O10 HBI X . 0.11 -8.61 -34.20
C11 HBI X . -0.35 -8.37 -36.55
ZN ZN Y . 31.85 2.07 2.26
N1 HBI Z . 11.76 -15.31 -25.07
N2 HBI Z . 10.37 -14.38 -23.49
C2 HBI Z . 11.28 -14.24 -24.45
N3 HBI Z . 11.67 -12.97 -24.76
C4 HBI Z . 12.60 -12.65 -25.71
O4 HBI Z . 12.91 -11.47 -25.89
C4A HBI Z . 13.13 -13.75 -26.40
C8A HBI Z . 12.67 -15.09 -26.05
N8 HBI Z . 13.15 -16.13 -26.75
C7 HBI Z . 14.05 -15.94 -27.86
C6 HBI Z . 14.55 -14.53 -27.97
N5 HBI Z . 14.10 -13.52 -27.33
C9 HBI Z . 15.75 -14.33 -28.86
O9 HBI Z . 15.76 -15.34 -29.85
C10 HBI Z . 15.69 -12.97 -29.56
O10 HBI Z . 16.23 -11.96 -28.70
C11 HBI Z . 16.41 -12.97 -30.88
ZN ZN AA . -19.83 -19.01 -16.39
N1 HBI BA . -3.17 12.84 -29.04
N2 HBI BA . -2.58 12.41 -26.85
C2 HBI BA . -2.56 12.07 -28.14
N3 HBI BA . -1.91 10.93 -28.45
C4 HBI BA . -1.80 10.42 -29.73
O4 HBI BA . -1.23 9.35 -29.93
C4A HBI BA . -2.42 11.21 -30.72
C8A HBI BA . -3.10 12.43 -30.33
N8 HBI BA . -3.63 13.21 -31.29
C7 HBI BA . -3.51 12.85 -32.69
C6 HBI BA . -2.93 11.48 -32.90
N5 HBI BA . -2.40 10.75 -32.01
C9 HBI BA . -3.10 10.93 -34.29
O9 HBI BA . -3.18 12.00 -35.21
C10 HBI BA . -1.90 10.05 -34.65
O10 HBI BA . -2.10 8.72 -34.16
C11 HBI BA . -1.67 10.01 -36.15
ZN ZN CA . 9.88 30.44 -3.82
N1 HBI DA . 24.41 -0.89 -19.92
N2 HBI DA . 22.64 -1.43 -18.55
C2 HBI DA . 23.11 -0.82 -19.64
N3 HBI DA . 22.22 -0.15 -20.40
C4 HBI DA . 22.52 0.53 -21.56
O4 HBI DA . 21.66 1.14 -22.17
C4A HBI DA . 23.90 0.47 -21.90
C8A HBI DA . 24.81 -0.27 -21.06
N8 HBI DA . 26.10 -0.38 -21.43
C7 HBI DA . 26.57 0.21 -22.68
C6 HBI DA . 25.53 1.06 -23.34
N5 HBI DA . 24.30 1.16 -23.01
C9 HBI DA . 26.04 1.97 -24.43
O9 HBI DA . 27.20 1.38 -25.00
C10 HBI DA . 24.99 2.14 -25.52
O10 HBI DA . 24.10 3.20 -25.16
C11 HBI DA . 25.61 2.44 -26.87
ZN ZN EA . 12.98 25.66 14.60
N1 HBI FA . -20.88 9.62 21.58
N2 HBI FA . -19.77 8.50 19.90
C2 HBI FA . -19.85 8.88 21.18
N3 HBI FA . -18.86 8.48 22.00
C4 HBI FA . -18.78 8.79 23.34
O4 HBI FA . -17.81 8.41 24.01
C4A HBI FA . -19.85 9.56 23.81
C8A HBI FA . -20.91 9.95 22.89
N8 HBI FA . -21.96 10.64 23.37
C7 HBI FA . -22.07 10.95 24.79
C6 HBI FA . -20.83 10.63 25.56
N5 HBI FA . -19.83 9.96 25.12
C9 HBI FA . -20.74 11.23 26.93
O9 HBI FA . -22.04 11.45 27.42
C10 HBI FA . -20.00 10.30 27.88
O10 HBI FA . -18.59 10.51 27.77
C11 HBI FA . -20.42 10.50 29.32
ZN ZN GA . 25.83 -8.55 17.22
N1 HBI HA . -2.76 14.17 28.08
N2 HBI HA . -3.08 13.44 25.92
C2 HBI HA . -2.98 13.18 27.22
N3 HBI HA . -3.10 11.89 27.62
C4 HBI HA . -3.02 11.45 28.91
O4 HBI HA . -3.12 10.25 29.16
C4A HBI HA . -2.80 12.48 29.85
C8A HBI HA . -2.69 13.84 29.40
N8 HBI HA . -2.54 14.83 30.30
C7 HBI HA . -2.55 14.53 31.72
C6 HBI HA . -2.50 13.05 32.02
N5 HBI HA . -2.66 12.12 31.16
C9 HBI HA . -2.16 12.68 33.43
O9 HBI HA . -2.54 13.74 34.28
C10 HBI HA . -2.88 11.41 33.85
O10 HBI HA . -2.14 10.27 33.43
C11 HBI HA . -3.11 11.36 35.34
ZN ZN IA . -0.81 -31.36 6.88
N1 HBI JA . 7.17 -2.64 30.62
N2 HBI JA . 6.74 -1.86 28.51
C2 HBI JA . 6.33 -2.47 29.62
N3 HBI JA . 5.03 -2.89 29.65
C4 HBI JA . 4.45 -3.54 30.71
O4 HBI JA . 3.29 -3.92 30.63
C4A HBI JA . 5.31 -3.74 31.80
C8A HBI JA . 6.68 -3.26 31.73
N8 HBI JA . 7.47 -3.39 32.80
C7 HBI JA . 6.97 -3.97 34.04
C6 HBI JA . 5.60 -4.57 33.89
N5 HBI JA . 4.83 -4.42 32.88
C9 HBI JA . 5.16 -5.47 35.00
O9 HBI JA . 5.84 -5.09 36.19
C10 HBI JA . 3.66 -5.36 35.23
O10 HBI JA . 2.98 -6.23 34.34
C11 HBI JA . 3.27 -5.69 36.66
ZN ZN KA . -29.87 -11.43 -1.97
N1 HBI LA . -4.68 -17.69 25.94
N2 HBI LA . -3.79 -16.33 24.31
C2 HBI LA . -4.69 -16.54 25.27
N3 HBI LA . -5.56 -15.54 25.52
C4 HBI LA . -6.56 -15.59 26.47
O4 HBI LA . -7.33 -14.65 26.60
C4A HBI LA . -6.59 -16.79 27.20
C8A HBI LA . -5.62 -17.82 26.91
N8 HBI LA . -5.62 -18.94 27.66
C7 HBI LA . -6.54 -19.09 28.78
C6 HBI LA . -7.57 -18.01 28.83
N5 HBI LA . -7.58 -16.93 28.14
C9 HBI LA . -8.75 -18.28 29.72
O9 HBI LA . -8.36 -19.17 30.74
C10 HBI LA . -9.27 -17.00 30.35
O10 HBI LA . -10.18 -16.36 29.45
C11 HBI LA . -9.95 -17.25 31.68
ZN ZN MA . -21.49 23.87 2.64
N1 HBI NA . -22.07 -9.96 20.17
N2 HBI NA . -20.24 -9.77 18.81
C2 HBI NA . -20.92 -9.37 19.88
N3 HBI NA . -20.39 -8.36 20.61
C4 HBI NA . -20.96 -7.82 21.73
O4 HBI NA . -20.41 -6.88 22.31
C4A HBI NA . -22.18 -8.42 22.10
C8A HBI NA . -22.71 -9.51 21.29
N8 HBI NA . -23.84 -10.11 21.69
C7 HBI NA . -24.52 -9.71 22.91
C6 HBI NA . -23.93 -8.47 23.52
N5 HBI NA . -22.84 -7.91 23.18
C9 HBI NA . -24.78 -7.83 24.58
O9 HBI NA . -25.59 -8.80 25.18
C10 HBI NA . -23.89 -7.18 25.65
O10 HBI NA . -23.51 -5.86 25.24
C11 HBI NA . -24.59 -7.11 26.99
#